data_2D33
#
_entry.id   2D33
#
_cell.length_a   325.226
_cell.length_b   325.226
_cell.length_c   105.181
_cell.angle_alpha   90.00
_cell.angle_beta   90.00
_cell.angle_gamma   120.00
#
_symmetry.space_group_name_H-M   'H 3'
#
loop_
_entity.id
_entity.type
_entity.pdbx_description
1 polymer 'Glutamate--cysteine ligase'
2 non-polymer 'MAGNESIUM ION'
3 non-polymer 'GLUTAMIC ACID'
4 non-polymer CYSTEINE
5 non-polymer "ADENOSINE-5'-DIPHOSPHATE"
6 non-polymer 'ALUMINUM FLUORIDE'
7 water water
#
_entity_poly.entity_id   1
_entity_poly.type   'polypeptide(L)'
_entity_poly.pdbx_seq_one_letter_code
;MIPDVSQALAWLEKHPQALKGIQRGLERETLRVNADGTLATTGHPEALGSALTHKWITTDFAEALLEFITPVDGDIEHML
TFMRDLHRYTARNMGDERMWPLSMPSYIAEGQDIELAQYGTSNTGRFKTLYREGLKNRYGALMQTISGVHYNFSLPMAFW
QAKSGDISGADAKEKISAGYFRVIRNYYRFGWVIPYLFGASPAISSSFLQGKPTSLPFEKTESGMYYLPYATSLRLSDLG
YTNKSQSNLGITFNDLYEYVAGLKQAIKTPSEEYAKIGIEKDGKRLQINSNVLQIENELYAPIRPKRVTRSGESPSDALL
RGGIEYIEVRSLDINPFSPIGVDEQQVRFLDLFMVWCALADAPEMSSSELACTRVNWNRVILEGRKPGLTLGIGCETAQF
PLPQVGKDLFRDLKRVAQTLDSINGGEAYQKVCDELVACFDNPDLTFSARILRSMIDTGIGGTGKAFAEAYRNLLREEPL
EILREEDFVAEREASERRQQEMEAADTEPFAVWLEKHA
;
_entity_poly.pdbx_strand_id   A,B,C,D
#
# COMPACT_ATOMS: atom_id res chain seq x y z
N MET A 1 -29.54 16.61 17.95
CA MET A 1 -28.66 15.84 17.08
C MET A 1 -28.94 16.08 15.61
N ILE A 2 -30.21 16.32 15.26
CA ILE A 2 -30.51 16.74 13.90
C ILE A 2 -29.97 18.15 13.69
N PRO A 3 -29.21 18.36 12.63
CA PRO A 3 -28.74 19.72 12.47
C PRO A 3 -29.88 20.67 12.14
N ASP A 4 -29.53 21.94 11.98
CA ASP A 4 -30.47 23.00 11.73
C ASP A 4 -30.50 23.37 10.24
N VAL A 5 -31.67 23.26 9.62
CA VAL A 5 -31.76 23.40 8.18
C VAL A 5 -32.80 24.46 7.82
N SER A 6 -33.16 25.33 8.77
CA SER A 6 -34.14 26.42 8.50
C SER A 6 -33.83 27.28 7.28
N GLN A 7 -32.56 27.62 7.07
CA GLN A 7 -32.19 28.42 5.90
C GLN A 7 -32.51 27.67 4.62
N ALA A 8 -32.09 26.42 4.54
CA ALA A 8 -32.33 25.70 3.31
C ALA A 8 -33.83 25.38 3.14
N LEU A 9 -34.55 25.13 4.23
CA LEU A 9 -35.98 24.85 4.12
C LEU A 9 -36.74 26.05 3.61
N ALA A 10 -36.48 27.19 4.25
CA ALA A 10 -37.03 28.49 3.81
C ALA A 10 -36.74 28.75 2.34
N TRP A 11 -35.51 28.48 1.93
CA TRP A 11 -35.13 28.60 0.54
C TRP A 11 -36.01 27.71 -0.33
N LEU A 12 -36.17 26.46 0.08
CA LEU A 12 -36.96 25.53 -0.68
C LEU A 12 -38.43 25.95 -0.67
N GLU A 13 -38.94 26.41 0.46
CA GLU A 13 -40.35 26.84 0.50
C GLU A 13 -40.62 27.99 -0.47
N LYS A 14 -39.63 28.84 -0.73
CA LYS A 14 -39.79 29.95 -1.67
C LYS A 14 -39.51 29.55 -3.14
N HIS A 15 -39.03 28.33 -3.37
CA HIS A 15 -38.78 27.84 -4.73
C HIS A 15 -39.36 26.44 -5.00
N PRO A 16 -40.67 26.27 -4.86
CA PRO A 16 -41.16 24.89 -4.93
C PRO A 16 -40.87 24.19 -6.25
N GLN A 17 -40.79 24.96 -7.33
CA GLN A 17 -40.61 24.37 -8.68
C GLN A 17 -39.22 23.81 -8.91
N ALA A 18 -38.31 24.10 -7.99
CA ALA A 18 -37.02 23.44 -7.95
C ALA A 18 -37.08 21.90 -7.72
N LEU A 19 -38.20 21.36 -7.24
CA LEU A 19 -38.29 19.92 -7.05
C LEU A 19 -39.06 19.22 -8.14
N LYS A 20 -39.69 19.97 -9.04
CA LYS A 20 -40.49 19.38 -10.10
C LYS A 20 -39.58 18.53 -10.99
N GLY A 21 -39.94 17.26 -11.18
CA GLY A 21 -39.19 16.44 -12.13
C GLY A 21 -38.19 15.44 -11.52
N ILE A 22 -38.29 15.15 -10.22
CA ILE A 22 -37.54 14.05 -9.64
C ILE A 22 -37.65 12.80 -10.52
N GLN A 23 -36.54 12.09 -10.75
CA GLN A 23 -36.52 10.83 -11.51
C GLN A 23 -36.13 9.66 -10.59
N ARG A 24 -36.80 8.53 -10.73
CA ARG A 24 -36.57 7.39 -9.87
C ARG A 24 -36.52 6.12 -10.68
N GLY A 25 -35.91 5.07 -10.12
CA GLY A 25 -35.99 3.76 -10.69
C GLY A 25 -35.83 2.77 -9.56
N LEU A 26 -36.48 1.60 -9.67
CA LEU A 26 -36.38 0.54 -8.64
C LEU A 26 -35.77 -0.71 -9.17
N GLU A 27 -34.96 -1.38 -8.35
CA GLU A 27 -34.51 -2.73 -8.65
C GLU A 27 -34.96 -3.56 -7.48
N ARG A 28 -35.53 -4.72 -7.73
CA ARG A 28 -35.98 -5.60 -6.64
C ARG A 28 -35.55 -7.03 -6.90
N GLU A 29 -34.95 -7.68 -5.92
CA GLU A 29 -34.50 -9.07 -6.13
C GLU A 29 -35.36 -10.06 -5.36
N THR A 30 -35.45 -11.28 -5.85
CA THR A 30 -36.26 -12.28 -5.15
C THR A 30 -35.91 -13.65 -5.69
N LEU A 31 -35.73 -14.61 -4.79
CA LEU A 31 -35.41 -15.97 -5.19
C LEU A 31 -36.61 -16.69 -5.80
N ARG A 32 -36.43 -17.44 -6.89
CA ARG A 32 -37.47 -18.38 -7.29
C ARG A 32 -37.38 -19.60 -6.37
N VAL A 33 -38.51 -20.01 -5.80
CA VAL A 33 -38.50 -21.12 -4.88
C VAL A 33 -39.65 -22.06 -5.22
N ASN A 34 -39.54 -23.29 -4.76
CA ASN A 34 -40.69 -24.18 -4.76
C ASN A 34 -41.61 -23.90 -3.58
N ALA A 35 -42.80 -24.54 -3.55
CA ALA A 35 -43.76 -24.31 -2.51
C ALA A 35 -43.10 -24.57 -1.14
N ASP A 36 -42.03 -25.36 -1.09
CA ASP A 36 -41.49 -25.71 0.19
C ASP A 36 -40.44 -24.69 0.67
N GLY A 37 -40.23 -23.68 -0.13
CA GLY A 37 -39.33 -22.66 0.25
C GLY A 37 -37.90 -22.84 -0.20
N THR A 38 -37.57 -23.94 -0.88
CA THR A 38 -36.19 -24.19 -1.29
C THR A 38 -35.99 -23.57 -2.65
N LEU A 39 -34.76 -23.20 -2.98
CA LEU A 39 -34.47 -22.51 -4.27
C LEU A 39 -34.85 -23.40 -5.43
N ALA A 40 -35.53 -22.87 -6.44
CA ALA A 40 -35.77 -23.67 -7.61
C ALA A 40 -34.40 -24.06 -8.21
N THR A 41 -34.32 -25.24 -8.82
CA THR A 41 -33.08 -25.58 -9.52
C THR A 41 -33.30 -25.64 -11.04
N THR A 42 -34.47 -25.22 -11.50
CA THR A 42 -34.71 -25.03 -12.93
C THR A 42 -33.92 -23.81 -13.47
N GLY A 43 -33.84 -23.63 -14.80
CA GLY A 43 -33.15 -22.46 -15.33
C GLY A 43 -34.03 -21.22 -15.33
N HIS A 44 -33.44 -20.06 -15.60
CA HIS A 44 -34.22 -18.87 -15.81
C HIS A 44 -35.42 -19.21 -16.70
N PRO A 45 -36.63 -18.89 -16.27
CA PRO A 45 -37.79 -19.32 -17.08
C PRO A 45 -37.79 -18.87 -18.54
N GLU A 46 -38.12 -19.79 -19.44
CA GLU A 46 -38.16 -19.56 -20.91
C GLU A 46 -38.86 -18.24 -21.29
N ALA A 47 -40.03 -17.98 -20.70
CA ALA A 47 -40.79 -16.81 -21.08
C ALA A 47 -40.05 -15.48 -20.80
N LEU A 48 -38.98 -15.52 -19.98
CA LEU A 48 -38.27 -14.29 -19.68
C LEU A 48 -37.11 -14.05 -20.64
N GLY A 49 -36.84 -15.04 -21.50
CA GLY A 49 -35.81 -14.86 -22.51
C GLY A 49 -34.41 -14.78 -21.89
N SER A 50 -33.57 -13.86 -22.37
CA SER A 50 -32.17 -13.85 -21.98
C SER A 50 -31.90 -12.92 -20.80
N ALA A 51 -31.48 -13.51 -19.69
CA ALA A 51 -31.21 -12.69 -18.50
C ALA A 51 -30.08 -11.70 -18.83
N LEU A 52 -29.20 -12.11 -19.73
CA LEU A 52 -28.08 -11.29 -20.12
C LEU A 52 -28.52 -9.99 -20.76
N THR A 53 -29.56 -10.02 -21.59
CA THR A 53 -29.75 -8.83 -22.41
C THR A 53 -31.08 -8.19 -22.20
N HIS A 54 -31.99 -8.83 -21.46
CA HIS A 54 -33.36 -8.36 -21.29
C HIS A 54 -33.39 -6.94 -20.68
N LYS A 55 -34.38 -6.17 -21.10
CA LYS A 55 -34.55 -4.81 -20.61
C LYS A 55 -35.06 -4.70 -19.19
N TRP A 56 -35.89 -5.63 -18.70
CA TRP A 56 -36.57 -5.39 -17.42
C TRP A 56 -36.33 -6.44 -16.33
N ILE A 57 -36.01 -7.67 -16.79
CA ILE A 57 -35.93 -8.83 -15.96
C ILE A 57 -34.61 -9.52 -16.17
N THR A 58 -33.83 -9.67 -15.10
CA THR A 58 -32.55 -10.26 -15.26
C THR A 58 -32.28 -11.15 -14.06
N THR A 59 -31.04 -11.59 -13.87
CA THR A 59 -30.72 -12.38 -12.67
C THR A 59 -29.66 -11.66 -11.90
N ASP A 60 -29.52 -11.91 -10.61
CA ASP A 60 -28.46 -11.25 -9.88
C ASP A 60 -27.33 -12.30 -9.73
N PHE A 61 -26.97 -12.69 -8.51
CA PHE A 61 -25.87 -13.64 -8.35
C PHE A 61 -26.20 -15.07 -8.77
N ALA A 62 -27.38 -15.56 -8.37
CA ALA A 62 -27.69 -16.97 -8.58
C ALA A 62 -28.63 -17.12 -9.75
N GLU A 63 -28.63 -18.28 -10.40
CA GLU A 63 -29.60 -18.58 -11.45
C GLU A 63 -31.03 -18.44 -10.95
N ALA A 64 -31.27 -18.75 -9.68
CA ALA A 64 -32.62 -18.64 -9.13
C ALA A 64 -32.91 -17.23 -8.62
N LEU A 65 -31.93 -16.33 -8.66
CA LEU A 65 -32.19 -15.01 -8.09
C LEU A 65 -32.61 -13.95 -9.14
N LEU A 66 -33.92 -13.78 -9.31
CA LEU A 66 -34.49 -12.79 -10.23
C LEU A 66 -34.24 -11.38 -9.77
N GLU A 67 -34.13 -10.49 -10.74
CA GLU A 67 -34.07 -9.08 -10.46
C GLU A 67 -34.97 -8.36 -11.48
N PHE A 68 -35.89 -7.55 -10.96
CA PHE A 68 -36.77 -6.72 -11.77
C PHE A 68 -36.26 -5.29 -11.76
N ILE A 69 -36.21 -4.62 -12.91
CA ILE A 69 -35.62 -3.28 -12.99
C ILE A 69 -36.57 -2.37 -13.69
N THR A 70 -37.05 -1.30 -13.03
CA THR A 70 -37.91 -0.36 -13.77
C THR A 70 -37.10 0.67 -14.53
N PRO A 71 -37.56 1.03 -15.73
CA PRO A 71 -36.90 2.11 -16.47
C PRO A 71 -37.12 3.45 -15.77
N VAL A 72 -36.14 4.35 -15.83
CA VAL A 72 -36.18 5.61 -15.11
C VAL A 72 -37.47 6.36 -15.42
N ASP A 73 -38.07 6.93 -14.40
CA ASP A 73 -39.47 7.36 -14.50
C ASP A 73 -39.73 8.50 -13.52
N GLY A 74 -40.57 9.45 -13.91
CA GLY A 74 -40.87 10.56 -13.01
C GLY A 74 -42.16 10.39 -12.21
N ASP A 75 -42.91 9.31 -12.45
CA ASP A 75 -44.20 9.11 -11.79
C ASP A 75 -44.20 7.84 -10.88
N ILE A 76 -44.38 8.03 -9.57
CA ILE A 76 -44.31 6.95 -8.58
C ILE A 76 -45.30 5.78 -8.85
N GLU A 77 -46.56 6.13 -9.09
CA GLU A 77 -47.55 5.14 -9.37
C GLU A 77 -47.24 4.43 -10.72
N HIS A 78 -46.86 5.18 -11.72
CA HIS A 78 -46.48 4.54 -12.95
C HIS A 78 -45.35 3.53 -12.73
N MET A 79 -44.34 3.92 -11.97
CA MET A 79 -43.21 3.04 -11.75
C MET A 79 -43.57 1.77 -10.92
N LEU A 80 -44.33 1.95 -9.84
CA LEU A 80 -44.82 0.79 -9.10
C LEU A 80 -45.76 -0.11 -9.93
N THR A 81 -46.58 0.48 -10.79
CA THR A 81 -47.43 -0.35 -11.64
C THR A 81 -46.58 -1.18 -12.62
N PHE A 82 -45.57 -0.52 -13.20
CA PHE A 82 -44.67 -1.19 -14.10
C PHE A 82 -44.02 -2.36 -13.38
N MET A 83 -43.49 -2.09 -12.19
CA MET A 83 -42.86 -3.13 -11.40
C MET A 83 -43.84 -4.27 -11.18
N ARG A 84 -45.07 -3.95 -10.87
CA ARG A 84 -46.04 -4.99 -10.60
C ARG A 84 -46.33 -5.83 -11.86
N ASP A 85 -46.43 -5.18 -13.03
CA ASP A 85 -46.55 -5.96 -14.27
C ASP A 85 -45.37 -6.97 -14.45
N LEU A 86 -44.13 -6.58 -14.15
CA LEU A 86 -43.07 -7.55 -14.32
C LEU A 86 -43.37 -8.75 -13.45
N HIS A 87 -43.83 -8.48 -12.21
CA HIS A 87 -44.09 -9.53 -11.25
C HIS A 87 -45.25 -10.37 -11.73
N ARG A 88 -46.31 -9.73 -12.24
CA ARG A 88 -47.51 -10.48 -12.67
C ARG A 88 -47.21 -11.43 -13.78
N TYR A 89 -46.47 -10.94 -14.75
CA TYR A 89 -46.15 -11.77 -15.89
C TYR A 89 -45.21 -12.92 -15.46
N THR A 90 -44.27 -12.61 -14.58
CA THR A 90 -43.37 -13.64 -14.13
C THR A 90 -44.10 -14.69 -13.31
N ALA A 91 -45.02 -14.24 -12.46
CA ALA A 91 -45.68 -15.14 -11.55
C ALA A 91 -46.48 -16.19 -12.32
N ARG A 92 -46.95 -15.85 -13.52
CA ARG A 92 -47.73 -16.84 -14.23
C ARG A 92 -46.89 -17.55 -15.31
N ASN A 93 -45.58 -17.37 -15.28
CA ASN A 93 -44.78 -18.04 -16.29
C ASN A 93 -43.55 -18.70 -15.70
N MET A 94 -43.67 -19.25 -14.50
CA MET A 94 -42.56 -19.91 -13.80
C MET A 94 -43.00 -21.24 -13.25
N GLY A 95 -43.95 -21.86 -13.95
CA GLY A 95 -44.41 -23.16 -13.55
C GLY A 95 -44.96 -23.08 -12.13
N ASP A 96 -44.65 -24.10 -11.34
CA ASP A 96 -45.12 -24.10 -9.98
C ASP A 96 -44.25 -23.31 -8.99
N GLU A 97 -43.28 -22.56 -9.48
CA GLU A 97 -42.44 -21.82 -8.58
C GLU A 97 -43.09 -20.53 -8.15
N ARG A 98 -42.57 -19.92 -7.11
CA ARG A 98 -43.09 -18.67 -6.66
C ARG A 98 -41.89 -17.84 -6.16
N MET A 99 -42.14 -16.64 -5.64
CA MET A 99 -41.09 -15.71 -5.34
C MET A 99 -40.93 -15.55 -3.84
N TRP A 100 -39.73 -15.72 -3.31
CA TRP A 100 -39.54 -15.60 -1.86
C TRP A 100 -39.77 -14.15 -1.47
N PRO A 101 -40.61 -13.89 -0.46
CA PRO A 101 -40.96 -12.50 -0.13
C PRO A 101 -40.19 -11.82 0.99
N LEU A 102 -39.11 -12.41 1.50
CA LEU A 102 -38.30 -11.77 2.56
C LEU A 102 -36.88 -11.57 2.07
N SER A 103 -36.10 -10.75 2.77
CA SER A 103 -34.69 -10.64 2.47
C SER A 103 -33.98 -11.92 2.86
N MET A 104 -34.28 -12.48 4.02
CA MET A 104 -33.59 -13.69 4.42
C MET A 104 -34.25 -14.95 3.93
N PRO A 105 -33.51 -15.78 3.23
CA PRO A 105 -34.02 -17.12 2.82
C PRO A 105 -34.26 -18.03 4.01
N SER A 106 -35.00 -19.11 3.81
CA SER A 106 -35.05 -20.13 4.85
C SER A 106 -33.77 -20.99 4.83
N TYR A 107 -33.67 -21.89 5.79
CA TYR A 107 -32.51 -22.74 5.96
C TYR A 107 -32.05 -23.23 4.62
N ILE A 108 -30.76 -23.08 4.34
CA ILE A 108 -30.14 -23.75 3.18
C ILE A 108 -28.99 -24.64 3.66
N ALA A 109 -28.98 -25.90 3.28
CA ALA A 109 -27.98 -26.84 3.78
C ALA A 109 -26.65 -26.76 3.08
N GLU A 110 -26.64 -26.48 1.77
CA GLU A 110 -25.39 -26.47 1.02
C GLU A 110 -25.26 -25.24 0.16
N GLY A 111 -24.62 -24.18 0.66
CA GLY A 111 -24.35 -23.03 -0.16
C GLY A 111 -23.66 -23.40 -1.47
N GLN A 112 -22.73 -24.34 -1.40
CA GLN A 112 -21.91 -24.72 -2.56
C GLN A 112 -22.74 -25.33 -3.70
N ASP A 113 -23.98 -25.71 -3.43
CA ASP A 113 -24.81 -26.34 -4.46
C ASP A 113 -25.57 -25.36 -5.32
N ILE A 114 -25.58 -24.09 -4.93
CA ILE A 114 -26.42 -23.11 -5.57
C ILE A 114 -25.92 -22.81 -6.96
N GLU A 115 -26.73 -23.01 -8.00
CA GLU A 115 -26.30 -22.61 -9.32
C GLU A 115 -26.12 -21.09 -9.48
N LEU A 116 -24.97 -20.72 -10.01
CA LEU A 116 -24.68 -19.32 -10.40
C LEU A 116 -25.51 -18.87 -11.62
N ALA A 117 -25.80 -17.58 -11.71
CA ALA A 117 -26.51 -17.11 -12.89
C ALA A 117 -25.71 -17.53 -14.15
N GLN A 118 -26.42 -18.10 -15.11
CA GLN A 118 -25.88 -18.64 -16.36
C GLN A 118 -26.23 -17.66 -17.48
N TYR A 119 -25.25 -17.25 -18.29
CA TYR A 119 -25.51 -16.24 -19.30
C TYR A 119 -25.08 -16.67 -20.71
N GLY A 120 -25.04 -17.96 -20.98
CA GLY A 120 -24.66 -18.45 -22.29
C GLY A 120 -23.15 -18.43 -22.49
N THR A 121 -22.74 -18.60 -23.75
CA THR A 121 -21.36 -18.94 -24.07
C THR A 121 -20.55 -17.80 -24.64
N SER A 122 -21.16 -16.64 -24.83
CA SER A 122 -20.44 -15.48 -25.32
C SER A 122 -19.44 -15.05 -24.28
N ASN A 123 -18.41 -14.31 -24.68
CA ASN A 123 -17.40 -13.87 -23.73
C ASN A 123 -17.96 -12.98 -22.62
N THR A 124 -18.90 -12.11 -22.95
CA THR A 124 -19.51 -11.28 -21.94
C THR A 124 -20.30 -12.11 -20.92
N GLY A 125 -21.07 -13.08 -21.40
CA GLY A 125 -21.81 -13.96 -20.53
C GLY A 125 -20.93 -14.75 -19.59
N ARG A 126 -19.79 -15.20 -20.08
CA ARG A 126 -18.95 -16.00 -19.21
C ARG A 126 -18.22 -15.15 -18.19
N PHE A 127 -17.89 -13.93 -18.60
CA PHE A 127 -17.23 -13.08 -17.70
C PHE A 127 -18.20 -12.88 -16.53
N LYS A 128 -19.47 -12.64 -16.84
CA LYS A 128 -20.42 -12.32 -15.82
C LYS A 128 -20.58 -13.52 -14.84
N THR A 129 -20.61 -14.74 -15.37
CA THR A 129 -20.68 -15.91 -14.51
C THR A 129 -19.39 -16.12 -13.70
N LEU A 130 -18.26 -15.77 -14.31
CA LEU A 130 -16.95 -16.01 -13.68
C LEU A 130 -16.82 -15.05 -12.54
N TYR A 131 -17.34 -13.85 -12.73
CA TYR A 131 -17.44 -12.88 -11.66
C TYR A 131 -18.19 -13.50 -10.47
N ARG A 132 -19.24 -14.24 -10.74
CA ARG A 132 -20.04 -14.78 -9.64
C ARG A 132 -19.30 -15.93 -8.99
N GLU A 133 -18.61 -16.72 -9.82
CA GLU A 133 -17.76 -17.81 -9.35
C GLU A 133 -16.76 -17.21 -8.39
N GLY A 134 -16.27 -16.04 -8.75
CA GLY A 134 -15.28 -15.39 -7.93
C GLY A 134 -15.87 -15.02 -6.59
N LEU A 135 -17.08 -14.46 -6.63
CA LEU A 135 -17.74 -14.05 -5.42
C LEU A 135 -18.01 -15.29 -4.58
N LYS A 136 -18.36 -16.39 -5.23
CA LYS A 136 -18.69 -17.62 -4.53
C LYS A 136 -17.51 -18.06 -3.71
N ASN A 137 -16.32 -18.04 -4.34
CA ASN A 137 -15.08 -18.49 -3.70
C ASN A 137 -14.51 -17.54 -2.68
N ARG A 138 -14.74 -16.26 -2.84
CA ARG A 138 -14.24 -15.30 -1.90
C ARG A 138 -15.09 -15.31 -0.67
N TYR A 139 -16.42 -15.21 -0.83
CA TYR A 139 -17.30 -15.01 0.29
C TYR A 139 -18.28 -16.14 0.55
N GLY A 140 -18.44 -17.09 -0.35
CA GLY A 140 -19.49 -18.09 -0.19
C GLY A 140 -20.75 -17.64 -0.92
N ALA A 141 -21.42 -18.57 -1.57
CA ALA A 141 -22.67 -18.38 -2.24
C ALA A 141 -23.82 -18.03 -1.29
N LEU A 142 -23.83 -18.63 -0.11
CA LEU A 142 -24.95 -18.45 0.80
C LEU A 142 -25.36 -16.99 1.01
N MET A 143 -24.42 -16.12 1.36
CA MET A 143 -24.79 -14.73 1.61
C MET A 143 -25.39 -14.02 0.42
N GLN A 144 -24.97 -14.36 -0.80
CA GLN A 144 -25.47 -13.72 -2.00
C GLN A 144 -26.92 -13.99 -2.22
N THR A 145 -27.52 -14.94 -1.53
CA THR A 145 -28.92 -15.22 -1.76
C THR A 145 -29.82 -14.31 -0.95
N ILE A 146 -29.24 -13.51 -0.07
CA ILE A 146 -29.98 -12.53 0.70
C ILE A 146 -30.34 -11.38 -0.24
N SER A 147 -31.59 -10.94 -0.25
CA SER A 147 -31.98 -9.99 -1.29
C SER A 147 -32.50 -8.68 -0.74
N GLY A 148 -32.67 -7.71 -1.62
CA GLY A 148 -33.06 -6.35 -1.24
C GLY A 148 -33.66 -5.56 -2.39
N VAL A 149 -33.89 -4.27 -2.16
CA VAL A 149 -34.45 -3.36 -3.13
C VAL A 149 -33.45 -2.20 -3.22
N HIS A 150 -33.19 -1.74 -4.43
CA HIS A 150 -32.41 -0.52 -4.66
C HIS A 150 -33.33 0.53 -5.13
N TYR A 151 -33.12 1.71 -4.61
CA TYR A 151 -33.90 2.84 -5.01
C TYR A 151 -32.96 3.86 -5.58
N ASN A 152 -33.20 4.21 -6.84
CA ASN A 152 -32.31 5.06 -7.64
C ASN A 152 -32.96 6.39 -7.81
N PHE A 153 -32.22 7.46 -7.59
CA PHE A 153 -32.85 8.77 -7.44
C PHE A 153 -32.03 9.91 -8.04
N SER A 154 -32.69 10.82 -8.74
CA SER A 154 -31.98 12.06 -9.15
C SER A 154 -32.87 13.25 -9.07
N LEU A 155 -32.29 14.35 -8.60
CA LEU A 155 -33.00 15.63 -8.59
C LEU A 155 -33.07 16.21 -10.01
N PRO A 156 -34.03 17.06 -10.24
CA PRO A 156 -34.09 17.65 -11.58
C PRO A 156 -33.03 18.74 -11.73
N MET A 157 -32.65 19.06 -12.96
CA MET A 157 -31.71 20.17 -13.19
C MET A 157 -32.16 21.48 -12.56
N ALA A 158 -33.47 21.74 -12.65
CA ALA A 158 -34.04 22.91 -12.01
C ALA A 158 -33.54 23.09 -10.55
N PHE A 159 -33.46 22.01 -9.78
CA PHE A 159 -33.00 22.13 -8.40
C PHE A 159 -31.63 22.80 -8.37
N TRP A 160 -30.70 22.30 -9.17
CA TRP A 160 -29.34 22.81 -9.15
C TRP A 160 -29.32 24.25 -9.67
N GLN A 161 -30.17 24.52 -10.68
CA GLN A 161 -30.23 25.83 -11.30
C GLN A 161 -30.72 26.88 -10.31
N ALA A 162 -31.50 26.47 -9.33
CA ALA A 162 -32.04 27.47 -8.43
C ALA A 162 -31.11 27.64 -7.24
N LYS A 163 -30.09 26.80 -7.12
CA LYS A 163 -29.24 26.83 -5.94
C LYS A 163 -28.05 27.75 -6.14
N SER A 168 -22.82 27.04 -14.08
CA SER A 168 -22.23 27.68 -15.27
C SER A 168 -20.99 26.96 -15.81
N GLY A 169 -21.03 26.50 -17.06
CA GLY A 169 -19.87 25.85 -17.68
C GLY A 169 -19.45 24.56 -16.98
N ALA A 170 -18.14 24.32 -16.92
CA ALA A 170 -17.59 23.12 -16.26
C ALA A 170 -17.88 23.03 -14.77
N ASP A 171 -18.46 24.07 -14.17
CA ASP A 171 -18.82 24.07 -12.75
C ASP A 171 -20.10 23.34 -12.48
N ALA A 172 -20.99 23.33 -13.45
CA ALA A 172 -22.29 22.70 -13.29
C ALA A 172 -22.08 21.25 -12.86
N LYS A 173 -21.38 20.48 -13.68
CA LYS A 173 -21.24 19.09 -13.37
C LYS A 173 -20.46 18.92 -12.06
N GLU A 174 -19.68 19.93 -11.68
CA GLU A 174 -18.99 19.85 -10.41
C GLU A 174 -19.90 20.19 -9.23
N LYS A 175 -20.81 21.15 -9.40
CA LYS A 175 -21.68 21.50 -8.29
C LYS A 175 -22.65 20.33 -8.02
N ILE A 176 -23.16 19.74 -9.09
CA ILE A 176 -24.01 18.57 -9.01
C ILE A 176 -23.30 17.41 -8.27
N SER A 177 -22.07 17.10 -8.64
CA SER A 177 -21.32 16.07 -7.94
C SER A 177 -21.16 16.42 -6.46
N ALA A 178 -20.86 17.67 -6.16
CA ALA A 178 -20.66 18.07 -4.77
C ALA A 178 -21.97 17.89 -3.98
N GLY A 179 -23.08 18.15 -4.63
CA GLY A 179 -24.34 18.09 -3.93
C GLY A 179 -24.70 16.65 -3.67
N TYR A 180 -24.33 15.75 -4.58
CA TYR A 180 -24.65 14.37 -4.35
C TYR A 180 -23.74 13.77 -3.29
N PHE A 181 -22.53 14.30 -3.15
CA PHE A 181 -21.67 13.81 -2.10
C PHE A 181 -22.18 14.33 -0.77
N ARG A 182 -22.79 15.50 -0.80
CA ARG A 182 -23.44 15.98 0.39
C ARG A 182 -24.58 15.02 0.81
N VAL A 183 -25.43 14.64 -0.14
CA VAL A 183 -26.49 13.68 0.11
C VAL A 183 -25.93 12.40 0.75
N ILE A 184 -24.89 11.83 0.13
CA ILE A 184 -24.20 10.66 0.69
C ILE A 184 -23.63 10.84 2.10
N ARG A 185 -22.95 11.95 2.36
CA ARG A 185 -22.44 12.15 3.73
C ARG A 185 -23.65 12.23 4.70
N ASN A 186 -24.71 12.92 4.31
CA ASN A 186 -25.86 12.95 5.17
C ASN A 186 -26.52 11.57 5.30
N TYR A 187 -26.51 10.75 4.25
CA TYR A 187 -27.12 9.46 4.41
C TYR A 187 -26.31 8.67 5.46
N TYR A 188 -25.00 8.80 5.43
CA TYR A 188 -24.19 8.15 6.46
C TYR A 188 -24.55 8.61 7.86
N ARG A 189 -24.79 9.89 8.05
CA ARG A 189 -25.02 10.38 9.39
C ARG A 189 -26.41 10.08 9.90
N PHE A 190 -27.42 10.10 9.00
CA PHE A 190 -28.81 9.99 9.45
C PHE A 190 -29.64 8.86 8.84
N GLY A 191 -29.06 8.10 7.92
CA GLY A 191 -29.88 7.21 7.11
C GLY A 191 -30.32 5.98 7.88
N TRP A 192 -29.86 5.85 9.11
CA TRP A 192 -30.27 4.74 9.97
C TRP A 192 -31.78 4.77 10.20
N VAL A 193 -32.43 5.83 9.77
CA VAL A 193 -33.86 5.95 9.96
C VAL A 193 -34.53 4.96 9.01
N ILE A 194 -33.83 4.61 7.95
CA ILE A 194 -34.39 3.68 6.98
C ILE A 194 -34.58 2.27 7.54
N PRO A 195 -33.50 1.61 8.00
CA PRO A 195 -33.73 0.32 8.65
C PRO A 195 -34.63 0.46 9.86
N TYR A 196 -34.61 1.61 10.55
CA TYR A 196 -35.55 1.74 11.68
C TYR A 196 -37.02 1.60 11.19
N LEU A 197 -37.41 2.34 10.16
CA LEU A 197 -38.77 2.25 9.69
C LEU A 197 -39.03 0.94 8.93
N PHE A 198 -38.10 0.54 8.05
CA PHE A 198 -38.40 -0.45 7.03
C PHE A 198 -37.51 -1.70 7.07
N GLY A 199 -36.58 -1.76 8.02
CA GLY A 199 -35.82 -2.98 8.19
C GLY A 199 -36.80 -4.09 8.40
N ALA A 200 -36.56 -5.21 7.74
CA ALA A 200 -37.50 -6.32 7.83
C ALA A 200 -36.74 -7.63 7.86
N SER A 201 -35.65 -7.65 8.64
CA SER A 201 -34.89 -8.90 8.79
C SER A 201 -34.38 -9.09 10.22
N PRO A 202 -35.30 -9.18 11.16
CA PRO A 202 -34.87 -9.36 12.57
C PRO A 202 -34.40 -10.77 12.89
N ALA A 203 -34.44 -11.66 11.91
CA ALA A 203 -34.15 -13.07 12.13
C ALA A 203 -33.32 -13.65 10.99
N ILE A 204 -32.56 -14.69 11.29
CA ILE A 204 -31.72 -15.26 10.25
C ILE A 204 -31.66 -16.75 10.55
N SER A 205 -31.61 -17.59 9.52
CA SER A 205 -31.44 -19.02 9.73
C SER A 205 -30.04 -19.34 10.26
N SER A 206 -29.94 -20.24 11.21
CA SER A 206 -28.59 -20.56 11.69
C SER A 206 -27.74 -21.16 10.54
N SER A 207 -28.38 -21.72 9.53
CA SER A 207 -27.59 -22.25 8.43
C SER A 207 -26.74 -21.17 7.79
N PHE A 208 -27.08 -19.89 7.99
CA PHE A 208 -26.29 -18.80 7.39
C PHE A 208 -25.17 -18.32 8.29
N LEU A 209 -25.09 -18.75 9.55
CA LEU A 209 -23.97 -18.25 10.40
C LEU A 209 -22.72 -19.05 10.12
N THR A 214 -20.41 -16.00 17.11
CA THR A 214 -20.98 -14.68 17.43
C THR A 214 -21.23 -14.45 18.91
N SER A 215 -21.03 -13.19 19.32
CA SER A 215 -21.28 -12.79 20.69
C SER A 215 -22.72 -12.31 20.89
N LEU A 216 -23.48 -12.14 19.81
CA LEU A 216 -24.82 -11.55 19.90
C LEU A 216 -25.76 -12.41 20.73
N PRO A 217 -26.61 -11.79 21.55
CA PRO A 217 -27.57 -12.46 22.44
C PRO A 217 -28.84 -13.00 21.69
N PHE A 218 -28.63 -13.91 20.76
CA PHE A 218 -29.68 -14.44 19.91
C PHE A 218 -30.63 -15.31 20.70
N GLU A 219 -31.92 -15.15 20.49
CA GLU A 219 -32.94 -16.13 20.86
C GLU A 219 -32.92 -17.18 19.75
N LYS A 220 -33.09 -18.45 20.09
CA LYS A 220 -33.04 -19.54 19.13
C LYS A 220 -34.28 -20.39 19.18
N THR A 221 -34.68 -20.98 18.06
CA THR A 221 -35.75 -21.99 18.10
C THR A 221 -35.15 -23.28 17.55
N GLU A 222 -35.86 -24.38 17.72
CA GLU A 222 -35.28 -25.66 17.32
C GLU A 222 -35.10 -25.85 15.83
N SER A 223 -35.73 -25.06 14.96
CA SER A 223 -35.47 -25.19 13.53
C SER A 223 -34.24 -24.39 13.08
N GLY A 224 -33.58 -23.75 14.03
CA GLY A 224 -32.43 -22.97 13.66
C GLY A 224 -32.74 -21.53 13.33
N MET A 225 -33.99 -21.09 13.52
CA MET A 225 -34.25 -19.67 13.42
C MET A 225 -33.65 -18.89 14.61
N TYR A 226 -32.73 -17.98 14.30
CA TYR A 226 -32.13 -17.11 15.31
C TYR A 226 -32.70 -15.71 15.17
N TYR A 227 -32.94 -15.04 16.27
CA TYR A 227 -33.39 -13.68 16.15
C TYR A 227 -32.97 -12.81 17.32
N LEU A 228 -32.96 -11.52 17.10
CA LEU A 228 -32.69 -10.58 18.15
C LEU A 228 -33.98 -9.84 18.47
N PRO A 229 -34.34 -9.74 19.74
CA PRO A 229 -35.69 -9.22 20.08
C PRO A 229 -35.94 -7.79 19.58
N TYR A 230 -34.91 -6.97 19.48
CA TYR A 230 -35.11 -5.58 19.06
C TYR A 230 -34.50 -5.20 17.70
N ALA A 231 -34.01 -6.19 16.95
CA ALA A 231 -33.29 -5.85 15.74
C ALA A 231 -34.23 -5.37 14.63
N THR A 232 -33.66 -4.69 13.66
CA THR A 232 -34.43 -4.17 12.56
C THR A 232 -34.03 -4.89 11.25
N SER A 233 -32.73 -4.88 10.95
CA SER A 233 -32.29 -5.43 9.68
C SER A 233 -30.96 -6.14 9.80
N LEU A 234 -30.98 -7.42 10.15
CA LEU A 234 -29.77 -8.21 10.12
C LEU A 234 -29.19 -8.29 8.73
N ARG A 235 -29.97 -8.02 7.66
CA ARG A 235 -29.40 -8.00 6.32
C ARG A 235 -28.22 -7.02 6.27
N LEU A 236 -28.34 -5.91 7.00
CA LEU A 236 -27.34 -4.86 6.96
C LEU A 236 -26.25 -5.08 7.97
N SER A 237 -26.35 -6.07 8.84
CA SER A 237 -25.32 -6.30 9.84
C SER A 237 -24.17 -7.09 9.26
N ASP A 238 -23.16 -7.37 10.05
CA ASP A 238 -22.05 -8.20 9.59
C ASP A 238 -22.45 -9.60 9.21
N LEU A 239 -23.53 -10.11 9.80
CA LEU A 239 -24.01 -11.41 9.44
C LEU A 239 -24.78 -11.41 8.13
N GLY A 240 -25.09 -10.24 7.57
CA GLY A 240 -25.97 -10.17 6.39
C GLY A 240 -25.23 -9.94 5.10
N TYR A 241 -23.92 -9.92 5.19
CA TYR A 241 -23.13 -9.68 3.99
C TYR A 241 -21.66 -9.96 4.33
N THR A 242 -20.91 -10.24 3.28
CA THR A 242 -19.61 -10.90 3.42
C THR A 242 -18.43 -10.04 2.96
N ASN A 243 -18.73 -9.09 2.06
CA ASN A 243 -17.73 -8.27 1.39
C ASN A 243 -17.25 -7.07 2.22
N LYS A 244 -16.30 -6.34 1.65
CA LYS A 244 -15.66 -5.21 2.30
C LYS A 244 -16.48 -3.94 2.17
N SER A 245 -16.92 -3.47 3.33
CA SER A 245 -17.47 -2.14 3.56
C SER A 245 -16.63 -1.07 2.85
N GLN A 246 -17.27 -0.26 2.02
CA GLN A 246 -16.57 0.88 1.38
C GLN A 246 -15.88 1.75 2.43
N SER A 247 -16.69 2.20 3.40
CA SER A 247 -16.25 2.69 4.71
C SER A 247 -14.91 2.03 5.15
N ASN A 248 -14.88 0.69 5.25
CA ASN A 248 -13.70 -0.08 5.71
C ASN A 248 -12.43 -0.07 4.86
N LEU A 249 -12.59 -0.07 3.52
CA LEU A 249 -11.48 0.07 2.59
C LEU A 249 -10.87 1.45 2.67
N GLY A 250 -11.61 2.41 3.22
CA GLY A 250 -11.11 3.77 3.34
C GLY A 250 -11.42 4.69 2.18
N ILE A 251 -12.57 4.48 1.54
CA ILE A 251 -13.08 5.32 0.50
C ILE A 251 -13.91 6.41 1.13
N THR A 252 -13.77 7.65 0.66
CA THR A 252 -14.44 8.76 1.30
C THR A 252 -15.36 9.47 0.31
N PHE A 253 -16.15 10.41 0.80
CA PHE A 253 -17.14 11.06 -0.05
C PHE A 253 -17.07 12.57 0.08
N ASN A 254 -15.87 13.12 -0.02
CA ASN A 254 -15.69 14.55 0.02
C ASN A 254 -15.47 15.12 -1.35
N ASP A 255 -15.01 14.29 -2.28
CA ASP A 255 -14.56 14.81 -3.57
C ASP A 255 -14.56 13.70 -4.59
N LEU A 256 -15.04 14.02 -5.80
CA LEU A 256 -15.22 13.02 -6.86
C LEU A 256 -13.95 12.24 -7.30
N TYR A 257 -12.90 12.99 -7.63
CA TYR A 257 -11.71 12.36 -8.09
C TYR A 257 -11.17 11.44 -6.99
N GLU A 258 -11.19 11.95 -5.75
CA GLU A 258 -10.69 11.17 -4.63
C GLU A 258 -11.47 9.84 -4.54
N TYR A 259 -12.79 9.94 -4.63
CA TYR A 259 -13.60 8.74 -4.56
C TYR A 259 -13.22 7.81 -5.71
N VAL A 260 -13.17 8.32 -6.94
CA VAL A 260 -12.82 7.40 -8.02
C VAL A 260 -11.41 6.78 -7.89
N ALA A 261 -10.44 7.58 -7.50
CA ALA A 261 -9.09 7.06 -7.28
C ALA A 261 -9.08 5.97 -6.22
N GLY A 262 -9.84 6.13 -5.13
CA GLY A 262 -9.90 5.06 -4.12
C GLY A 262 -10.51 3.78 -4.68
N LEU A 263 -11.60 3.94 -5.40
CA LEU A 263 -12.27 2.81 -6.01
C LEU A 263 -11.38 2.10 -7.00
N LYS A 264 -10.76 2.86 -7.91
CA LYS A 264 -9.93 2.25 -8.94
C LYS A 264 -8.69 1.63 -8.31
N GLN A 265 -8.26 2.17 -7.18
CA GLN A 265 -7.08 1.61 -6.53
C GLN A 265 -7.44 0.21 -5.99
N ALA A 266 -8.67 0.06 -5.52
CA ALA A 266 -9.08 -1.21 -4.98
C ALA A 266 -9.17 -2.27 -6.10
N ILE A 267 -9.68 -1.91 -7.27
CA ILE A 267 -9.65 -2.81 -8.43
C ILE A 267 -8.25 -3.28 -8.75
N LYS A 268 -7.24 -2.48 -8.39
CA LYS A 268 -5.92 -2.86 -8.85
C LYS A 268 -5.02 -3.38 -7.74
N THR A 269 -5.47 -3.31 -6.50
CA THR A 269 -4.69 -3.85 -5.40
C THR A 269 -4.80 -5.38 -5.27
N PRO A 270 -3.68 -6.12 -5.43
CA PRO A 270 -3.74 -7.57 -5.23
C PRO A 270 -4.02 -7.90 -3.77
N SER A 271 -4.61 -9.06 -3.52
CA SER A 271 -5.05 -9.48 -2.17
C SER A 271 -4.39 -10.80 -1.77
N GLU A 272 -3.79 -10.84 -0.56
CA GLU A 272 -3.12 -12.11 -0.13
C GLU A 272 -4.20 -13.15 0.12
N GLU A 273 -5.22 -12.73 0.88
CA GLU A 273 -6.39 -13.59 1.01
C GLU A 273 -6.84 -14.25 -0.31
N TYR A 274 -7.25 -13.46 -1.31
CA TYR A 274 -7.79 -14.08 -2.53
C TYR A 274 -6.79 -14.81 -3.38
N ALA A 275 -5.51 -14.47 -3.26
CA ALA A 275 -4.50 -15.24 -4.02
C ALA A 275 -4.40 -16.68 -3.51
N LYS A 276 -4.53 -16.84 -2.18
CA LYS A 276 -4.64 -18.19 -1.61
C LYS A 276 -5.72 -19.06 -2.29
N ILE A 277 -6.83 -18.44 -2.72
CA ILE A 277 -7.85 -19.16 -3.48
C ILE A 277 -7.27 -19.70 -4.80
N GLY A 278 -6.41 -18.92 -5.44
CA GLY A 278 -5.89 -19.29 -6.76
C GLY A 278 -6.76 -18.75 -7.88
N ILE A 279 -6.20 -18.63 -9.08
CA ILE A 279 -6.98 -18.18 -10.20
C ILE A 279 -7.62 -19.35 -10.93
N GLU A 280 -6.92 -20.48 -10.98
CA GLU A 280 -7.40 -21.72 -11.63
C GLU A 280 -7.24 -22.92 -10.69
N LYS A 281 -7.92 -24.01 -11.01
CA LYS A 281 -7.86 -25.25 -10.23
C LYS A 281 -8.53 -26.34 -11.06
N ASP A 282 -7.67 -27.06 -11.80
CA ASP A 282 -8.07 -28.21 -12.62
C ASP A 282 -8.71 -27.75 -13.91
N GLY A 283 -8.07 -26.80 -14.58
CA GLY A 283 -8.66 -26.20 -15.78
C GLY A 283 -9.95 -25.40 -15.56
N LYS A 284 -10.40 -25.28 -14.29
CA LYS A 284 -11.57 -24.43 -13.96
C LYS A 284 -11.19 -23.06 -13.40
N ARG A 285 -11.58 -22.03 -14.09
CA ARG A 285 -11.26 -20.69 -13.67
C ARG A 285 -12.14 -20.30 -12.42
N LEU A 286 -11.50 -19.81 -11.37
CA LEU A 286 -12.14 -19.61 -10.07
C LEU A 286 -12.47 -18.14 -9.71
N GLN A 287 -11.80 -17.18 -10.32
CA GLN A 287 -12.18 -15.79 -10.15
C GLN A 287 -11.63 -15.00 -11.31
N ILE A 288 -12.08 -13.76 -11.46
CA ILE A 288 -11.56 -12.97 -12.58
C ILE A 288 -10.06 -12.69 -12.36
N ASN A 289 -9.72 -12.26 -11.17
CA ASN A 289 -8.34 -12.03 -10.81
C ASN A 289 -8.26 -12.17 -9.30
N SER A 290 -7.12 -11.84 -8.72
CA SER A 290 -7.00 -11.98 -7.30
C SER A 290 -6.85 -10.65 -6.60
N ASN A 291 -7.44 -9.60 -7.17
CA ASN A 291 -7.42 -8.30 -6.52
C ASN A 291 -8.52 -8.08 -5.48
N VAL A 292 -8.35 -7.06 -4.63
CA VAL A 292 -9.30 -6.79 -3.58
C VAL A 292 -10.69 -6.82 -4.17
N LEU A 293 -10.98 -5.98 -5.16
CA LEU A 293 -12.23 -6.04 -5.92
C LEU A 293 -11.98 -6.60 -7.30
N GLN A 294 -12.72 -7.63 -7.71
CA GLN A 294 -12.62 -8.12 -9.07
C GLN A 294 -13.05 -7.07 -10.08
N ILE A 295 -14.12 -6.34 -9.79
CA ILE A 295 -14.61 -5.23 -10.60
C ILE A 295 -15.31 -4.30 -9.63
N GLU A 296 -15.69 -3.11 -10.07
CA GLU A 296 -16.29 -2.16 -9.13
C GLU A 296 -17.55 -2.60 -8.40
N ASN A 297 -18.42 -3.40 -9.02
CA ASN A 297 -19.61 -3.82 -8.29
C ASN A 297 -19.27 -4.60 -7.07
N GLU A 298 -18.08 -5.17 -6.97
CA GLU A 298 -17.85 -6.04 -5.84
C GLU A 298 -17.74 -5.22 -4.57
N LEU A 299 -17.61 -3.91 -4.71
CA LEU A 299 -17.58 -3.07 -3.53
C LEU A 299 -18.92 -3.06 -2.77
N TYR A 300 -18.94 -3.47 -1.52
CA TYR A 300 -20.18 -3.44 -0.73
C TYR A 300 -20.49 -2.03 -0.35
N ALA A 301 -21.67 -1.56 -0.66
CA ALA A 301 -21.95 -0.13 -0.54
C ALA A 301 -23.44 0.15 -0.34
N PRO A 302 -23.82 0.58 0.85
CA PRO A 302 -25.17 0.93 1.18
C PRO A 302 -25.71 2.04 0.28
N ILE A 303 -24.81 2.88 -0.24
CA ILE A 303 -25.23 3.98 -1.10
C ILE A 303 -24.11 4.30 -2.06
N ARG A 304 -24.47 4.62 -3.28
CA ARG A 304 -23.46 4.64 -4.27
C ARG A 304 -23.79 5.73 -5.31
N PRO A 305 -22.81 6.58 -5.65
CA PRO A 305 -23.02 7.59 -6.70
C PRO A 305 -22.95 6.91 -8.05
N LYS A 306 -23.75 7.36 -9.00
CA LYS A 306 -23.74 6.69 -10.29
C LYS A 306 -23.88 7.58 -11.50
N ARG A 307 -23.42 7.05 -12.62
CA ARG A 307 -23.73 7.62 -13.90
C ARG A 307 -23.86 6.48 -14.89
N VAL A 308 -24.89 6.53 -15.74
CA VAL A 308 -25.11 5.49 -16.71
C VAL A 308 -23.88 5.43 -17.59
N THR A 309 -23.33 4.25 -17.80
CA THR A 309 -22.10 4.12 -18.57
C THR A 309 -22.37 4.14 -20.06
N ARG A 310 -21.39 4.56 -20.85
CA ARG A 310 -21.45 4.36 -22.29
C ARG A 310 -20.67 3.12 -22.67
N SER A 311 -20.60 2.84 -23.95
CA SER A 311 -20.12 1.54 -24.29
C SER A 311 -18.64 1.39 -23.97
N GLY A 312 -18.36 0.49 -23.04
CA GLY A 312 -16.98 0.16 -22.69
C GLY A 312 -16.52 0.78 -21.39
N GLU A 313 -17.10 1.93 -21.04
CA GLU A 313 -16.82 2.60 -19.79
C GLU A 313 -17.08 1.70 -18.59
N SER A 314 -16.14 1.72 -17.66
CA SER A 314 -16.43 1.19 -16.33
C SER A 314 -17.30 2.24 -15.61
N PRO A 315 -18.05 1.79 -14.59
CA PRO A 315 -18.88 2.73 -13.79
C PRO A 315 -18.03 3.92 -13.32
N SER A 316 -16.80 3.68 -12.90
CA SER A 316 -16.05 4.80 -12.37
C SER A 316 -15.53 5.73 -13.48
N ASP A 317 -15.19 5.16 -14.64
CA ASP A 317 -14.90 5.95 -15.84
C ASP A 317 -16.03 6.93 -16.11
N ALA A 318 -17.27 6.45 -16.07
CA ALA A 318 -18.40 7.31 -16.34
C ALA A 318 -18.48 8.47 -15.35
N LEU A 319 -18.21 8.16 -14.09
CA LEU A 319 -18.23 9.19 -13.05
C LEU A 319 -17.19 10.27 -13.35
N LEU A 320 -15.99 9.85 -13.75
CA LEU A 320 -14.92 10.76 -13.98
C LEU A 320 -15.27 11.61 -15.17
N ARG A 321 -15.78 11.00 -16.23
CA ARG A 321 -16.18 11.70 -17.43
C ARG A 321 -17.24 12.72 -17.15
N GLY A 322 -18.34 12.30 -16.53
CA GLY A 322 -19.54 13.16 -16.47
C GLY A 322 -20.01 13.64 -15.11
N GLY A 323 -19.32 13.26 -14.02
CA GLY A 323 -19.75 13.61 -12.67
C GLY A 323 -20.86 12.67 -12.20
N ILE A 324 -21.36 12.87 -10.99
CA ILE A 324 -22.51 12.09 -10.55
C ILE A 324 -23.82 12.46 -11.27
N GLU A 325 -24.49 11.47 -11.85
CA GLU A 325 -25.81 11.64 -12.45
C GLU A 325 -26.93 11.33 -11.46
N TYR A 326 -26.75 10.31 -10.64
CA TYR A 326 -27.81 9.94 -9.70
C TYR A 326 -27.28 9.06 -8.55
N ILE A 327 -28.11 8.86 -7.55
CA ILE A 327 -27.77 8.15 -6.33
C ILE A 327 -28.53 6.81 -6.29
N GLU A 328 -27.83 5.73 -5.93
CA GLU A 328 -28.43 4.43 -5.69
C GLU A 328 -28.44 4.15 -4.19
N VAL A 329 -29.62 4.01 -3.59
CA VAL A 329 -29.71 3.63 -2.20
C VAL A 329 -29.97 2.11 -2.11
N ARG A 330 -29.11 1.39 -1.40
CA ARG A 330 -29.18 -0.09 -1.41
C ARG A 330 -29.57 -0.68 -0.10
N SER A 331 -29.97 0.13 0.85
CA SER A 331 -30.14 -0.43 2.14
C SER A 331 -31.55 -0.88 2.46
N LEU A 332 -32.45 -0.97 1.51
CA LEU A 332 -33.82 -1.37 1.83
C LEU A 332 -33.98 -2.89 1.81
N ASP A 333 -34.44 -3.47 2.92
CA ASP A 333 -34.85 -4.85 2.91
C ASP A 333 -36.06 -5.02 2.00
N ILE A 334 -36.30 -6.25 1.54
CA ILE A 334 -37.58 -6.58 0.93
C ILE A 334 -38.73 -6.21 1.89
N ASN A 335 -39.75 -5.55 1.37
CA ASN A 335 -40.94 -5.23 2.12
C ASN A 335 -41.79 -6.51 2.11
N PRO A 336 -41.89 -7.23 3.24
CA PRO A 336 -42.64 -8.51 3.13
C PRO A 336 -44.13 -8.33 3.02
N PHE A 337 -44.59 -7.12 3.27
CA PHE A 337 -46.05 -6.79 3.21
C PHE A 337 -46.50 -6.26 1.83
N SER A 338 -45.66 -6.39 0.81
CA SER A 338 -46.09 -6.05 -0.52
C SER A 338 -45.67 -7.17 -1.44
N PRO A 339 -46.57 -7.62 -2.31
CA PRO A 339 -46.17 -8.65 -3.30
C PRO A 339 -45.02 -8.26 -4.22
N ILE A 340 -44.75 -6.96 -4.36
CA ILE A 340 -43.63 -6.54 -5.19
C ILE A 340 -42.44 -6.09 -4.35
N GLY A 341 -42.50 -6.32 -3.02
CA GLY A 341 -41.35 -6.13 -2.17
C GLY A 341 -40.98 -4.70 -1.86
N VAL A 342 -41.81 -3.75 -2.25
CA VAL A 342 -41.59 -2.33 -2.02
C VAL A 342 -42.94 -1.65 -2.26
N ASP A 343 -43.25 -0.59 -1.51
CA ASP A 343 -44.51 0.11 -1.70
C ASP A 343 -44.39 1.63 -1.77
N GLU A 344 -45.48 2.28 -2.15
CA GLU A 344 -45.54 3.72 -2.31
C GLU A 344 -45.09 4.51 -1.08
N GLN A 345 -45.42 4.01 0.09
CA GLN A 345 -45.02 4.70 1.30
C GLN A 345 -43.48 4.78 1.44
N GLN A 346 -42.79 3.69 1.13
CA GLN A 346 -41.33 3.71 1.20
C GLN A 346 -40.74 4.65 0.17
N VAL A 347 -41.23 4.59 -1.06
CA VAL A 347 -40.69 5.44 -2.10
C VAL A 347 -40.86 6.92 -1.78
N ARG A 348 -42.03 7.30 -1.29
CA ARG A 348 -42.25 8.68 -0.88
C ARG A 348 -41.41 9.09 0.30
N PHE A 349 -41.16 8.19 1.24
CA PHE A 349 -40.32 8.60 2.33
C PHE A 349 -38.86 8.86 1.84
N LEU A 350 -38.37 7.99 0.93
CA LEU A 350 -37.04 8.19 0.42
C LEU A 350 -36.93 9.47 -0.38
N ASP A 351 -37.91 9.79 -1.24
CA ASP A 351 -38.00 11.14 -1.84
C ASP A 351 -37.74 12.23 -0.78
N LEU A 352 -38.54 12.25 0.29
CA LEU A 352 -38.39 13.28 1.32
C LEU A 352 -37.02 13.25 1.98
N PHE A 353 -36.52 12.07 2.30
CA PHE A 353 -35.25 11.96 3.00
C PHE A 353 -34.08 12.37 2.11
N MET A 354 -34.04 11.89 0.86
CA MET A 354 -32.99 12.27 -0.05
C MET A 354 -32.95 13.80 -0.26
N VAL A 355 -34.13 14.40 -0.46
CA VAL A 355 -34.23 15.82 -0.66
C VAL A 355 -33.68 16.54 0.57
N TRP A 356 -34.10 16.10 1.74
CA TRP A 356 -33.58 16.68 2.96
C TRP A 356 -32.07 16.53 3.05
N CYS A 357 -31.55 15.36 2.68
CA CYS A 357 -30.13 15.11 2.64
C CYS A 357 -29.34 16.08 1.71
N ALA A 358 -30.01 16.65 0.72
CA ALA A 358 -29.38 17.51 -0.28
C ALA A 358 -29.38 18.93 0.26
N LEU A 359 -30.31 19.21 1.16
CA LEU A 359 -30.43 20.51 1.76
C LEU A 359 -29.54 20.69 2.98
N ALA A 360 -29.39 19.68 3.82
CA ALA A 360 -28.67 19.89 5.06
C ALA A 360 -27.17 20.00 4.81
N ASP A 361 -26.51 20.90 5.53
CA ASP A 361 -25.06 21.05 5.39
C ASP A 361 -24.36 19.81 5.86
N ALA A 362 -23.34 19.41 5.15
CA ALA A 362 -22.65 18.22 5.55
C ALA A 362 -21.13 18.42 5.46
N PRO A 363 -20.50 18.61 6.61
CA PRO A 363 -19.06 18.77 6.69
C PRO A 363 -18.37 17.55 6.07
N GLU A 364 -17.15 17.73 5.58
CA GLU A 364 -16.41 16.59 5.07
C GLU A 364 -16.01 15.63 6.17
N MET A 365 -15.82 14.37 5.81
CA MET A 365 -15.51 13.36 6.78
C MET A 365 -14.40 12.50 6.30
N SER A 366 -13.46 12.20 7.17
CA SER A 366 -12.37 11.34 6.83
C SER A 366 -12.82 9.89 7.05
N SER A 367 -11.94 8.96 6.72
CA SER A 367 -12.28 7.58 6.91
C SER A 367 -12.83 7.32 8.29
N SER A 368 -12.20 7.90 9.30
CA SER A 368 -12.63 7.49 10.59
C SER A 368 -13.81 8.30 11.12
N GLU A 369 -14.03 9.48 10.57
CA GLU A 369 -15.31 10.09 10.88
C GLU A 369 -16.45 9.32 10.22
N LEU A 370 -16.20 8.70 9.07
CA LEU A 370 -17.25 7.93 8.41
C LEU A 370 -17.52 6.68 9.23
N ALA A 371 -16.44 5.99 9.58
CA ALA A 371 -16.55 4.87 10.50
C ALA A 371 -17.40 5.21 11.75
N CYS A 372 -17.23 6.38 12.35
CA CYS A 372 -18.05 6.78 13.49
C CYS A 372 -19.55 6.96 13.20
N THR A 373 -19.90 7.40 11.97
CA THR A 373 -21.31 7.52 11.66
C THR A 373 -21.98 6.17 11.77
N ARG A 374 -21.22 5.10 11.55
CA ARG A 374 -21.76 3.74 11.64
C ARG A 374 -22.10 3.29 13.06
N VAL A 375 -21.70 4.02 14.09
CA VAL A 375 -21.99 3.56 15.42
C VAL A 375 -23.48 3.61 15.61
N ASN A 376 -24.10 4.70 15.20
CA ASN A 376 -25.55 4.73 15.25
C ASN A 376 -26.26 3.67 14.38
N TRP A 377 -25.76 3.43 13.16
CA TRP A 377 -26.37 2.41 12.32
C TRP A 377 -26.36 1.07 13.07
N ASN A 378 -25.23 0.75 13.69
CA ASN A 378 -25.18 -0.53 14.39
C ASN A 378 -26.18 -0.62 15.55
N ARG A 379 -26.36 0.46 16.30
CA ARG A 379 -27.33 0.45 17.35
C ARG A 379 -28.75 0.14 16.76
N VAL A 380 -29.08 0.77 15.63
CA VAL A 380 -30.40 0.67 15.10
C VAL A 380 -30.56 -0.72 14.43
N ILE A 381 -29.51 -1.18 13.76
CA ILE A 381 -29.58 -2.44 13.11
C ILE A 381 -29.82 -3.58 14.11
N LEU A 382 -29.11 -3.59 15.24
CA LEU A 382 -29.16 -4.72 16.17
C LEU A 382 -30.17 -4.53 17.28
N GLU A 383 -30.50 -3.30 17.60
CA GLU A 383 -31.49 -3.13 18.65
C GLU A 383 -32.27 -1.82 18.51
N GLY A 384 -32.56 -1.42 17.28
CA GLY A 384 -33.24 -0.17 16.99
C GLY A 384 -34.56 -0.02 17.70
N ARG A 385 -35.21 -1.12 18.06
CA ARG A 385 -36.50 -1.05 18.72
C ARG A 385 -36.42 -1.14 20.25
N LYS A 386 -35.22 -1.19 20.83
CA LYS A 386 -35.09 -1.26 22.29
C LYS A 386 -35.72 -0.04 23.01
N PRO A 387 -36.65 -0.27 23.92
CA PRO A 387 -37.14 0.91 24.70
C PRO A 387 -35.95 1.62 25.36
N GLY A 388 -35.85 2.96 25.23
CA GLY A 388 -34.78 3.71 25.88
C GLY A 388 -33.51 3.86 25.08
N LEU A 389 -33.42 3.29 23.88
CA LEU A 389 -32.23 3.41 23.06
C LEU A 389 -31.83 4.85 22.81
N THR A 390 -30.57 5.16 22.97
CA THR A 390 -30.11 6.53 22.70
C THR A 390 -29.04 6.53 21.62
N LEU A 391 -28.94 7.63 20.88
CA LEU A 391 -27.98 7.80 19.78
C LEU A 391 -26.98 8.89 20.14
N GLY A 392 -25.87 8.97 19.41
CA GLY A 392 -24.87 9.97 19.66
C GLY A 392 -24.42 10.66 18.39
N ILE A 393 -23.57 11.70 18.51
CA ILE A 393 -22.90 12.25 17.36
C ILE A 393 -21.58 11.51 17.17
N GLY A 394 -21.45 10.90 16.00
CA GLY A 394 -20.35 10.02 15.73
C GLY A 394 -20.13 9.07 16.90
N CYS A 395 -18.92 9.14 17.43
CA CYS A 395 -18.40 8.24 18.43
C CYS A 395 -18.64 8.76 19.85
N GLU A 396 -19.10 9.99 19.99
CA GLU A 396 -19.32 10.58 21.32
C GLU A 396 -20.43 9.86 22.06
N THR A 397 -20.47 10.02 23.37
CA THR A 397 -21.39 9.23 24.19
C THR A 397 -22.84 9.35 23.72
N ALA A 398 -23.56 8.24 23.68
CA ALA A 398 -24.96 8.31 23.29
C ALA A 398 -25.75 9.13 24.30
N GLN A 399 -26.61 10.02 23.82
CA GLN A 399 -27.35 10.83 24.74
C GLN A 399 -28.64 11.39 24.17
N PHE A 400 -28.91 11.20 22.88
CA PHE A 400 -30.19 11.63 22.30
C PHE A 400 -31.17 10.47 22.13
N PRO A 401 -32.27 10.44 22.89
CA PRO A 401 -33.23 9.34 22.75
C PRO A 401 -33.74 9.24 21.32
N LEU A 402 -33.81 8.00 20.83
CA LEU A 402 -34.15 7.81 19.44
C LEU A 402 -35.46 8.46 19.00
N PRO A 403 -36.56 8.26 19.75
CA PRO A 403 -37.83 8.88 19.32
C PRO A 403 -37.75 10.38 19.07
N GLN A 404 -37.05 11.09 19.95
CA GLN A 404 -36.96 12.53 19.79
C GLN A 404 -36.15 12.90 18.54
N VAL A 405 -35.09 12.17 18.25
CA VAL A 405 -34.38 12.39 17.01
C VAL A 405 -35.30 12.13 15.81
N GLY A 406 -36.10 11.07 15.86
CA GLY A 406 -37.00 10.84 14.78
C GLY A 406 -37.96 12.01 14.58
N LYS A 407 -38.52 12.53 15.66
CA LYS A 407 -39.50 13.62 15.53
C LYS A 407 -38.90 14.90 15.03
N ASP A 408 -37.68 15.19 15.46
CA ASP A 408 -36.90 16.28 14.89
C ASP A 408 -36.75 16.19 13.38
N LEU A 409 -36.29 15.05 12.88
CA LEU A 409 -36.12 14.92 11.46
C LEU A 409 -37.46 15.06 10.74
N PHE A 410 -38.52 14.51 11.33
CA PHE A 410 -39.82 14.58 10.69
C PHE A 410 -40.42 15.98 10.70
N ARG A 411 -40.01 16.83 11.65
CA ARG A 411 -40.38 18.25 11.58
C ARG A 411 -39.93 18.86 10.25
N ASP A 412 -38.69 18.57 9.85
CA ASP A 412 -38.18 18.99 8.55
C ASP A 412 -38.80 18.26 7.37
N LEU A 413 -38.86 16.92 7.44
CA LEU A 413 -39.43 16.17 6.35
C LEU A 413 -40.82 16.66 6.03
N LYS A 414 -41.59 16.98 7.06
CA LYS A 414 -42.91 17.52 6.85
C LYS A 414 -42.90 18.82 6.02
N ARG A 415 -41.92 19.68 6.25
CA ARG A 415 -41.86 20.90 5.45
C ARG A 415 -41.57 20.58 3.99
N VAL A 416 -40.75 19.57 3.74
CA VAL A 416 -40.45 19.18 2.37
C VAL A 416 -41.68 18.56 1.72
N ALA A 417 -42.47 17.88 2.53
CA ALA A 417 -43.65 17.20 2.05
C ALA A 417 -44.64 18.25 1.60
N GLN A 418 -44.82 19.26 2.44
CA GLN A 418 -45.66 20.41 2.07
C GLN A 418 -45.28 21.00 0.73
N THR A 419 -43.98 21.20 0.52
CA THR A 419 -43.52 21.69 -0.78
C THR A 419 -43.81 20.69 -1.91
N LEU A 420 -43.43 19.44 -1.76
CA LEU A 420 -43.73 18.51 -2.84
C LEU A 420 -45.25 18.41 -3.06
N ASP A 421 -46.03 18.36 -1.98
CA ASP A 421 -47.46 18.20 -2.16
C ASP A 421 -48.03 19.37 -2.92
N SER A 422 -47.50 20.57 -2.72
CA SER A 422 -48.10 21.71 -3.39
C SER A 422 -47.81 21.75 -4.88
N ILE A 423 -46.75 21.08 -5.33
CA ILE A 423 -46.49 21.06 -6.76
C ILE A 423 -47.17 19.89 -7.43
N ASN A 424 -47.28 18.76 -6.73
CA ASN A 424 -47.96 17.60 -7.34
C ASN A 424 -49.45 17.70 -7.16
N GLY A 425 -49.90 18.64 -6.33
CA GLY A 425 -51.29 18.67 -5.84
C GLY A 425 -51.54 17.45 -4.93
N GLY A 426 -52.46 17.59 -3.97
CA GLY A 426 -52.80 16.47 -3.11
C GLY A 426 -52.08 16.51 -1.78
N GLU A 427 -52.15 15.42 -1.04
CA GLU A 427 -51.58 15.41 0.31
C GLU A 427 -50.71 14.18 0.56
N ALA A 428 -50.24 13.54 -0.51
CA ALA A 428 -49.74 12.20 -0.35
C ALA A 428 -48.45 12.20 0.49
N TYR A 429 -47.54 13.15 0.26
CA TYR A 429 -46.36 13.20 1.09
C TYR A 429 -46.62 13.54 2.55
N GLN A 430 -47.63 14.33 2.84
CA GLN A 430 -47.88 14.67 4.23
C GLN A 430 -48.44 13.51 5.01
N LYS A 431 -49.32 12.74 4.35
CA LYS A 431 -49.90 11.59 4.96
C LYS A 431 -48.79 10.65 5.34
N VAL A 432 -47.81 10.50 4.44
CA VAL A 432 -46.71 9.60 4.71
C VAL A 432 -45.90 9.97 5.97
N CYS A 433 -45.62 11.26 6.15
CA CYS A 433 -44.95 11.72 7.37
C CYS A 433 -45.74 11.40 8.61
N ASP A 434 -47.03 11.66 8.58
CA ASP A 434 -47.84 11.37 9.76
C ASP A 434 -47.91 9.91 10.05
N GLU A 435 -48.04 9.09 9.02
CA GLU A 435 -48.02 7.65 9.22
C GLU A 435 -46.69 7.26 9.84
N LEU A 436 -45.56 7.71 9.29
CA LEU A 436 -44.28 7.19 9.73
C LEU A 436 -43.81 7.73 11.09
N VAL A 437 -44.09 8.99 11.36
CA VAL A 437 -43.61 9.60 12.57
C VAL A 437 -44.18 8.85 13.75
N ALA A 438 -45.35 8.27 13.59
CA ALA A 438 -45.94 7.49 14.67
C ALA A 438 -45.01 6.32 15.11
N CYS A 439 -44.16 5.84 14.21
CA CYS A 439 -43.27 4.71 14.54
C CYS A 439 -42.24 5.02 15.59
N PHE A 440 -42.00 6.30 15.85
CA PHE A 440 -41.06 6.71 16.87
C PHE A 440 -41.69 6.65 18.24
N ASP A 441 -43.00 6.81 18.35
CA ASP A 441 -43.61 6.57 19.65
C ASP A 441 -44.00 5.15 19.90
N ASN A 442 -44.27 4.40 18.83
CA ASN A 442 -44.59 2.99 18.95
C ASN A 442 -43.76 2.14 17.97
N PRO A 443 -42.64 1.61 18.45
CA PRO A 443 -41.77 0.79 17.61
C PRO A 443 -42.47 -0.46 17.10
N ASP A 444 -43.55 -0.89 17.76
CA ASP A 444 -44.36 -1.98 17.25
C ASP A 444 -45.04 -1.73 15.92
N LEU A 445 -44.97 -0.49 15.42
CA LEU A 445 -45.51 -0.21 14.08
C LEU A 445 -44.51 -0.44 12.99
N THR A 446 -43.23 -0.65 13.33
CA THR A 446 -42.21 -0.71 12.28
C THR A 446 -42.28 -2.04 11.53
N PHE A 447 -41.74 -2.10 10.32
CA PHE A 447 -41.75 -3.35 9.58
C PHE A 447 -41.14 -4.48 10.38
N SER A 448 -40.09 -4.21 11.14
CA SER A 448 -39.37 -5.31 11.76
C SER A 448 -40.09 -5.88 12.97
N ALA A 449 -40.79 -5.03 13.73
CA ALA A 449 -41.67 -5.60 14.77
C ALA A 449 -42.77 -6.43 14.14
N ARG A 450 -43.36 -5.95 13.05
CA ARG A 450 -44.45 -6.68 12.43
C ARG A 450 -43.95 -8.03 11.92
N ILE A 451 -42.80 -8.03 11.26
CA ILE A 451 -42.36 -9.28 10.66
C ILE A 451 -41.78 -10.22 11.68
N LEU A 452 -41.22 -9.70 12.78
CA LEU A 452 -40.78 -10.59 13.87
C LEU A 452 -41.96 -11.34 14.49
N ARG A 453 -43.10 -10.68 14.69
CA ARG A 453 -44.27 -11.39 15.26
C ARG A 453 -44.67 -12.57 14.35
N SER A 454 -44.67 -12.29 13.06
CA SER A 454 -44.97 -13.30 12.12
C SER A 454 -43.94 -14.45 12.19
N MET A 455 -42.66 -14.12 12.12
CA MET A 455 -41.63 -15.16 12.23
C MET A 455 -41.63 -15.91 13.56
N ILE A 456 -42.01 -15.27 14.66
CA ILE A 456 -42.19 -16.08 15.84
C ILE A 456 -43.37 -17.08 15.77
N ASP A 457 -44.45 -16.73 15.11
CA ASP A 457 -45.59 -17.60 15.00
C ASP A 457 -45.33 -18.74 14.02
N THR A 458 -44.55 -18.53 12.97
CA THR A 458 -44.50 -19.56 11.93
C THR A 458 -43.09 -19.79 11.38
N GLY A 459 -42.06 -19.15 11.94
CA GLY A 459 -40.73 -19.30 11.42
C GLY A 459 -40.46 -18.35 10.25
N ILE A 460 -39.19 -18.21 9.92
CA ILE A 460 -38.83 -17.70 8.62
C ILE A 460 -39.46 -18.55 7.51
N GLY A 461 -39.31 -19.87 7.59
CA GLY A 461 -39.88 -20.71 6.56
C GLY A 461 -41.40 -20.54 6.43
N GLY A 462 -42.13 -20.65 7.55
CA GLY A 462 -43.56 -20.66 7.47
C GLY A 462 -44.06 -19.33 6.94
N THR A 463 -43.42 -18.24 7.39
CA THR A 463 -43.82 -16.89 7.06
C THR A 463 -43.58 -16.64 5.58
N GLY A 464 -42.40 -17.01 5.09
CA GLY A 464 -42.09 -16.91 3.68
C GLY A 464 -42.92 -17.81 2.77
N LYS A 465 -43.09 -19.09 3.12
CA LYS A 465 -44.00 -19.96 2.33
C LYS A 465 -45.38 -19.34 2.22
N ALA A 466 -45.92 -18.79 3.30
CA ALA A 466 -47.34 -18.36 3.28
C ALA A 466 -47.50 -17.05 2.47
N PHE A 467 -46.60 -16.09 2.66
CA PHE A 467 -46.68 -14.90 1.81
C PHE A 467 -46.44 -15.24 0.33
N ALA A 468 -45.50 -16.14 0.09
CA ALA A 468 -45.13 -16.45 -1.28
C ALA A 468 -46.37 -17.08 -2.00
N GLU A 469 -47.11 -17.93 -1.27
CA GLU A 469 -48.28 -18.53 -1.86
C GLU A 469 -49.33 -17.41 -2.10
N ALA A 470 -49.60 -16.61 -1.06
CA ALA A 470 -50.62 -15.59 -1.16
C ALA A 470 -50.22 -14.65 -2.28
N TYR A 471 -48.95 -14.29 -2.36
CA TYR A 471 -48.57 -13.31 -3.37
C TYR A 471 -48.62 -13.91 -4.77
N ARG A 472 -48.29 -15.20 -4.86
CA ARG A 472 -48.35 -15.91 -6.12
C ARG A 472 -49.78 -15.79 -6.65
N ASN A 473 -50.75 -15.97 -5.74
CA ASN A 473 -52.11 -16.01 -6.19
C ASN A 473 -52.64 -14.63 -6.57
N LEU A 474 -52.21 -13.53 -5.93
CA LEU A 474 -52.58 -12.20 -6.39
C LEU A 474 -51.97 -12.00 -7.75
N LEU A 475 -50.66 -12.22 -7.83
CA LEU A 475 -49.91 -11.78 -8.99
C LEU A 475 -50.31 -12.49 -10.25
N ARG A 476 -50.73 -13.74 -10.14
CA ARG A 476 -50.98 -14.48 -11.34
C ARG A 476 -52.42 -14.26 -11.85
N GLU A 477 -53.30 -13.66 -11.02
CA GLU A 477 -54.65 -13.35 -11.46
C GLU A 477 -54.78 -11.90 -11.93
N GLU A 478 -53.92 -11.01 -11.45
CA GLU A 478 -54.10 -9.61 -11.77
C GLU A 478 -53.81 -9.35 -13.24
N PRO A 479 -54.73 -8.69 -13.93
CA PRO A 479 -54.48 -8.20 -15.30
C PRO A 479 -53.25 -7.27 -15.34
N LEU A 480 -52.41 -7.45 -16.37
CA LEU A 480 -51.39 -6.51 -16.76
C LEU A 480 -51.97 -5.09 -16.98
N GLU A 481 -51.34 -4.05 -16.47
CA GLU A 481 -51.89 -2.71 -16.67
C GLU A 481 -51.15 -1.84 -17.66
N ILE A 482 -49.83 -1.89 -17.69
CA ILE A 482 -49.12 -1.05 -18.62
C ILE A 482 -48.54 -1.91 -19.72
N LEU A 483 -47.63 -2.81 -19.39
CA LEU A 483 -47.14 -3.78 -20.38
C LEU A 483 -48.26 -4.74 -20.69
N ARG A 484 -48.41 -5.16 -21.92
CA ARG A 484 -49.34 -6.22 -22.20
C ARG A 484 -48.54 -7.49 -22.45
N GLU A 485 -49.22 -8.61 -22.49
CA GLU A 485 -48.54 -9.85 -22.79
C GLU A 485 -47.63 -9.81 -24.04
N GLU A 486 -48.06 -9.18 -25.11
CA GLU A 486 -47.27 -9.18 -26.35
C GLU A 486 -45.97 -8.38 -26.17
N ASP A 487 -45.90 -7.53 -25.15
CA ASP A 487 -44.66 -6.83 -24.87
C ASP A 487 -43.66 -7.78 -24.24
N PHE A 488 -44.15 -8.67 -23.38
CA PHE A 488 -43.25 -9.65 -22.82
C PHE A 488 -42.76 -10.58 -23.88
N VAL A 489 -43.61 -10.89 -24.84
CA VAL A 489 -43.21 -11.86 -25.84
C VAL A 489 -42.20 -11.23 -26.78
N ALA A 490 -42.49 -10.00 -27.18
CA ALA A 490 -41.55 -9.27 -28.02
C ALA A 490 -40.19 -9.15 -27.32
N GLU A 491 -40.18 -8.73 -26.05
CA GLU A 491 -38.91 -8.56 -25.36
C GLU A 491 -38.18 -9.90 -25.11
N ARG A 492 -38.91 -11.00 -24.94
CA ARG A 492 -38.27 -12.27 -24.89
C ARG A 492 -37.52 -12.51 -26.20
N GLU A 493 -38.21 -12.36 -27.32
CA GLU A 493 -37.60 -12.65 -28.62
C GLU A 493 -36.39 -11.77 -28.87
N ALA A 494 -36.53 -10.48 -28.62
CA ALA A 494 -35.43 -9.55 -28.82
C ALA A 494 -34.24 -9.78 -27.90
N SER A 495 -34.50 -10.26 -26.68
CA SER A 495 -33.39 -10.42 -25.75
C SER A 495 -32.62 -11.64 -26.22
N GLU A 496 -33.34 -12.69 -26.63
CA GLU A 496 -32.71 -13.93 -27.06
C GLU A 496 -31.86 -13.65 -28.30
N ARG A 497 -32.41 -12.84 -29.17
CA ARG A 497 -31.69 -12.47 -30.36
C ARG A 497 -30.40 -11.68 -30.05
N ARG A 498 -30.46 -10.72 -29.14
CA ARG A 498 -29.24 -10.00 -28.81
C ARG A 498 -28.21 -10.95 -28.22
N GLN A 499 -28.68 -11.98 -27.52
CA GLN A 499 -27.74 -12.95 -27.01
C GLN A 499 -27.14 -13.83 -28.14
N GLN A 500 -27.96 -14.38 -29.03
CA GLN A 500 -27.43 -15.06 -30.21
C GLN A 500 -26.40 -14.17 -30.94
N GLU A 501 -26.70 -12.88 -31.10
CA GLU A 501 -25.76 -12.03 -31.78
C GLU A 501 -24.43 -11.86 -31.07
N MET A 502 -24.43 -11.63 -29.76
CA MET A 502 -23.17 -11.56 -29.04
C MET A 502 -22.45 -12.89 -29.16
N GLU A 503 -23.18 -14.00 -29.18
CA GLU A 503 -22.49 -15.29 -29.19
C GLU A 503 -21.79 -15.48 -30.51
N ALA A 504 -22.40 -15.02 -31.60
CA ALA A 504 -21.92 -15.22 -32.95
C ALA A 504 -20.76 -14.24 -33.25
N ALA A 505 -20.78 -13.06 -32.64
CA ALA A 505 -19.79 -12.03 -32.89
C ALA A 505 -18.47 -12.30 -32.22
N ASP A 506 -18.45 -13.10 -31.14
CA ASP A 506 -17.16 -13.34 -30.51
C ASP A 506 -16.17 -13.86 -31.55
N THR A 507 -14.93 -13.40 -31.50
CA THR A 507 -13.92 -13.96 -32.39
C THR A 507 -12.77 -14.60 -31.64
N GLU A 508 -12.52 -14.16 -30.42
CA GLU A 508 -11.44 -14.74 -29.62
C GLU A 508 -12.00 -15.75 -28.64
N PRO A 509 -11.27 -16.82 -28.39
CA PRO A 509 -11.66 -17.68 -27.28
C PRO A 509 -11.58 -16.98 -25.92
N PHE A 510 -12.46 -17.39 -25.02
CA PHE A 510 -12.61 -16.75 -23.73
C PHE A 510 -11.27 -16.52 -23.03
N ALA A 511 -10.44 -17.54 -22.96
CA ALA A 511 -9.11 -17.40 -22.36
C ALA A 511 -8.33 -16.22 -22.91
N VAL A 512 -8.34 -16.05 -24.23
CA VAL A 512 -7.58 -14.97 -24.84
C VAL A 512 -8.26 -13.66 -24.53
N TRP A 513 -9.55 -13.58 -24.80
CA TRP A 513 -10.36 -12.40 -24.50
C TRP A 513 -10.21 -11.96 -23.04
N LEU A 514 -10.17 -12.94 -22.15
CA LEU A 514 -10.17 -12.67 -20.72
C LEU A 514 -8.89 -11.95 -20.36
N GLU A 515 -7.77 -12.48 -20.84
CA GLU A 515 -6.47 -11.82 -20.68
C GLU A 515 -6.48 -10.33 -21.09
N LYS A 516 -7.60 -9.79 -21.58
CA LYS A 516 -7.65 -8.34 -21.84
C LYS A 516 -8.78 -7.59 -21.11
N HIS A 517 -9.34 -8.19 -20.06
CA HIS A 517 -10.35 -7.52 -19.23
C HIS A 517 -10.21 -7.97 -17.79
N ALA A 518 -9.23 -8.85 -17.51
CA ALA A 518 -9.08 -9.56 -16.21
C ALA A 518 -8.61 -8.74 -14.98
N MET B 1 16.92 9.89 -10.65
CA MET B 1 16.80 10.34 -12.06
C MET B 1 16.30 11.77 -12.09
N ILE B 2 15.34 12.10 -11.23
CA ILE B 2 14.92 13.48 -11.05
C ILE B 2 16.01 14.22 -10.27
N PRO B 3 16.50 15.34 -10.84
CA PRO B 3 17.57 16.14 -10.21
C PRO B 3 17.12 16.57 -8.84
N ASP B 4 18.08 16.96 -8.03
CA ASP B 4 17.74 17.49 -6.74
C ASP B 4 17.57 19.01 -6.93
N VAL B 5 16.45 19.53 -6.46
CA VAL B 5 16.09 20.90 -6.74
C VAL B 5 15.80 21.62 -5.42
N SER B 6 16.32 21.09 -4.33
CA SER B 6 16.19 21.69 -2.99
C SER B 6 16.54 23.17 -2.88
N GLN B 7 17.69 23.59 -3.40
CA GLN B 7 18.09 25.00 -3.23
C GLN B 7 17.10 25.90 -3.96
N ALA B 8 16.71 25.50 -5.16
CA ALA B 8 15.83 26.35 -5.94
C ALA B 8 14.45 26.42 -5.29
N LEU B 9 14.04 25.32 -4.65
CA LEU B 9 12.74 25.27 -3.97
C LEU B 9 12.76 26.06 -2.67
N ALA B 10 13.88 26.00 -1.97
CA ALA B 10 14.05 26.79 -0.76
C ALA B 10 14.02 28.26 -1.16
N TRP B 11 14.73 28.58 -2.24
CA TRP B 11 14.69 29.93 -2.77
C TRP B 11 13.25 30.34 -3.05
N LEU B 12 12.52 29.50 -3.76
CA LEU B 12 11.14 29.83 -4.09
C LEU B 12 10.27 30.06 -2.85
N GLU B 13 10.33 29.15 -1.89
CA GLU B 13 9.49 29.26 -0.71
C GLU B 13 9.78 30.57 0.04
N LYS B 14 10.93 31.18 -0.22
CA LYS B 14 11.27 32.49 0.36
C LYS B 14 10.70 33.66 -0.48
N HIS B 15 10.60 33.49 -1.79
CA HIS B 15 10.17 34.58 -2.64
C HIS B 15 8.86 34.24 -3.33
N PRO B 16 7.79 34.00 -2.56
CA PRO B 16 6.54 33.50 -3.09
C PRO B 16 6.05 34.38 -4.23
N GLN B 17 6.25 35.68 -4.08
CA GLN B 17 5.64 36.62 -4.99
C GLN B 17 6.35 36.60 -6.33
N ALA B 18 7.49 35.92 -6.40
CA ALA B 18 8.16 35.72 -7.65
C ALA B 18 7.26 35.04 -8.72
N LEU B 19 6.15 34.44 -8.32
CA LEU B 19 5.31 33.74 -9.29
C LEU B 19 3.98 34.43 -9.55
N LYS B 20 3.74 35.58 -8.93
CA LYS B 20 2.45 36.24 -9.14
C LYS B 20 2.43 36.84 -10.55
N GLY B 21 1.47 36.41 -11.37
CA GLY B 21 1.24 37.03 -12.68
C GLY B 21 1.71 36.24 -13.88
N ILE B 22 1.73 34.90 -13.74
CA ILE B 22 1.97 34.02 -14.87
C ILE B 22 0.96 34.31 -15.98
N GLN B 23 1.41 34.25 -17.24
CA GLN B 23 0.52 34.52 -18.36
C GLN B 23 0.37 33.24 -19.21
N ARG B 24 -0.81 33.02 -19.76
CA ARG B 24 -1.09 31.77 -20.45
C ARG B 24 -1.95 32.04 -21.65
N GLY B 25 -1.84 31.21 -22.68
CA GLY B 25 -2.81 31.23 -23.74
C GLY B 25 -2.99 29.81 -24.25
N LEU B 26 -4.18 29.48 -24.74
CA LEU B 26 -4.44 28.17 -25.30
C LEU B 26 -4.81 28.23 -26.80
N GLU B 27 -4.33 27.24 -27.56
CA GLU B 27 -4.83 26.97 -28.89
C GLU B 27 -5.49 25.58 -28.85
N ARG B 28 -6.64 25.45 -29.48
CA ARG B 28 -7.29 24.17 -29.56
C ARG B 28 -7.85 23.95 -30.96
N GLU B 29 -7.45 22.84 -31.57
CA GLU B 29 -7.83 22.51 -32.93
C GLU B 29 -8.91 21.43 -32.95
N THR B 30 -9.85 21.49 -33.89
CA THR B 30 -10.86 20.44 -34.03
C THR B 30 -11.40 20.39 -35.45
N LEU B 31 -11.62 19.19 -35.98
CA LEU B 31 -12.19 19.05 -37.28
C LEU B 31 -13.70 19.28 -37.29
N ARG B 32 -14.19 19.96 -38.33
CA ARG B 32 -15.63 20.10 -38.55
C ARG B 32 -16.14 18.85 -39.24
N VAL B 33 -17.04 18.14 -38.56
CA VAL B 33 -17.53 16.88 -39.08
C VAL B 33 -19.04 16.81 -39.05
N ASN B 34 -19.58 15.92 -39.87
CA ASN B 34 -21.03 15.58 -39.86
C ASN B 34 -21.36 14.54 -38.76
N ALA B 35 -22.64 14.38 -38.47
CA ALA B 35 -23.10 13.41 -37.48
C ALA B 35 -22.57 12.06 -37.83
N ASP B 36 -22.24 11.79 -39.08
CA ASP B 36 -21.72 10.47 -39.37
C ASP B 36 -20.21 10.38 -39.19
N GLY B 37 -19.61 11.50 -38.78
CA GLY B 37 -18.17 11.52 -38.49
C GLY B 37 -17.27 11.90 -39.66
N THR B 38 -17.82 11.91 -40.88
CA THR B 38 -17.03 12.26 -42.05
C THR B 38 -16.73 13.75 -42.06
N LEU B 39 -15.67 14.09 -42.78
CA LEU B 39 -15.17 15.44 -42.81
C LEU B 39 -16.10 16.35 -43.60
N ALA B 40 -16.56 17.41 -42.91
CA ALA B 40 -17.40 18.45 -43.49
C ALA B 40 -16.64 19.09 -44.64
N THR B 41 -17.32 19.27 -45.79
CA THR B 41 -16.67 19.90 -46.92
C THR B 41 -17.26 21.26 -47.24
N THR B 42 -18.09 21.80 -46.35
CA THR B 42 -18.48 23.21 -46.43
C THR B 42 -17.29 24.14 -46.18
N GLY B 43 -17.49 25.44 -46.34
CA GLY B 43 -16.41 26.42 -46.11
C GLY B 43 -16.35 26.83 -44.64
N HIS B 44 -15.29 27.55 -44.28
CA HIS B 44 -15.19 28.12 -42.95
C HIS B 44 -16.54 28.75 -42.64
N PRO B 45 -17.18 28.33 -41.55
CA PRO B 45 -18.50 28.89 -41.23
C PRO B 45 -18.57 30.42 -41.29
N GLU B 46 -19.58 30.92 -41.97
CA GLU B 46 -19.80 32.36 -42.21
C GLU B 46 -19.82 33.26 -41.00
N ALA B 47 -20.43 32.81 -39.91
CA ALA B 47 -20.51 33.63 -38.71
C ALA B 47 -19.13 33.95 -38.16
N LEU B 48 -18.12 33.17 -38.54
CA LEU B 48 -16.76 33.41 -38.07
C LEU B 48 -15.95 34.39 -38.94
N GLY B 49 -16.45 34.79 -40.11
CA GLY B 49 -15.71 35.75 -40.94
C GLY B 49 -14.42 35.20 -41.54
N SER B 50 -13.35 36.00 -41.56
CA SER B 50 -12.10 35.63 -42.22
C SER B 50 -11.13 34.79 -41.36
N ALA B 51 -10.92 33.54 -41.72
CA ALA B 51 -9.97 32.74 -40.98
C ALA B 51 -8.59 33.44 -40.96
N LEU B 52 -8.32 34.20 -42.01
CA LEU B 52 -7.04 34.84 -42.20
C LEU B 52 -6.69 35.93 -41.18
N THR B 53 -7.69 36.66 -40.66
CA THR B 53 -7.39 37.88 -39.91
C THR B 53 -8.10 37.90 -38.58
N HIS B 54 -9.10 37.04 -38.43
CA HIS B 54 -9.90 36.99 -37.20
C HIS B 54 -8.98 36.85 -35.98
N LYS B 55 -9.42 37.41 -34.87
CA LYS B 55 -8.59 37.48 -33.70
C LYS B 55 -8.56 36.22 -32.83
N TRP B 56 -9.65 35.45 -32.81
CA TRP B 56 -9.78 34.33 -31.87
C TRP B 56 -10.08 32.99 -32.52
N ILE B 57 -10.63 33.02 -33.71
CA ILE B 57 -10.98 31.79 -34.38
C ILE B 57 -10.38 31.85 -35.75
N THR B 58 -9.83 30.72 -36.18
CA THR B 58 -9.14 30.65 -37.46
C THR B 58 -9.15 29.20 -37.91
N THR B 59 -8.40 28.90 -38.96
CA THR B 59 -8.27 27.51 -39.36
C THR B 59 -6.81 27.12 -39.22
N ASP B 60 -6.51 25.83 -39.25
CA ASP B 60 -5.12 25.42 -39.24
C ASP B 60 -4.73 24.96 -40.65
N PHE B 61 -4.39 23.69 -40.81
CA PHE B 61 -3.98 23.18 -42.12
C PHE B 61 -5.12 23.12 -43.15
N ALA B 62 -6.27 22.59 -42.74
CA ALA B 62 -7.42 22.31 -43.60
C ALA B 62 -8.54 23.34 -43.44
N GLU B 63 -9.31 23.56 -44.50
CA GLU B 63 -10.48 24.41 -44.42
C GLU B 63 -11.43 23.90 -43.34
N ALA B 64 -11.45 22.58 -43.13
CA ALA B 64 -12.33 21.99 -42.09
C ALA B 64 -11.68 21.86 -40.71
N LEU B 65 -10.41 22.24 -40.58
CA LEU B 65 -9.77 22.17 -39.26
C LEU B 65 -9.86 23.50 -38.52
N LEU B 66 -10.86 23.63 -37.66
CA LEU B 66 -11.02 24.82 -36.84
C LEU B 66 -9.90 24.97 -35.80
N GLU B 67 -9.60 26.20 -35.43
CA GLU B 67 -8.68 26.41 -34.33
C GLU B 67 -9.14 27.59 -33.50
N PHE B 68 -9.26 27.39 -32.19
CA PHE B 68 -9.57 28.45 -31.26
C PHE B 68 -8.31 28.93 -30.54
N ILE B 69 -8.14 30.25 -30.44
CA ILE B 69 -6.97 30.84 -29.80
C ILE B 69 -7.43 31.85 -28.76
N THR B 70 -6.99 31.68 -27.51
CA THR B 70 -7.35 32.69 -26.53
C THR B 70 -6.26 33.71 -26.47
N PRO B 71 -6.66 34.95 -26.26
CA PRO B 71 -5.70 36.04 -26.14
C PRO B 71 -5.03 35.95 -24.76
N VAL B 72 -3.72 36.25 -24.69
CA VAL B 72 -2.91 36.05 -23.48
C VAL B 72 -3.61 36.62 -22.26
N ASP B 73 -3.56 35.90 -21.15
CA ASP B 73 -4.41 36.14 -20.01
C ASP B 73 -3.72 35.61 -18.76
N GLY B 74 -3.97 36.27 -17.63
CA GLY B 74 -3.41 35.86 -16.36
C GLY B 74 -4.33 35.06 -15.47
N ASP B 75 -5.61 34.91 -15.86
CA ASP B 75 -6.56 34.20 -15.01
C ASP B 75 -7.02 32.89 -15.65
N ILE B 76 -6.91 31.78 -14.91
CA ILE B 76 -7.18 30.46 -15.49
C ILE B 76 -8.67 30.32 -15.76
N GLU B 77 -9.49 30.55 -14.75
CA GLU B 77 -10.93 30.50 -14.98
C GLU B 77 -11.30 31.40 -16.19
N HIS B 78 -10.78 32.62 -16.22
CA HIS B 78 -11.15 33.55 -17.28
C HIS B 78 -10.77 32.98 -18.64
N MET B 79 -9.53 32.55 -18.77
CA MET B 79 -9.07 31.90 -19.98
C MET B 79 -9.96 30.69 -20.39
N LEU B 80 -10.28 29.82 -19.45
CA LEU B 80 -11.07 28.65 -19.83
C LEU B 80 -12.48 29.07 -20.29
N THR B 81 -13.08 30.03 -19.58
CA THR B 81 -14.39 30.49 -19.94
C THR B 81 -14.35 31.09 -21.33
N PHE B 82 -13.32 31.90 -21.60
CA PHE B 82 -13.19 32.54 -22.90
C PHE B 82 -13.12 31.50 -24.01
N MET B 83 -12.21 30.53 -23.88
CA MET B 83 -12.14 29.41 -24.83
C MET B 83 -13.52 28.75 -25.04
N ARG B 84 -14.26 28.61 -23.94
CA ARG B 84 -15.59 27.97 -24.00
C ARG B 84 -16.61 28.84 -24.76
N ASP B 85 -16.60 30.13 -24.53
CA ASP B 85 -17.43 31.04 -25.33
C ASP B 85 -17.21 30.85 -26.85
N LEU B 86 -15.95 30.74 -27.28
CA LEU B 86 -15.66 30.56 -28.68
C LEU B 86 -16.34 29.28 -29.21
N HIS B 87 -16.27 28.21 -28.42
CA HIS B 87 -16.86 26.94 -28.77
C HIS B 87 -18.38 27.04 -28.82
N ARG B 88 -18.97 27.72 -27.86
CA ARG B 88 -20.41 27.82 -27.75
C ARG B 88 -20.93 28.45 -29.01
N TYR B 89 -20.30 29.58 -29.35
CA TYR B 89 -20.75 30.37 -30.45
C TYR B 89 -20.64 29.56 -31.72
N THR B 90 -19.49 28.92 -31.87
CA THR B 90 -19.24 28.16 -33.07
C THR B 90 -20.24 27.01 -33.19
N ALA B 91 -20.49 26.34 -32.08
CA ALA B 91 -21.33 25.17 -32.13
C ALA B 91 -22.73 25.52 -32.62
N ARG B 92 -23.13 26.78 -32.45
CA ARG B 92 -24.49 27.20 -32.78
C ARG B 92 -24.56 27.71 -34.22
N ASN B 93 -23.43 27.79 -34.88
CA ASN B 93 -23.36 28.51 -36.13
C ASN B 93 -22.63 27.69 -37.16
N MET B 94 -22.87 26.39 -37.13
CA MET B 94 -22.20 25.53 -38.10
C MET B 94 -23.16 24.47 -38.65
N GLY B 95 -24.46 24.82 -38.70
CA GLY B 95 -25.48 23.92 -39.20
C GLY B 95 -25.52 22.65 -38.40
N ASP B 96 -25.52 21.49 -39.07
CA ASP B 96 -25.63 20.23 -38.34
C ASP B 96 -24.25 19.60 -38.08
N GLU B 97 -23.21 20.39 -38.31
CA GLU B 97 -21.85 19.93 -38.12
C GLU B 97 -21.42 20.00 -36.67
N ARG B 98 -20.51 19.14 -36.26
CA ARG B 98 -20.03 19.23 -34.90
C ARG B 98 -18.49 19.10 -34.85
N MET B 99 -17.91 19.17 -33.65
CA MET B 99 -16.47 19.26 -33.52
C MET B 99 -15.90 17.93 -33.10
N TRP B 100 -14.98 17.40 -33.88
CA TRP B 100 -14.48 16.08 -33.55
C TRP B 100 -13.67 16.24 -32.26
N PRO B 101 -13.86 15.36 -31.29
CA PRO B 101 -13.39 15.56 -29.92
C PRO B 101 -12.13 14.77 -29.51
N LEU B 102 -11.42 14.18 -30.47
CA LEU B 102 -10.25 13.37 -30.20
C LEU B 102 -9.11 13.88 -31.08
N SER B 103 -7.85 13.61 -30.68
CA SER B 103 -6.72 13.96 -31.52
C SER B 103 -6.75 13.22 -32.85
N MET B 104 -6.98 11.91 -32.81
CA MET B 104 -6.96 11.09 -34.01
C MET B 104 -8.31 11.06 -34.69
N PRO B 105 -8.34 11.32 -36.02
CA PRO B 105 -9.61 11.22 -36.73
C PRO B 105 -9.88 9.76 -37.06
N SER B 106 -11.10 9.47 -37.49
CA SER B 106 -11.44 8.09 -37.83
C SER B 106 -11.89 7.92 -39.26
N TYR B 107 -12.74 8.83 -39.76
CA TYR B 107 -13.30 8.63 -41.10
C TYR B 107 -12.56 9.42 -42.15
N ILE B 108 -11.24 9.29 -42.19
CA ILE B 108 -10.48 10.00 -43.19
C ILE B 108 -9.57 9.03 -43.91
N ALA B 109 -9.69 8.94 -45.23
CA ALA B 109 -8.91 7.94 -45.98
C ALA B 109 -7.51 8.47 -46.27
N GLU B 110 -6.55 7.56 -46.51
CA GLU B 110 -5.23 8.00 -47.00
C GLU B 110 -5.41 8.61 -48.37
N GLY B 111 -4.67 9.70 -48.59
CA GLY B 111 -4.77 10.42 -49.85
C GLY B 111 -6.13 11.04 -50.07
N GLN B 112 -7.00 10.99 -49.07
CA GLN B 112 -8.27 11.72 -49.19
C GLN B 112 -7.99 13.16 -49.64
N ASP B 113 -8.77 13.63 -50.59
CA ASP B 113 -8.61 14.98 -51.05
C ASP B 113 -9.19 15.99 -50.04
N ILE B 114 -8.38 16.43 -49.09
CA ILE B 114 -8.89 17.38 -48.10
C ILE B 114 -8.68 18.80 -48.60
N GLU B 115 -9.73 19.62 -48.54
CA GLU B 115 -9.56 21.00 -48.92
C GLU B 115 -8.63 21.78 -47.98
N LEU B 116 -7.51 22.28 -48.52
CA LEU B 116 -6.57 23.13 -47.79
C LEU B 116 -7.25 24.40 -47.29
N ALA B 117 -6.78 24.94 -46.18
CA ALA B 117 -7.38 26.17 -45.67
C ALA B 117 -7.35 27.20 -46.78
N GLN B 118 -8.45 27.92 -46.92
CA GLN B 118 -8.60 28.93 -47.95
C GLN B 118 -8.53 30.30 -47.32
N TYR B 119 -7.60 31.16 -47.78
CA TYR B 119 -7.53 32.50 -47.22
C TYR B 119 -7.76 33.64 -48.20
N GLY B 120 -8.19 33.33 -49.43
CA GLY B 120 -8.50 34.42 -50.34
C GLY B 120 -7.38 34.76 -51.30
N THR B 121 -7.49 35.91 -51.96
CA THR B 121 -6.64 36.22 -53.12
C THR B 121 -5.46 37.12 -52.81
N SER B 122 -5.39 37.63 -51.58
CA SER B 122 -4.23 38.43 -51.17
C SER B 122 -2.95 37.61 -51.18
N ASN B 123 -1.82 38.29 -51.31
CA ASN B 123 -0.57 37.59 -51.38
C ASN B 123 -0.33 36.76 -50.12
N THR B 124 -0.61 37.36 -48.96
CA THR B 124 -0.42 36.66 -47.71
C THR B 124 -1.27 35.36 -47.70
N GLY B 125 -2.56 35.51 -47.98
CA GLY B 125 -3.46 34.37 -48.03
C GLY B 125 -2.94 33.27 -48.92
N ARG B 126 -2.54 33.63 -50.12
CA ARG B 126 -2.09 32.64 -51.08
C ARG B 126 -0.79 31.98 -50.65
N PHE B 127 0.01 32.74 -49.93
CA PHE B 127 1.23 32.19 -49.35
C PHE B 127 0.89 31.12 -48.28
N LYS B 128 0.03 31.48 -47.34
CA LYS B 128 -0.44 30.55 -46.34
C LYS B 128 -1.03 29.27 -46.99
N THR B 129 -1.87 29.44 -48.02
CA THR B 129 -2.43 28.26 -48.67
C THR B 129 -1.35 27.45 -49.37
N LEU B 130 -0.34 28.15 -49.88
CA LEU B 130 0.74 27.46 -50.60
C LEU B 130 1.62 26.68 -49.64
N TYR B 131 1.93 27.29 -48.51
CA TYR B 131 2.62 26.56 -47.47
C TYR B 131 1.95 25.18 -47.26
N ARG B 132 0.62 25.20 -47.11
CA ARG B 132 -0.14 23.97 -46.87
C ARG B 132 -0.04 22.99 -48.03
N GLU B 133 -0.14 23.51 -49.25
CA GLU B 133 0.07 22.71 -50.45
C GLU B 133 1.43 22.03 -50.30
N GLY B 134 2.44 22.77 -49.83
CA GLY B 134 3.77 22.20 -49.57
C GLY B 134 3.73 21.07 -48.56
N LEU B 135 3.15 21.34 -47.39
CA LEU B 135 3.04 20.30 -46.38
C LEU B 135 2.28 19.13 -46.96
N LYS B 136 1.17 19.40 -47.66
CA LYS B 136 0.42 18.28 -48.25
C LYS B 136 1.33 17.45 -49.15
N ASN B 137 2.12 18.11 -49.99
CA ASN B 137 2.93 17.34 -50.90
C ASN B 137 4.11 16.64 -50.23
N ARG B 138 4.58 17.20 -49.12
CA ARG B 138 5.75 16.64 -48.44
C ARG B 138 5.39 15.52 -47.50
N TYR B 139 4.23 15.60 -46.86
CA TYR B 139 3.91 14.60 -45.83
C TYR B 139 2.56 13.94 -45.94
N GLY B 140 1.74 14.38 -46.89
CA GLY B 140 0.38 13.90 -47.04
C GLY B 140 -0.57 14.71 -46.17
N ALA B 141 -1.79 14.90 -46.65
CA ALA B 141 -2.78 15.66 -45.90
C ALA B 141 -3.25 14.89 -44.65
N LEU B 142 -3.23 13.55 -44.73
CA LEU B 142 -3.83 12.78 -43.66
C LEU B 142 -3.27 13.21 -42.30
N MET B 143 -1.95 13.17 -42.19
CA MET B 143 -1.27 13.52 -40.95
C MET B 143 -1.68 14.87 -40.38
N GLN B 144 -2.02 15.81 -41.24
CA GLN B 144 -2.30 17.17 -40.82
C GLN B 144 -3.68 17.29 -40.20
N THR B 145 -4.44 16.21 -40.17
CA THR B 145 -5.79 16.31 -39.64
C THR B 145 -5.83 15.83 -38.19
N ILE B 146 -4.71 15.28 -37.72
CA ILE B 146 -4.51 14.95 -36.33
C ILE B 146 -4.50 16.27 -35.59
N SER B 147 -5.24 16.40 -34.51
CA SER B 147 -5.31 17.71 -33.83
C SER B 147 -4.82 17.67 -32.37
N GLY B 148 -4.65 18.86 -31.79
CA GLY B 148 -3.93 18.96 -30.52
C GLY B 148 -4.26 20.22 -29.80
N VAL B 149 -3.75 20.38 -28.58
CA VAL B 149 -3.89 21.62 -27.83
C VAL B 149 -2.50 22.16 -27.61
N HIS B 150 -2.33 23.47 -27.64
CA HIS B 150 -1.06 24.08 -27.28
C HIS B 150 -1.25 24.96 -26.07
N TYR B 151 -0.32 24.84 -25.16
CA TYR B 151 -0.38 25.60 -23.94
C TYR B 151 0.80 26.58 -23.98
N ASN B 152 0.48 27.85 -23.91
CA ASN B 152 1.48 28.89 -24.06
C ASN B 152 1.62 29.59 -22.72
N PHE B 153 2.87 29.81 -22.30
CA PHE B 153 3.16 30.10 -20.90
C PHE B 153 4.33 31.06 -20.76
N SER B 154 4.20 32.06 -19.91
CA SER B 154 5.35 32.88 -19.53
C SER B 154 5.28 33.24 -18.06
N LEU B 155 6.47 33.31 -17.46
CA LEU B 155 6.68 33.63 -16.08
C LEU B 155 6.64 35.12 -16.02
N PRO B 156 6.30 35.71 -14.88
CA PRO B 156 6.21 37.17 -14.89
C PRO B 156 7.59 37.78 -14.68
N MET B 157 7.75 39.07 -14.98
CA MET B 157 9.05 39.73 -14.73
C MET B 157 9.48 39.59 -13.26
N ALA B 158 8.52 39.72 -12.34
CA ALA B 158 8.79 39.51 -10.93
C ALA B 158 9.65 38.26 -10.69
N PHE B 159 9.50 37.24 -11.54
CA PHE B 159 10.28 36.03 -11.38
C PHE B 159 11.76 36.25 -11.68
N TRP B 160 12.08 36.83 -12.82
CA TRP B 160 13.48 37.03 -13.20
C TRP B 160 14.18 38.02 -12.28
N GLN B 161 13.44 39.06 -11.86
CA GLN B 161 13.94 40.10 -10.96
C GLN B 161 14.40 39.52 -9.65
N ALA B 162 13.68 38.53 -9.15
CA ALA B 162 14.05 37.93 -7.90
C ALA B 162 15.17 36.90 -8.06
N LYS B 163 15.31 36.32 -9.25
CA LYS B 163 16.20 35.17 -9.41
C LYS B 163 17.68 35.57 -9.39
N SER B 164 17.94 36.86 -9.13
CA SER B 164 19.31 37.41 -9.21
C SER B 164 19.36 38.88 -8.74
N ALA B 172 19.13 41.19 -18.07
CA ALA B 172 17.79 40.63 -18.15
C ALA B 172 17.50 39.87 -19.47
N LYS B 173 17.17 40.59 -20.54
CA LYS B 173 16.74 39.94 -21.79
C LYS B 173 17.47 38.61 -22.08
N GLU B 174 18.76 38.55 -21.78
CA GLU B 174 19.56 37.36 -22.10
C GLU B 174 19.45 36.28 -20.99
N LYS B 175 19.19 36.74 -19.77
CA LYS B 175 18.88 35.89 -18.63
C LYS B 175 17.56 35.14 -18.87
N ILE B 176 16.56 35.90 -19.33
CA ILE B 176 15.28 35.33 -19.66
C ILE B 176 15.37 34.26 -20.73
N SER B 177 16.15 34.50 -21.77
CA SER B 177 16.30 33.48 -22.80
C SER B 177 17.04 32.26 -22.26
N ALA B 178 18.00 32.46 -21.38
CA ALA B 178 18.73 31.34 -20.85
C ALA B 178 17.79 30.51 -19.95
N GLY B 179 16.93 31.23 -19.21
CA GLY B 179 15.91 30.61 -18.40
C GLY B 179 14.94 29.72 -19.19
N TYR B 180 14.38 30.26 -20.28
CA TYR B 180 13.48 29.45 -21.12
C TYR B 180 14.20 28.32 -21.84
N PHE B 181 15.51 28.47 -22.05
CA PHE B 181 16.22 27.39 -22.65
C PHE B 181 16.44 26.30 -21.65
N ARG B 182 16.71 26.69 -20.41
CA ARG B 182 16.74 25.73 -19.32
C ARG B 182 15.33 25.03 -19.24
N VAL B 183 14.23 25.81 -19.29
CA VAL B 183 12.92 25.18 -19.36
C VAL B 183 12.87 24.14 -20.47
N ILE B 184 13.30 24.48 -21.68
CA ILE B 184 13.18 23.57 -22.82
C ILE B 184 14.04 22.31 -22.65
N ARG B 185 15.24 22.46 -22.09
CA ARG B 185 16.08 21.31 -21.93
C ARG B 185 15.48 20.35 -20.89
N ASN B 186 14.97 20.92 -19.81
CA ASN B 186 14.25 20.17 -18.80
C ASN B 186 13.02 19.46 -19.39
N TYR B 187 12.32 20.15 -20.28
CA TYR B 187 11.10 19.59 -20.85
C TYR B 187 11.49 18.36 -21.69
N TYR B 188 12.58 18.46 -22.46
CA TYR B 188 13.01 17.31 -23.25
C TYR B 188 13.36 16.11 -22.34
N ARG B 189 13.94 16.40 -21.18
CA ARG B 189 14.36 15.37 -20.27
C ARG B 189 13.18 14.72 -19.56
N PHE B 190 12.20 15.53 -19.16
CA PHE B 190 11.14 15.06 -18.30
C PHE B 190 9.70 15.22 -18.79
N GLY B 191 9.52 15.86 -19.95
CA GLY B 191 8.18 16.22 -20.38
C GLY B 191 7.31 15.03 -20.76
N TRP B 192 7.89 13.84 -20.85
CA TRP B 192 7.11 12.65 -21.20
C TRP B 192 6.07 12.42 -20.14
N VAL B 193 6.15 13.17 -19.05
CA VAL B 193 5.18 13.02 -17.97
C VAL B 193 3.82 13.51 -18.46
N ILE B 194 3.86 14.44 -19.41
CA ILE B 194 2.63 14.94 -20.01
C ILE B 194 1.80 13.89 -20.76
N PRO B 195 2.39 13.24 -21.79
CA PRO B 195 1.60 12.20 -22.46
C PRO B 195 1.28 11.03 -21.52
N TYR B 196 2.05 10.83 -20.47
CA TYR B 196 1.72 9.79 -19.52
C TYR B 196 0.38 10.11 -18.90
N LEU B 197 0.22 11.33 -18.40
CA LEU B 197 -0.99 11.72 -17.68
C LEU B 197 -2.15 11.98 -18.63
N PHE B 198 -1.86 12.62 -19.76
CA PHE B 198 -2.89 13.23 -20.59
C PHE B 198 -2.86 12.75 -22.03
N GLY B 199 -1.92 11.89 -22.39
CA GLY B 199 -2.03 11.29 -23.70
C GLY B 199 -3.43 10.69 -23.82
N ALA B 200 -4.05 10.85 -24.99
CA ALA B 200 -5.41 10.37 -25.27
C ALA B 200 -5.56 9.91 -26.72
N SER B 201 -4.58 9.14 -27.19
CA SER B 201 -4.61 8.57 -28.51
C SER B 201 -3.84 7.24 -28.51
N PRO B 202 -4.35 6.25 -27.78
CA PRO B 202 -3.64 4.97 -27.77
C PRO B 202 -4.02 4.08 -28.94
N ALA B 203 -5.02 4.52 -29.72
CA ALA B 203 -5.43 3.78 -30.92
C ALA B 203 -5.32 4.67 -32.14
N ILE B 204 -5.24 4.06 -33.32
CA ILE B 204 -5.00 4.78 -34.56
C ILE B 204 -5.81 4.08 -35.64
N SER B 205 -6.45 4.83 -36.54
CA SER B 205 -7.23 4.11 -37.57
C SER B 205 -6.26 3.55 -38.62
N SER B 206 -6.71 2.56 -39.39
CA SER B 206 -5.77 1.92 -40.33
C SER B 206 -5.28 2.85 -41.43
N SER B 207 -5.98 3.96 -41.62
CA SER B 207 -5.61 4.93 -42.64
C SER B 207 -4.19 5.39 -42.48
N PHE B 208 -3.74 5.48 -41.24
CA PHE B 208 -2.41 5.97 -40.95
C PHE B 208 -1.34 4.88 -41.08
N LEU B 209 -1.69 3.71 -41.62
CA LEU B 209 -0.72 2.59 -41.70
C LEU B 209 -0.22 2.12 -43.10
N SER B 215 6.07 -1.87 -38.17
CA SER B 215 7.08 -2.56 -37.34
C SER B 215 6.74 -2.79 -35.84
N LEU B 216 5.71 -2.10 -35.32
CA LEU B 216 5.29 -2.16 -33.89
C LEU B 216 4.29 -3.27 -33.54
N PRO B 217 4.32 -3.79 -32.30
CA PRO B 217 3.47 -4.94 -31.94
C PRO B 217 1.99 -4.58 -31.82
N PHE B 218 1.42 -3.98 -32.85
CA PHE B 218 0.04 -3.51 -32.82
C PHE B 218 -1.01 -4.59 -32.58
N GLU B 219 -2.00 -4.33 -31.74
CA GLU B 219 -3.23 -5.14 -31.73
C GLU B 219 -4.21 -4.53 -32.70
N LYS B 220 -5.24 -5.28 -33.05
CA LYS B 220 -6.22 -4.84 -34.04
C LYS B 220 -7.55 -5.48 -33.71
N THR B 221 -8.59 -4.68 -33.56
CA THR B 221 -9.90 -5.20 -33.21
C THR B 221 -10.58 -5.77 -34.46
N GLU B 222 -11.57 -6.67 -34.28
CA GLU B 222 -12.38 -7.15 -35.41
C GLU B 222 -12.92 -5.97 -36.25
N SER B 223 -13.23 -4.84 -35.60
CA SER B 223 -13.68 -3.63 -36.29
C SER B 223 -12.59 -2.95 -37.17
N GLY B 224 -11.32 -3.29 -36.97
CA GLY B 224 -10.27 -2.71 -37.82
C GLY B 224 -9.48 -1.55 -37.20
N MET B 225 -9.64 -1.35 -35.89
CA MET B 225 -8.90 -0.30 -35.20
C MET B 225 -7.55 -0.85 -34.74
N TYR B 226 -6.48 -0.12 -34.95
CA TYR B 226 -5.21 -0.56 -34.42
C TYR B 226 -4.95 0.11 -33.06
N TYR B 227 -4.26 -0.57 -32.15
CA TYR B 227 -3.87 0.09 -30.92
C TYR B 227 -2.72 -0.63 -30.29
N LEU B 228 -2.00 0.06 -29.42
CA LEU B 228 -1.03 -0.61 -28.56
C LEU B 228 -1.58 -0.69 -27.14
N PRO B 229 -1.50 -1.86 -26.49
CA PRO B 229 -2.22 -1.99 -25.23
C PRO B 229 -1.80 -0.99 -24.14
N TYR B 230 -0.56 -0.55 -24.10
CA TYR B 230 -0.15 0.34 -23.00
C TYR B 230 0.21 1.73 -23.43
N ALA B 231 -0.22 2.12 -24.62
CA ALA B 231 0.24 3.31 -25.22
C ALA B 231 -0.53 4.52 -24.70
N THR B 232 0.06 5.70 -24.87
CA THR B 232 -0.50 6.91 -24.31
C THR B 232 -0.86 7.84 -25.44
N SER B 233 0.12 8.20 -26.26
CA SER B 233 -0.15 9.21 -27.25
C SER B 233 0.55 8.93 -28.57
N LEU B 234 -0.15 8.24 -29.47
CA LEU B 234 0.37 7.88 -30.76
C LEU B 234 0.39 9.10 -31.65
N ARG B 235 -0.33 10.14 -31.27
CA ARG B 235 -0.16 11.43 -31.90
C ARG B 235 1.29 11.89 -31.89
N LEU B 236 2.03 11.58 -30.82
CA LEU B 236 3.45 11.94 -30.73
C LEU B 236 4.40 10.92 -31.37
N SER B 237 3.89 9.82 -31.88
CA SER B 237 4.76 8.80 -32.44
C SER B 237 5.17 9.14 -33.87
N ASP B 238 5.92 8.26 -34.51
CA ASP B 238 6.29 8.44 -35.91
C ASP B 238 5.07 8.44 -36.81
N LEU B 239 4.04 7.73 -36.39
CA LEU B 239 2.82 7.59 -37.15
C LEU B 239 1.96 8.83 -37.00
N GLY B 240 2.31 9.71 -36.09
CA GLY B 240 1.46 10.84 -35.77
C GLY B 240 1.84 12.15 -36.42
N TYR B 241 1.69 13.22 -35.65
CA TYR B 241 2.07 14.56 -36.11
C TYR B 241 3.56 14.83 -35.91
N THR B 242 4.43 14.22 -36.72
CA THR B 242 5.89 14.43 -36.57
C THR B 242 6.58 14.52 -37.92
N ASN B 243 7.82 15.04 -37.95
CA ASN B 243 8.56 15.23 -39.23
C ASN B 243 9.85 14.40 -39.33
N SER B 247 13.94 16.48 -37.01
CA SER B 247 14.93 16.01 -36.02
C SER B 247 16.25 15.63 -36.68
N ASN B 248 16.23 15.45 -38.00
CA ASN B 248 17.46 15.23 -38.79
C ASN B 248 18.41 16.46 -38.79
N LEU B 249 17.94 17.56 -38.18
CA LEU B 249 18.57 18.90 -38.29
C LEU B 249 19.59 19.27 -37.23
N GLY B 250 19.57 18.59 -36.09
CA GLY B 250 20.55 18.87 -35.03
C GLY B 250 20.57 20.32 -34.52
N ILE B 251 19.38 20.79 -34.17
CA ILE B 251 19.22 22.10 -33.59
C ILE B 251 19.27 21.89 -32.10
N THR B 252 19.87 22.82 -31.37
CA THR B 252 20.11 22.61 -29.96
C THR B 252 19.53 23.75 -29.16
N PHE B 253 19.59 23.66 -27.83
CA PHE B 253 18.87 24.60 -26.98
C PHE B 253 19.74 25.17 -25.90
N ASN B 254 20.97 25.47 -26.28
CA ASN B 254 21.92 25.97 -25.33
C ASN B 254 22.03 27.50 -25.33
N ASP B 255 21.83 28.13 -26.49
CA ASP B 255 22.16 29.55 -26.65
C ASP B 255 21.25 30.12 -27.72
N LEU B 256 20.78 31.34 -27.51
CA LEU B 256 19.83 31.97 -28.42
C LEU B 256 20.33 32.08 -29.87
N TYR B 257 21.58 32.46 -30.04
CA TYR B 257 22.09 32.69 -31.38
C TYR B 257 22.36 31.39 -32.13
N GLU B 258 22.84 30.36 -31.43
CA GLU B 258 22.97 29.03 -32.02
C GLU B 258 21.60 28.51 -32.47
N TYR B 259 20.62 28.63 -31.59
CA TYR B 259 19.31 28.17 -31.94
C TYR B 259 18.81 28.83 -33.22
N VAL B 260 18.82 30.16 -33.26
CA VAL B 260 18.30 30.89 -34.43
C VAL B 260 19.09 30.64 -35.71
N ALA B 261 20.41 30.54 -35.59
CA ALA B 261 21.23 30.20 -36.74
C ALA B 261 20.86 28.81 -37.28
N GLY B 262 20.70 27.84 -36.36
CA GLY B 262 20.35 26.48 -36.77
C GLY B 262 19.06 26.55 -37.55
N LEU B 263 18.16 27.40 -37.07
CA LEU B 263 16.84 27.46 -37.65
C LEU B 263 16.86 28.13 -39.01
N LYS B 264 17.54 29.28 -39.10
CA LYS B 264 17.63 29.99 -40.36
C LYS B 264 18.40 29.15 -41.37
N GLN B 265 19.47 28.49 -40.94
CA GLN B 265 20.15 27.58 -41.85
C GLN B 265 19.17 26.53 -42.41
N ALA B 266 18.30 25.99 -41.57
CA ALA B 266 17.41 24.90 -41.97
C ALA B 266 16.53 25.29 -43.15
N ILE B 267 16.16 26.56 -43.16
CA ILE B 267 15.32 27.08 -44.20
C ILE B 267 16.00 27.29 -45.57
N LYS B 268 17.32 27.20 -45.61
CA LYS B 268 18.09 27.39 -46.84
C LYS B 268 18.75 26.11 -47.31
N THR B 269 18.71 25.09 -46.46
CA THR B 269 19.37 23.85 -46.79
C THR B 269 18.50 23.08 -47.77
N PRO B 270 19.05 22.72 -48.94
CA PRO B 270 18.18 22.00 -49.85
C PRO B 270 18.04 20.53 -49.47
N SER B 271 16.99 19.90 -49.97
CA SER B 271 16.67 18.51 -49.67
C SER B 271 16.53 17.73 -50.99
N GLU B 272 17.35 16.68 -51.13
CA GLU B 272 17.25 15.78 -52.28
C GLU B 272 15.79 15.33 -52.42
N GLU B 273 15.22 14.83 -51.32
CA GLU B 273 13.83 14.37 -51.29
C GLU B 273 12.82 15.40 -51.82
N TYR B 274 12.86 16.62 -51.32
CA TYR B 274 11.84 17.57 -51.75
C TYR B 274 12.05 18.07 -53.17
N ALA B 275 13.30 18.10 -53.63
CA ALA B 275 13.57 18.51 -55.02
C ALA B 275 12.92 17.57 -56.03
N LYS B 276 12.93 16.27 -55.72
CA LYS B 276 12.26 15.27 -56.55
C LYS B 276 10.78 15.62 -56.71
N ILE B 277 10.15 16.15 -55.66
CA ILE B 277 8.77 16.63 -55.78
C ILE B 277 8.62 17.72 -56.86
N GLY B 278 9.55 18.68 -56.90
CA GLY B 278 9.51 19.80 -57.84
C GLY B 278 8.85 21.07 -57.29
N ILE B 279 9.18 22.23 -57.87
CA ILE B 279 8.59 23.53 -57.48
C ILE B 279 7.28 23.82 -58.20
N GLU B 280 7.20 23.39 -59.46
CA GLU B 280 6.05 23.63 -60.34
C GLU B 280 5.73 22.28 -61.02
N LYS B 281 4.47 22.09 -61.39
CA LYS B 281 4.06 20.93 -62.18
C LYS B 281 2.75 21.23 -62.91
N ASP B 282 2.83 21.33 -64.25
CA ASP B 282 1.66 21.65 -65.08
C ASP B 282 1.03 23.00 -64.65
N GLY B 283 1.88 24.00 -64.42
CA GLY B 283 1.42 25.35 -64.11
C GLY B 283 0.99 25.64 -62.67
N LYS B 284 0.83 24.60 -61.83
CA LYS B 284 0.42 24.78 -60.41
C LYS B 284 1.61 24.71 -59.46
N ARG B 285 1.80 25.74 -58.66
CA ARG B 285 2.88 25.68 -57.68
C ARG B 285 2.66 24.65 -56.54
N LEU B 286 3.70 23.89 -56.24
CA LEU B 286 3.62 22.72 -55.36
C LEU B 286 4.12 22.93 -53.93
N GLN B 287 5.15 23.75 -53.78
CA GLN B 287 5.68 24.13 -52.46
C GLN B 287 6.27 25.53 -52.55
N ILE B 288 6.79 26.03 -51.43
CA ILE B 288 7.38 27.35 -51.37
C ILE B 288 8.82 27.31 -51.87
N ASN B 289 9.51 26.25 -51.49
CA ASN B 289 10.87 26.01 -51.92
C ASN B 289 11.08 24.51 -51.78
N SER B 290 12.28 24.03 -52.09
CA SER B 290 12.58 22.61 -51.87
C SER B 290 13.63 22.45 -50.78
N ASN B 291 13.57 23.33 -49.79
CA ASN B 291 14.48 23.24 -48.67
C ASN B 291 13.88 22.39 -47.58
N VAL B 292 14.73 22.00 -46.63
CA VAL B 292 14.30 21.12 -45.55
C VAL B 292 13.07 21.63 -44.80
N LEU B 293 12.97 22.95 -44.62
CA LEU B 293 11.80 23.58 -44.06
C LEU B 293 11.38 24.65 -45.02
N GLN B 294 10.11 24.70 -45.39
CA GLN B 294 9.69 25.76 -46.29
C GLN B 294 9.81 27.07 -45.56
N ILE B 295 9.33 27.05 -44.33
CA ILE B 295 9.43 28.17 -43.41
C ILE B 295 9.59 27.57 -42.03
N GLU B 296 9.70 28.42 -41.01
CA GLU B 296 10.15 27.93 -39.72
C GLU B 296 9.09 27.11 -38.98
N ASN B 297 7.80 27.36 -39.28
CA ASN B 297 6.75 26.60 -38.62
C ASN B 297 6.80 25.14 -38.96
N GLU B 298 7.54 24.77 -40.00
CA GLU B 298 7.50 23.41 -40.45
C GLU B 298 8.29 22.50 -39.54
N LEU B 299 9.03 23.12 -38.63
CA LEU B 299 9.90 22.39 -37.73
C LEU B 299 9.03 21.85 -36.59
N TYR B 300 8.64 20.58 -36.66
CA TYR B 300 7.68 20.11 -35.66
C TYR B 300 8.43 19.69 -34.43
N ALA B 301 7.95 20.14 -33.28
CA ALA B 301 8.55 19.79 -31.98
C ALA B 301 7.52 19.82 -30.85
N PRO B 302 7.81 19.08 -29.79
CA PRO B 302 7.04 19.02 -28.56
C PRO B 302 6.96 20.38 -27.88
N ILE B 303 7.99 21.19 -28.02
CA ILE B 303 8.01 22.45 -27.34
C ILE B 303 8.70 23.45 -28.25
N ARG B 304 8.40 24.72 -28.08
CA ARG B 304 8.95 25.71 -28.97
C ARG B 304 9.10 27.05 -28.23
N PRO B 305 10.29 27.70 -28.33
CA PRO B 305 10.49 29.03 -27.75
C PRO B 305 9.85 30.08 -28.62
N LYS B 306 9.25 31.11 -28.04
CA LYS B 306 8.47 32.03 -28.87
C LYS B 306 8.54 33.52 -28.49
N ARG B 307 8.32 34.39 -29.48
CA ARG B 307 8.01 35.79 -29.22
C ARG B 307 6.93 36.23 -30.19
N VAL B 308 5.99 37.06 -29.73
CA VAL B 308 4.97 37.52 -30.65
C VAL B 308 5.65 38.37 -31.73
N THR B 309 5.44 37.99 -32.99
CA THR B 309 6.07 38.65 -34.12
C THR B 309 5.38 39.97 -34.40
N ARG B 310 6.20 41.01 -34.55
CA ARG B 310 5.77 42.42 -34.75
C ARG B 310 6.21 42.82 -36.16
N SER B 311 5.31 43.39 -36.96
CA SER B 311 5.65 43.87 -38.34
C SER B 311 6.12 42.83 -39.38
N GLY B 312 5.30 41.83 -39.72
CA GLY B 312 5.65 40.82 -40.77
C GLY B 312 7.05 40.19 -40.64
N GLU B 313 7.60 40.33 -39.44
CA GLU B 313 8.82 39.70 -38.94
C GLU B 313 8.65 38.14 -38.90
N SER B 314 9.74 37.42 -39.09
CA SER B 314 9.67 35.96 -39.01
C SER B 314 9.85 35.58 -37.56
N PRO B 315 9.38 34.39 -37.19
CA PRO B 315 9.48 33.88 -35.80
C PRO B 315 10.92 33.94 -35.28
N SER B 316 11.87 33.53 -36.12
CA SER B 316 13.26 33.59 -35.70
C SER B 316 13.73 35.05 -35.55
N ASP B 317 13.30 35.94 -36.44
CA ASP B 317 13.62 37.35 -36.27
C ASP B 317 13.15 37.88 -34.90
N ALA B 318 11.90 37.63 -34.57
CA ALA B 318 11.34 38.03 -33.28
C ALA B 318 12.22 37.56 -32.13
N LEU B 319 12.70 36.32 -32.21
CA LEU B 319 13.51 35.79 -31.12
C LEU B 319 14.80 36.59 -30.96
N LEU B 320 15.45 36.89 -32.09
CA LEU B 320 16.71 37.62 -32.10
C LEU B 320 16.51 39.04 -31.61
N ARG B 321 15.40 39.66 -32.03
CA ARG B 321 15.11 41.02 -31.64
C ARG B 321 14.87 41.20 -30.14
N GLY B 322 14.10 40.29 -29.54
CA GLY B 322 13.66 40.50 -28.18
C GLY B 322 13.88 39.32 -27.25
N GLY B 323 14.53 38.27 -27.73
CA GLY B 323 14.72 37.09 -26.90
C GLY B 323 13.43 36.28 -26.75
N ILE B 324 13.49 35.19 -25.98
CA ILE B 324 12.31 34.33 -25.81
C ILE B 324 11.32 35.04 -24.91
N GLU B 325 10.12 35.25 -25.43
CA GLU B 325 9.08 35.88 -24.65
C GLU B 325 8.25 34.84 -23.87
N TYR B 326 7.86 33.74 -24.51
CA TYR B 326 7.13 32.68 -23.83
C TYR B 326 7.44 31.29 -24.42
N ILE B 327 6.91 30.24 -23.79
CA ILE B 327 7.12 28.86 -24.21
C ILE B 327 5.79 28.33 -24.77
N GLU B 328 5.87 27.53 -25.83
CA GLU B 328 4.72 26.88 -26.40
C GLU B 328 4.88 25.40 -26.20
N VAL B 329 4.06 24.81 -25.34
CA VAL B 329 4.13 23.39 -25.13
C VAL B 329 3.16 22.80 -26.13
N ARG B 330 3.64 21.97 -27.05
CA ARG B 330 2.80 21.46 -28.12
C ARG B 330 2.41 19.99 -27.94
N SER B 331 2.71 19.39 -26.81
CA SER B 331 2.53 17.97 -26.79
C SER B 331 1.20 17.49 -26.22
N LEU B 332 0.26 18.38 -25.92
CA LEU B 332 -1.06 17.96 -25.45
C LEU B 332 -2.02 17.36 -26.49
N ASP B 333 -2.50 16.16 -26.25
CA ASP B 333 -3.56 15.61 -27.04
C ASP B 333 -4.87 16.28 -26.67
N ILE B 334 -5.87 16.16 -27.54
CA ILE B 334 -7.20 16.62 -27.16
C ILE B 334 -7.68 15.83 -25.93
N ASN B 335 -8.14 16.55 -24.91
CA ASN B 335 -8.77 15.95 -23.77
C ASN B 335 -10.19 15.52 -24.18
N PRO B 336 -10.39 14.23 -24.41
CA PRO B 336 -11.68 13.80 -24.93
C PRO B 336 -12.78 14.01 -23.89
N PHE B 337 -12.39 14.24 -22.65
CA PHE B 337 -13.39 14.37 -21.59
C PHE B 337 -13.76 15.82 -21.32
N SER B 338 -13.39 16.73 -22.22
CA SER B 338 -13.80 18.12 -22.02
C SER B 338 -14.36 18.64 -23.30
N PRO B 339 -15.54 19.30 -23.27
CA PRO B 339 -16.15 19.81 -24.49
C PRO B 339 -15.19 20.76 -25.20
N ILE B 340 -14.26 21.37 -24.47
CA ILE B 340 -13.36 22.28 -25.15
C ILE B 340 -11.98 21.68 -25.33
N GLY B 341 -11.78 20.42 -25.05
CA GLY B 341 -10.52 19.81 -25.44
C GLY B 341 -9.39 19.97 -24.43
N VAL B 342 -9.67 20.67 -23.33
CA VAL B 342 -8.65 20.88 -22.30
C VAL B 342 -9.32 21.28 -20.98
N ASP B 343 -8.78 20.92 -19.83
CA ASP B 343 -9.43 21.37 -18.60
C ASP B 343 -8.50 21.99 -17.58
N GLU B 344 -9.09 22.60 -16.57
CA GLU B 344 -8.36 23.25 -15.52
C GLU B 344 -7.24 22.41 -14.92
N GLN B 345 -7.51 21.13 -14.73
CA GLN B 345 -6.53 20.24 -14.12
C GLN B 345 -5.28 20.21 -14.98
N GLN B 346 -5.43 20.16 -16.31
CA GLN B 346 -4.26 20.14 -17.18
C GLN B 346 -3.50 21.48 -17.06
N VAL B 347 -4.22 22.57 -17.14
CA VAL B 347 -3.58 23.86 -17.05
C VAL B 347 -2.80 23.99 -15.75
N ARG B 348 -3.39 23.62 -14.63
CA ARG B 348 -2.65 23.83 -13.39
C ARG B 348 -1.47 22.92 -13.34
N PHE B 349 -1.59 21.70 -13.87
CA PHE B 349 -0.44 20.84 -13.83
C PHE B 349 0.73 21.42 -14.67
N LEU B 350 0.40 21.99 -15.84
CA LEU B 350 1.43 22.57 -16.66
C LEU B 350 2.09 23.78 -16.01
N ASP B 351 1.30 24.65 -15.35
CA ASP B 351 1.88 25.70 -14.50
C ASP B 351 2.93 25.06 -13.62
N LEU B 352 2.54 24.06 -12.83
CA LEU B 352 3.50 23.44 -11.87
C LEU B 352 4.77 22.94 -12.56
N PHE B 353 4.59 22.22 -13.65
CA PHE B 353 5.69 21.54 -14.26
C PHE B 353 6.62 22.51 -14.98
N MET B 354 6.07 23.58 -15.58
CA MET B 354 6.90 24.56 -16.26
C MET B 354 7.70 25.31 -15.22
N VAL B 355 7.04 25.76 -14.15
CA VAL B 355 7.77 26.39 -13.10
C VAL B 355 8.87 25.46 -12.60
N TRP B 356 8.56 24.19 -12.41
CA TRP B 356 9.62 23.28 -11.97
C TRP B 356 10.78 23.26 -13.00
N CYS B 357 10.45 23.19 -14.29
CA CYS B 357 11.46 23.20 -15.35
C CYS B 357 12.34 24.47 -15.36
N ALA B 358 11.83 25.57 -14.82
CA ALA B 358 12.59 26.79 -14.76
C ALA B 358 13.52 26.76 -13.56
N LEU B 359 13.18 25.97 -12.56
CA LEU B 359 13.96 25.91 -11.33
C LEU B 359 15.07 24.87 -11.37
N ALA B 360 14.83 23.72 -12.01
CA ALA B 360 15.82 22.66 -11.97
C ALA B 360 16.97 22.99 -12.87
N ASP B 361 18.17 22.67 -12.41
CA ASP B 361 19.38 22.80 -13.20
C ASP B 361 19.32 21.97 -14.44
N ALA B 362 19.83 22.51 -15.52
CA ALA B 362 19.83 21.78 -16.76
C ALA B 362 21.16 22.00 -17.50
N PRO B 363 22.03 20.99 -17.47
CA PRO B 363 23.30 21.06 -18.22
C PRO B 363 23.01 21.30 -19.70
N GLU B 364 24.00 21.76 -20.45
CA GLU B 364 23.81 22.03 -21.86
C GLU B 364 23.85 20.71 -22.59
N MET B 365 23.20 20.64 -23.75
CA MET B 365 23.06 19.35 -24.41
C MET B 365 23.40 19.39 -25.88
N SER B 366 24.26 18.47 -26.28
CA SER B 366 24.59 18.33 -27.68
C SER B 366 23.38 17.78 -28.41
N SER B 367 23.43 17.78 -29.72
CA SER B 367 22.29 17.34 -30.48
C SER B 367 22.04 15.83 -30.31
N SER B 368 23.07 15.06 -30.03
CA SER B 368 22.82 13.65 -29.75
C SER B 368 22.47 13.37 -28.28
N GLU B 369 22.84 14.25 -27.37
CA GLU B 369 22.25 14.19 -26.04
C GLU B 369 20.77 14.49 -26.08
N LEU B 370 20.37 15.45 -26.92
CA LEU B 370 18.95 15.65 -27.18
C LEU B 370 18.26 14.43 -27.77
N ALA B 371 18.89 13.79 -28.75
CA ALA B 371 18.29 12.59 -29.33
C ALA B 371 18.07 11.50 -28.27
N CYS B 372 19.01 11.40 -27.33
CA CYS B 372 18.86 10.42 -26.25
C CYS B 372 17.66 10.67 -25.36
N THR B 373 17.30 11.92 -25.13
CA THR B 373 16.12 12.19 -24.32
C THR B 373 14.91 11.56 -24.96
N ARG B 374 14.94 11.36 -26.27
CA ARG B 374 13.77 10.82 -26.96
C ARG B 374 13.49 9.35 -26.60
N VAL B 375 14.50 8.64 -26.10
CA VAL B 375 14.29 7.25 -25.74
C VAL B 375 13.19 7.09 -24.69
N ASN B 376 13.22 7.86 -23.62
CA ASN B 376 12.15 7.79 -22.62
C ASN B 376 10.79 8.22 -23.19
N TRP B 377 10.80 9.24 -24.04
CA TRP B 377 9.58 9.68 -24.68
C TRP B 377 8.95 8.53 -25.43
N ASN B 378 9.72 7.82 -26.24
CA ASN B 378 9.15 6.74 -27.03
C ASN B 378 8.55 5.66 -26.14
N ARG B 379 9.26 5.32 -25.07
CA ARG B 379 8.77 4.37 -24.12
C ARG B 379 7.37 4.74 -23.62
N VAL B 380 7.20 6.00 -23.20
CA VAL B 380 5.97 6.44 -22.57
C VAL B 380 4.87 6.54 -23.61
N ILE B 381 5.28 6.97 -24.80
CA ILE B 381 4.36 7.11 -25.89
C ILE B 381 3.77 5.75 -26.28
N LEU B 382 4.63 4.73 -26.40
CA LEU B 382 4.23 3.44 -26.96
C LEU B 382 3.79 2.45 -25.91
N GLU B 383 4.27 2.60 -24.68
CA GLU B 383 3.93 1.64 -23.67
C GLU B 383 4.05 2.27 -22.29
N GLY B 384 3.70 3.54 -22.21
CA GLY B 384 3.81 4.26 -20.95
C GLY B 384 3.06 3.64 -19.79
N ARG B 385 2.00 2.88 -20.08
CA ARG B 385 1.20 2.30 -19.00
C ARG B 385 1.56 0.86 -18.66
N LYS B 386 2.65 0.34 -19.21
CA LYS B 386 2.99 -1.03 -18.92
C LYS B 386 3.47 -1.23 -17.47
N PRO B 387 2.89 -2.19 -16.78
CA PRO B 387 3.36 -2.44 -15.41
C PRO B 387 4.85 -2.74 -15.40
N GLY B 388 5.56 -2.11 -14.48
CA GLY B 388 6.99 -2.31 -14.39
C GLY B 388 7.85 -1.69 -15.49
N LEU B 389 7.32 -0.72 -16.24
CA LEU B 389 8.14 -0.03 -17.21
C LEU B 389 9.24 0.72 -16.46
N THR B 390 10.47 0.69 -16.97
CA THR B 390 11.53 1.47 -16.33
C THR B 390 12.07 2.48 -17.30
N LEU B 391 12.54 3.60 -16.77
CA LEU B 391 13.17 4.64 -17.58
C LEU B 391 14.66 4.70 -17.31
N GLY B 392 15.39 5.32 -18.23
CA GLY B 392 16.82 5.52 -18.05
C GLY B 392 17.20 6.96 -18.19
N ILE B 393 18.43 7.30 -17.84
CA ILE B 393 18.94 8.62 -18.15
C ILE B 393 19.55 8.67 -19.54
N GLY B 394 18.90 9.41 -20.45
CA GLY B 394 19.39 9.52 -21.80
C GLY B 394 19.26 8.14 -22.40
N CYS B 395 20.36 7.64 -22.91
CA CYS B 395 20.38 6.37 -23.63
C CYS B 395 20.85 5.22 -22.74
N GLU B 396 21.17 5.50 -21.48
CA GLU B 396 21.75 4.48 -20.61
C GLU B 396 20.71 3.45 -20.20
N THR B 397 21.19 2.31 -19.73
CA THR B 397 20.34 1.22 -19.27
C THR B 397 19.09 1.69 -18.48
N ALA B 398 17.90 1.23 -18.91
CA ALA B 398 16.64 1.53 -18.22
C ALA B 398 16.66 0.90 -16.83
N GLN B 399 16.36 1.68 -15.81
CA GLN B 399 16.74 1.31 -14.47
C GLN B 399 15.78 1.92 -13.44
N PHE B 400 14.99 2.91 -13.85
CA PHE B 400 14.13 3.59 -12.91
C PHE B 400 12.66 3.27 -13.17
N PRO B 401 12.00 2.65 -12.19
CA PRO B 401 10.57 2.35 -12.40
C PRO B 401 9.82 3.66 -12.48
N LEU B 402 9.07 3.82 -13.56
CA LEU B 402 8.32 5.02 -13.80
C LEU B 402 7.51 5.56 -12.60
N PRO B 403 6.74 4.71 -11.89
CA PRO B 403 6.02 5.23 -10.74
C PRO B 403 6.90 5.94 -9.72
N GLN B 404 8.06 5.37 -9.45
CA GLN B 404 8.99 5.96 -8.47
C GLN B 404 9.48 7.32 -9.01
N VAL B 405 9.74 7.38 -10.31
CA VAL B 405 10.18 8.62 -10.93
C VAL B 405 9.09 9.67 -10.84
N GLY B 406 7.88 9.30 -11.23
CA GLY B 406 6.77 10.24 -11.18
C GLY B 406 6.56 10.79 -9.79
N LYS B 407 6.65 9.91 -8.79
CA LYS B 407 6.41 10.35 -7.42
C LYS B 407 7.51 11.24 -6.90
N ASP B 408 8.74 10.95 -7.31
CA ASP B 408 9.87 11.80 -6.98
C ASP B 408 9.59 13.21 -7.54
N LEU B 409 9.12 13.29 -8.79
CA LEU B 409 8.79 14.57 -9.36
C LEU B 409 7.68 15.31 -8.60
N PHE B 410 6.67 14.58 -8.18
CA PHE B 410 5.55 15.21 -7.51
C PHE B 410 5.84 15.67 -6.10
N ARG B 411 6.86 15.09 -5.49
CA ARG B 411 7.33 15.67 -4.24
C ARG B 411 7.73 17.12 -4.49
N ASP B 412 8.41 17.42 -5.62
CA ASP B 412 8.76 18.83 -5.86
C ASP B 412 7.58 19.65 -6.37
N LEU B 413 6.79 19.09 -7.28
CA LEU B 413 5.67 19.86 -7.80
C LEU B 413 4.79 20.30 -6.66
N LYS B 414 4.69 19.45 -5.66
CA LYS B 414 3.81 19.71 -4.53
C LYS B 414 4.28 20.94 -3.71
N ARG B 415 5.59 21.16 -3.64
CA ARG B 415 6.09 22.35 -2.95
C ARG B 415 5.89 23.64 -3.75
N VAL B 416 6.04 23.54 -5.07
CA VAL B 416 5.74 24.66 -5.95
C VAL B 416 4.27 24.92 -5.79
N ALA B 417 3.50 23.86 -5.64
CA ALA B 417 2.06 23.98 -5.51
C ALA B 417 1.69 24.74 -4.25
N GLN B 418 2.38 24.46 -3.15
CA GLN B 418 2.09 25.17 -1.92
C GLN B 418 2.34 26.65 -2.12
N THR B 419 3.41 26.97 -2.85
CA THR B 419 3.77 28.36 -3.05
C THR B 419 2.69 29.09 -3.82
N LEU B 420 2.31 28.56 -4.98
CA LEU B 420 1.28 29.16 -5.79
C LEU B 420 -0.05 29.30 -5.04
N ASP B 421 -0.39 28.31 -4.23
CA ASP B 421 -1.65 28.40 -3.50
C ASP B 421 -1.56 29.50 -2.46
N SER B 422 -0.41 29.68 -1.84
CA SER B 422 -0.33 30.71 -0.82
C SER B 422 -0.42 32.11 -1.42
N ILE B 423 0.02 32.31 -2.66
CA ILE B 423 -0.19 33.64 -3.23
C ILE B 423 -1.53 33.79 -3.91
N ASN B 424 -2.17 32.69 -4.25
CA ASN B 424 -3.46 32.75 -4.95
C ASN B 424 -4.64 32.62 -3.99
N GLY B 425 -4.39 32.06 -2.80
CA GLY B 425 -5.45 31.66 -1.86
C GLY B 425 -6.06 30.33 -2.29
N GLY B 426 -6.42 29.49 -1.34
CA GLY B 426 -7.06 28.23 -1.68
C GLY B 426 -6.07 27.08 -1.73
N GLU B 427 -6.46 25.98 -2.37
CA GLU B 427 -5.65 24.77 -2.39
C GLU B 427 -5.69 24.06 -3.75
N ALA B 428 -6.14 24.77 -4.77
CA ALA B 428 -6.39 24.17 -6.08
C ALA B 428 -5.15 23.45 -6.64
N TYR B 429 -3.98 24.06 -6.48
CA TYR B 429 -2.79 23.49 -7.05
C TYR B 429 -2.39 22.23 -6.28
N GLN B 430 -2.51 22.25 -4.96
CA GLN B 430 -2.25 21.05 -4.16
C GLN B 430 -3.19 19.90 -4.45
N LYS B 431 -4.47 20.23 -4.64
CA LYS B 431 -5.48 19.26 -5.01
C LYS B 431 -5.01 18.58 -6.31
N VAL B 432 -4.49 19.38 -7.24
CA VAL B 432 -4.13 18.81 -8.53
C VAL B 432 -2.97 17.81 -8.40
N CYS B 433 -2.00 18.15 -7.54
CA CYS B 433 -0.94 17.20 -7.24
C CYS B 433 -1.46 15.92 -6.61
N ASP B 434 -2.46 16.02 -5.75
CA ASP B 434 -2.97 14.81 -5.13
C ASP B 434 -3.68 13.97 -6.17
N GLU B 435 -4.46 14.61 -7.04
CA GLU B 435 -5.13 13.89 -8.10
C GLU B 435 -4.11 13.21 -9.02
N LEU B 436 -3.19 13.97 -9.58
CA LEU B 436 -2.29 13.40 -10.59
C LEU B 436 -1.27 12.44 -10.02
N VAL B 437 -0.84 12.60 -8.76
CA VAL B 437 0.13 11.64 -8.25
C VAL B 437 -0.46 10.22 -8.22
N ALA B 438 -1.77 10.14 -7.98
CA ALA B 438 -2.50 8.86 -7.99
C ALA B 438 -2.35 8.10 -9.32
N CYS B 439 -2.16 8.80 -10.46
CA CYS B 439 -1.93 8.09 -11.73
C CYS B 439 -0.64 7.34 -11.76
N PHE B 440 0.33 7.76 -10.96
CA PHE B 440 1.55 7.01 -10.96
C PHE B 440 1.38 5.68 -10.21
N ASP B 441 0.52 5.60 -9.19
CA ASP B 441 0.21 4.26 -8.67
C ASP B 441 -0.78 3.55 -9.52
N ASN B 442 -1.58 4.26 -10.30
CA ASN B 442 -2.58 3.54 -11.05
C ASN B 442 -2.82 4.02 -12.46
N PRO B 443 -2.11 3.40 -13.40
CA PRO B 443 -2.14 3.85 -14.79
C PRO B 443 -3.55 3.90 -15.31
N ASP B 444 -4.42 3.08 -14.76
CA ASP B 444 -5.85 3.12 -15.15
C ASP B 444 -6.64 4.37 -14.87
N LEU B 445 -6.10 5.29 -14.11
CA LEU B 445 -6.68 6.62 -13.98
C LEU B 445 -6.31 7.59 -15.11
N THR B 446 -5.30 7.28 -15.90
CA THR B 446 -4.83 8.24 -16.90
C THR B 446 -5.81 8.36 -18.07
N PHE B 447 -5.77 9.50 -18.79
CA PHE B 447 -6.61 9.72 -19.95
C PHE B 447 -6.54 8.57 -20.94
N SER B 448 -5.36 8.00 -21.17
CA SER B 448 -5.28 7.01 -22.22
C SER B 448 -5.91 5.68 -21.84
N ALA B 449 -5.75 5.21 -20.60
CA ALA B 449 -6.45 3.99 -20.22
C ALA B 449 -7.95 4.19 -20.32
N ARG B 450 -8.45 5.31 -19.82
CA ARG B 450 -9.88 5.55 -19.87
C ARG B 450 -10.37 5.61 -21.31
N ILE B 451 -9.66 6.30 -22.22
CA ILE B 451 -10.17 6.39 -23.58
C ILE B 451 -9.99 5.05 -24.33
N LEU B 452 -8.99 4.26 -23.97
CA LEU B 452 -8.77 3.01 -24.68
C LEU B 452 -9.92 2.05 -24.41
N ARG B 453 -10.34 1.93 -23.16
CA ARG B 453 -11.47 1.06 -22.82
C ARG B 453 -12.66 1.43 -23.70
N SER B 454 -12.82 2.72 -23.95
CA SER B 454 -13.99 3.16 -24.69
C SER B 454 -13.81 2.90 -26.18
N MET B 455 -12.60 3.06 -26.67
CA MET B 455 -12.32 2.74 -28.07
C MET B 455 -12.33 1.24 -28.46
N ILE B 456 -11.82 0.35 -27.61
CA ILE B 456 -11.83 -1.08 -27.90
C ILE B 456 -13.27 -1.50 -28.16
N ASP B 457 -14.15 -0.90 -27.40
CA ASP B 457 -15.52 -1.23 -27.47
C ASP B 457 -16.32 -0.63 -28.62
N THR B 458 -16.17 0.66 -28.94
CA THR B 458 -16.93 1.28 -30.04
C THR B 458 -16.03 1.87 -31.14
N GLY B 459 -14.73 1.66 -31.04
CA GLY B 459 -13.82 2.20 -32.02
C GLY B 459 -13.61 3.69 -31.87
N ILE B 460 -12.66 4.23 -32.67
CA ILE B 460 -12.40 5.68 -32.68
C ILE B 460 -13.62 6.43 -33.20
N GLY B 461 -14.23 5.88 -34.28
CA GLY B 461 -15.42 6.49 -34.87
C GLY B 461 -16.56 6.57 -33.88
N GLY B 462 -16.93 5.43 -33.31
CA GLY B 462 -18.02 5.38 -32.35
C GLY B 462 -17.79 6.29 -31.16
N THR B 463 -16.59 6.24 -30.61
CA THR B 463 -16.31 7.05 -29.46
C THR B 463 -16.33 8.52 -29.84
N GLY B 464 -15.68 8.88 -30.94
CA GLY B 464 -15.70 10.26 -31.42
C GLY B 464 -17.12 10.78 -31.65
N LYS B 465 -17.90 10.04 -32.43
CA LYS B 465 -19.22 10.52 -32.77
C LYS B 465 -20.04 10.75 -31.49
N ALA B 466 -19.95 9.79 -30.57
CA ALA B 466 -20.76 9.85 -29.35
C ALA B 466 -20.41 11.08 -28.51
N PHE B 467 -19.11 11.29 -28.27
CA PHE B 467 -18.69 12.49 -27.55
C PHE B 467 -19.09 13.77 -28.31
N ALA B 468 -18.80 13.82 -29.61
CA ALA B 468 -19.15 15.00 -30.40
C ALA B 468 -20.63 15.33 -30.31
N GLU B 469 -21.47 14.29 -30.33
CA GLU B 469 -22.90 14.52 -30.24
C GLU B 469 -23.27 15.16 -28.90
N ALA B 470 -22.84 14.55 -27.79
CA ALA B 470 -23.08 15.13 -26.46
C ALA B 470 -22.52 16.55 -26.28
N TYR B 471 -21.31 16.82 -26.76
CA TYR B 471 -20.78 18.16 -26.54
C TYR B 471 -21.50 19.22 -27.36
N ARG B 472 -21.97 18.87 -28.55
CA ARG B 472 -22.74 19.82 -29.36
C ARG B 472 -24.04 20.17 -28.64
N ASN B 473 -24.77 19.15 -28.15
CA ASN B 473 -25.96 19.43 -27.39
C ASN B 473 -25.69 20.27 -26.16
N LEU B 474 -24.56 20.01 -25.49
CA LEU B 474 -24.24 20.71 -24.25
C LEU B 474 -23.95 22.19 -24.53
N LEU B 475 -23.03 22.42 -25.45
CA LEU B 475 -22.57 23.76 -25.80
C LEU B 475 -23.61 24.63 -26.48
N ARG B 476 -24.43 24.05 -27.36
CA ARG B 476 -25.50 24.84 -28.01
C ARG B 476 -26.44 25.45 -26.98
N GLU B 477 -26.64 24.77 -25.86
CA GLU B 477 -27.51 25.26 -24.79
C GLU B 477 -26.87 26.29 -23.87
N GLU B 478 -25.55 26.30 -23.74
CA GLU B 478 -24.97 27.20 -22.74
C GLU B 478 -24.96 28.66 -23.21
N PRO B 479 -25.44 29.57 -22.36
CA PRO B 479 -25.24 30.99 -22.69
C PRO B 479 -23.79 31.43 -22.69
N LEU B 480 -23.46 32.41 -23.53
CA LEU B 480 -22.19 33.10 -23.49
C LEU B 480 -21.92 33.75 -22.12
N GLU B 481 -20.65 33.87 -21.71
CA GLU B 481 -20.36 34.45 -20.39
C GLU B 481 -19.43 35.63 -20.43
N ILE B 482 -18.50 35.66 -21.37
CA ILE B 482 -17.57 36.78 -21.46
C ILE B 482 -17.78 37.59 -22.73
N LEU B 483 -17.87 36.93 -23.87
CA LEU B 483 -18.15 37.62 -25.12
C LEU B 483 -19.66 37.69 -25.30
N ARG B 484 -20.16 38.81 -25.78
CA ARG B 484 -21.58 38.88 -26.18
C ARG B 484 -21.64 38.49 -27.65
N GLU B 485 -22.83 38.15 -28.14
CA GLU B 485 -22.97 37.93 -29.57
C GLU B 485 -22.51 39.14 -30.42
N GLU B 486 -22.73 40.35 -29.91
CA GLU B 486 -22.28 41.59 -30.58
C GLU B 486 -20.80 41.56 -30.92
N ASP B 487 -20.01 41.01 -29.99
CA ASP B 487 -18.55 40.90 -30.14
C ASP B 487 -18.15 40.00 -31.29
N PHE B 488 -18.80 38.84 -31.40
CA PHE B 488 -18.54 37.94 -32.52
C PHE B 488 -18.92 38.54 -33.87
N VAL B 489 -20.07 39.24 -33.88
CA VAL B 489 -20.55 39.92 -35.06
C VAL B 489 -19.59 41.06 -35.39
N ALA B 490 -19.23 41.84 -34.38
CA ALA B 490 -18.26 42.93 -34.55
C ALA B 490 -16.92 42.44 -35.12
N GLU B 491 -16.40 41.33 -34.58
CA GLU B 491 -15.16 40.74 -35.09
C GLU B 491 -15.33 40.09 -36.46
N ARG B 492 -16.50 39.51 -36.72
CA ARG B 492 -16.75 39.01 -38.06
C ARG B 492 -16.62 40.14 -39.09
N GLU B 493 -17.20 41.28 -38.79
CA GLU B 493 -17.14 42.37 -39.74
C GLU B 493 -15.73 42.92 -39.84
N ALA B 494 -15.08 43.11 -38.69
CA ALA B 494 -13.74 43.70 -38.71
C ALA B 494 -12.73 42.78 -39.39
N SER B 495 -12.92 41.47 -39.27
CA SER B 495 -11.98 40.53 -39.89
C SER B 495 -12.18 40.42 -41.39
N GLU B 496 -13.42 40.56 -41.85
CA GLU B 496 -13.68 40.54 -43.29
C GLU B 496 -13.17 41.82 -43.93
N ARG B 497 -13.25 42.93 -43.20
CA ARG B 497 -12.69 44.21 -43.64
C ARG B 497 -11.20 44.12 -43.85
N ARG B 498 -10.48 43.69 -42.81
CA ARG B 498 -9.03 43.59 -42.92
C ARG B 498 -8.60 42.73 -44.12
N GLN B 499 -9.31 41.63 -44.36
CA GLN B 499 -9.00 40.78 -45.50
C GLN B 499 -9.22 41.56 -46.80
N GLN B 500 -10.36 42.23 -46.91
CA GLN B 500 -10.67 43.09 -48.06
C GLN B 500 -9.54 44.09 -48.26
N GLU B 501 -9.21 44.83 -47.22
CA GLU B 501 -8.13 45.80 -47.30
C GLU B 501 -6.83 45.17 -47.79
N MET B 502 -6.40 44.11 -47.14
CA MET B 502 -5.18 43.46 -47.59
C MET B 502 -5.31 43.04 -49.05
N GLU B 503 -6.51 42.70 -49.50
CA GLU B 503 -6.66 42.21 -50.87
C GLU B 503 -6.57 43.37 -51.86
N ALA B 504 -7.16 44.50 -51.50
CA ALA B 504 -7.14 45.70 -52.33
C ALA B 504 -5.76 46.33 -52.33
N ALA B 505 -5.13 46.37 -51.16
CA ALA B 505 -3.82 47.01 -51.00
C ALA B 505 -2.67 46.32 -51.74
N ASP B 506 -2.87 45.10 -52.22
CA ASP B 506 -1.82 44.36 -52.96
C ASP B 506 -1.46 45.00 -54.30
N THR B 507 -0.16 45.20 -54.52
CA THR B 507 0.35 45.83 -55.74
C THR B 507 0.79 44.80 -56.82
N GLU B 508 1.67 43.87 -56.43
CA GLU B 508 2.28 42.90 -57.38
C GLU B 508 1.48 41.58 -57.50
N PRO B 509 1.42 41.02 -58.73
CA PRO B 509 0.75 39.72 -58.86
C PRO B 509 1.52 38.70 -58.02
N PHE B 510 0.82 37.71 -57.49
CA PHE B 510 1.42 36.82 -56.50
C PHE B 510 2.68 36.13 -57.01
N ALA B 511 2.65 35.66 -58.25
CA ALA B 511 3.85 35.04 -58.82
C ALA B 511 5.13 35.86 -58.58
N VAL B 512 5.08 37.18 -58.78
CA VAL B 512 6.30 37.99 -58.60
C VAL B 512 6.57 38.31 -57.14
N TRP B 513 5.53 38.60 -56.37
CA TRP B 513 5.68 38.76 -54.91
C TRP B 513 6.37 37.58 -54.28
N LEU B 514 6.11 36.40 -54.82
CA LEU B 514 6.67 35.16 -54.28
C LEU B 514 8.20 35.06 -54.42
N GLU B 515 8.75 35.54 -55.52
CA GLU B 515 10.22 35.51 -55.69
C GLU B 515 10.89 36.37 -54.61
N LYS B 516 10.25 37.48 -54.24
CA LYS B 516 10.75 38.36 -53.19
C LYS B 516 10.70 37.75 -51.77
N HIS B 517 10.03 36.61 -51.59
CA HIS B 517 10.00 35.91 -50.30
C HIS B 517 10.27 34.43 -50.51
N ALA B 518 11.23 34.13 -51.40
CA ALA B 518 11.52 32.76 -51.85
C ALA B 518 11.68 31.73 -50.72
N MET C 1 35.38 12.31 -6.15
CA MET C 1 34.14 11.53 -5.91
C MET C 1 34.20 10.59 -4.69
N ILE C 2 35.39 10.10 -4.36
CA ILE C 2 35.61 9.34 -3.12
C ILE C 2 35.49 10.35 -1.98
N PRO C 3 34.76 10.01 -0.92
CA PRO C 3 34.68 10.98 0.18
C PRO C 3 36.01 11.15 0.91
N ASP C 4 36.07 12.15 1.79
CA ASP C 4 37.24 12.42 2.61
C ASP C 4 37.15 11.55 3.85
N VAL C 5 38.08 10.63 4.02
CA VAL C 5 38.03 9.71 5.13
C VAL C 5 39.24 9.87 6.06
N SER C 6 39.97 10.98 5.90
CA SER C 6 41.12 11.33 6.75
C SER C 6 40.92 11.10 8.22
N GLN C 7 39.94 11.81 8.77
CA GLN C 7 39.70 11.76 10.19
C GLN C 7 39.68 10.29 10.66
N ALA C 8 38.92 9.45 9.98
CA ALA C 8 38.75 8.06 10.42
C ALA C 8 39.98 7.17 10.16
N LEU C 9 40.72 7.43 9.08
CA LEU C 9 41.91 6.64 8.85
C LEU C 9 42.97 6.97 9.88
N ALA C 10 43.03 8.24 10.27
CA ALA C 10 43.91 8.63 11.37
C ALA C 10 43.52 7.88 12.64
N TRP C 11 42.23 7.85 12.94
CA TRP C 11 41.77 7.10 14.10
C TRP C 11 42.21 5.63 13.97
N LEU C 12 41.97 5.05 12.81
CA LEU C 12 42.31 3.67 12.62
C LEU C 12 43.79 3.48 12.94
N GLU C 13 44.63 4.36 12.38
CA GLU C 13 46.08 4.24 12.54
C GLU C 13 46.53 4.29 14.00
N LYS C 14 45.78 4.98 14.85
CA LYS C 14 46.12 5.01 16.25
C LYS C 14 45.52 3.82 17.02
N HIS C 15 44.82 2.93 16.34
CA HIS C 15 44.11 1.82 16.99
C HIS C 15 44.23 0.51 16.22
N PRO C 16 45.46 0.11 15.91
CA PRO C 16 45.57 -1.02 15.01
C PRO C 16 44.96 -2.27 15.60
N GLN C 17 45.02 -2.44 16.91
CA GLN C 17 44.53 -3.69 17.51
C GLN C 17 43.01 -3.84 17.36
N ALA C 18 42.33 -2.74 17.06
CA ALA C 18 40.89 -2.77 16.82
C ALA C 18 40.47 -3.65 15.65
N LEU C 19 41.39 -3.96 14.75
CA LEU C 19 41.02 -4.78 13.61
C LEU C 19 41.42 -6.24 13.79
N LYS C 20 41.95 -6.60 14.94
CA LYS C 20 42.43 -7.97 15.13
C LYS C 20 41.26 -8.93 15.29
N GLY C 21 41.20 -9.97 14.47
CA GLY C 21 40.19 -11.00 14.68
C GLY C 21 38.92 -10.88 13.85
N ILE C 22 39.02 -10.21 12.71
CA ILE C 22 38.02 -10.28 11.67
C ILE C 22 37.62 -11.72 11.40
N GLN C 23 36.31 -12.00 11.32
CA GLN C 23 35.85 -13.36 11.03
C GLN C 23 35.30 -13.41 9.60
N ARG C 24 35.51 -14.53 8.93
CA ARG C 24 35.11 -14.69 7.54
C ARG C 24 34.54 -16.07 7.31
N GLY C 25 33.74 -16.19 6.26
CA GLY C 25 33.32 -17.47 5.76
C GLY C 25 33.07 -17.31 4.28
N LEU C 26 33.25 -18.39 3.53
CA LEU C 26 33.01 -18.35 2.08
C LEU C 26 31.98 -19.37 1.62
N GLU C 27 31.22 -19.05 0.58
CA GLU C 27 30.41 -20.08 -0.03
C GLU C 27 30.79 -20.02 -1.47
N ARG C 28 30.93 -21.19 -2.10
CA ARG C 28 31.29 -21.22 -3.51
C ARG C 28 30.43 -22.27 -4.24
N GLU C 29 29.84 -21.89 -5.37
CA GLU C 29 28.94 -22.78 -6.08
C GLU C 29 29.56 -23.25 -7.38
N THR C 30 29.22 -24.46 -7.80
CA THR C 30 29.74 -24.96 -9.06
C THR C 30 28.89 -26.12 -9.58
N LEU C 31 28.62 -26.12 -10.87
CA LEU C 31 27.84 -27.20 -11.50
C LEU C 31 28.71 -28.45 -11.73
N ARG C 32 28.19 -29.62 -11.38
CA ARG C 32 28.79 -30.88 -11.77
C ARG C 32 28.53 -31.09 -13.25
N VAL C 33 29.59 -31.25 -14.05
CA VAL C 33 29.44 -31.54 -15.47
C VAL C 33 30.23 -32.75 -15.97
N ASN C 34 29.89 -33.17 -17.18
CA ASN C 34 30.57 -34.27 -17.87
C ASN C 34 31.76 -33.79 -18.69
N ALA C 35 32.58 -34.74 -19.15
CA ALA C 35 33.74 -34.40 -19.97
C ALA C 35 33.32 -33.49 -21.11
N ASP C 36 32.17 -33.80 -21.71
CA ASP C 36 31.67 -33.06 -22.87
C ASP C 36 30.99 -31.74 -22.50
N GLY C 37 30.95 -31.42 -21.21
CA GLY C 37 30.46 -30.12 -20.78
C GLY C 37 28.97 -30.06 -20.49
N THR C 38 28.25 -31.12 -20.81
CA THR C 38 26.82 -31.17 -20.48
C THR C 38 26.66 -31.33 -18.98
N LEU C 39 25.48 -30.94 -18.49
CA LEU C 39 25.14 -31.03 -17.08
C LEU C 39 24.97 -32.47 -16.63
N ALA C 40 25.62 -32.86 -15.53
CA ALA C 40 25.45 -34.22 -15.03
C ALA C 40 24.04 -34.41 -14.52
N THR C 41 23.42 -35.54 -14.81
CA THR C 41 22.03 -35.76 -14.40
C THR C 41 21.95 -36.81 -13.32
N THR C 42 23.11 -37.21 -12.83
CA THR C 42 23.19 -38.11 -11.69
C THR C 42 22.84 -37.33 -10.43
N GLY C 43 22.72 -38.03 -9.32
CA GLY C 43 22.36 -37.43 -8.04
C GLY C 43 23.56 -36.92 -7.27
N HIS C 44 23.28 -36.32 -6.12
CA HIS C 44 24.32 -35.73 -5.28
C HIS C 44 25.24 -36.86 -4.86
N PRO C 45 26.52 -36.77 -5.23
CA PRO C 45 27.48 -37.84 -5.08
C PRO C 45 27.32 -38.57 -3.74
N GLU C 46 27.10 -39.88 -3.81
CA GLU C 46 26.82 -40.67 -2.60
C GLU C 46 27.72 -40.25 -1.42
N ALA C 47 29.01 -40.10 -1.69
CA ALA C 47 30.00 -39.82 -0.66
C ALA C 47 29.76 -38.56 0.16
N LEU C 48 28.89 -37.68 -0.32
CA LEU C 48 28.68 -36.41 0.34
C LEU C 48 27.59 -36.50 1.38
N GLY C 49 26.90 -37.64 1.42
CA GLY C 49 25.79 -37.82 2.33
C GLY C 49 24.60 -36.92 2.02
N SER C 50 24.12 -36.21 3.03
CA SER C 50 22.85 -35.49 2.95
C SER C 50 23.01 -34.00 2.68
N ALA C 51 22.68 -33.58 1.45
CA ALA C 51 22.78 -32.17 1.10
C ALA C 51 22.02 -31.34 2.14
N LEU C 52 20.97 -31.93 2.68
CA LEU C 52 20.07 -31.19 3.53
C LEU C 52 20.71 -30.79 4.86
N THR C 53 21.60 -31.63 5.37
CA THR C 53 22.07 -31.39 6.72
C THR C 53 23.58 -31.25 6.83
N HIS C 54 24.31 -31.72 5.82
CA HIS C 54 25.77 -31.69 5.82
C HIS C 54 26.31 -30.35 6.33
N LYS C 55 27.41 -30.38 7.10
CA LYS C 55 27.96 -29.14 7.67
C LYS C 55 28.75 -28.28 6.67
N TRP C 56 29.27 -28.87 5.59
CA TRP C 56 30.21 -28.14 4.71
C TRP C 56 29.90 -28.21 3.23
N ILE C 57 29.20 -29.25 2.82
CA ILE C 57 28.88 -29.40 1.41
C ILE C 57 27.38 -29.60 1.20
N THR C 58 26.80 -28.83 0.31
CA THR C 58 25.39 -29.01 0.03
C THR C 58 25.09 -28.74 -1.43
N THR C 59 23.81 -28.54 -1.74
CA THR C 59 23.44 -28.07 -3.06
C THR C 59 22.80 -26.67 -2.97
N ASP C 60 22.65 -26.03 -4.11
CA ASP C 60 21.91 -24.78 -4.13
C ASP C 60 20.58 -25.04 -4.84
N PHE C 61 20.38 -24.38 -5.98
CA PHE C 61 19.11 -24.52 -6.67
C PHE C 61 18.91 -25.91 -7.31
N ALA C 62 19.94 -26.43 -7.97
CA ALA C 62 19.80 -27.62 -8.80
C ALA C 62 20.44 -28.81 -8.14
N GLU C 63 19.96 -30.01 -8.43
CA GLU C 63 20.58 -31.19 -7.85
C GLU C 63 22.07 -31.25 -8.24
N ALA C 64 22.39 -30.82 -9.46
CA ALA C 64 23.77 -30.85 -9.90
C ALA C 64 24.53 -29.59 -9.53
N LEU C 65 23.96 -28.72 -8.72
CA LEU C 65 24.65 -27.47 -8.40
C LEU C 65 25.27 -27.53 -7.02
N LEU C 66 26.54 -27.93 -6.95
CA LEU C 66 27.22 -28.04 -5.66
C LEU C 66 27.46 -26.69 -4.99
N GLU C 67 27.42 -26.68 -3.67
CA GLU C 67 27.88 -25.50 -2.96
C GLU C 67 28.72 -25.86 -1.74
N PHE C 68 29.93 -25.28 -1.66
CA PHE C 68 30.86 -25.52 -0.55
C PHE C 68 30.82 -24.34 0.38
N ILE C 69 30.80 -24.65 1.68
CA ILE C 69 30.67 -23.63 2.71
C ILE C 69 31.72 -23.82 3.77
N THR C 70 32.43 -22.75 4.14
CA THR C 70 33.40 -22.90 5.20
C THR C 70 32.83 -22.39 6.52
N PRO C 71 33.17 -23.06 7.62
CA PRO C 71 32.75 -22.59 8.94
C PRO C 71 33.48 -21.31 9.27
N VAL C 72 32.80 -20.40 9.95
CA VAL C 72 33.38 -19.08 10.25
C VAL C 72 34.74 -19.28 10.88
N ASP C 73 35.64 -18.33 10.65
CA ASP C 73 37.05 -18.57 10.86
C ASP C 73 37.79 -17.23 10.80
N GLY C 74 38.86 -17.09 11.58
CA GLY C 74 39.62 -15.83 11.66
C GLY C 74 40.90 -15.81 10.82
N ASP C 75 41.19 -16.94 10.16
CA ASP C 75 42.46 -17.08 9.45
C ASP C 75 42.30 -17.37 7.96
N ILE C 76 42.80 -16.46 7.12
CA ILE C 76 42.60 -16.56 5.68
C ILE C 76 43.16 -17.85 5.06
N GLU C 77 44.41 -18.15 5.35
CA GLU C 77 45.01 -19.35 4.83
C GLU C 77 44.22 -20.58 5.31
N HIS C 78 43.87 -20.60 6.58
CA HIS C 78 43.09 -21.72 7.08
C HIS C 78 41.76 -21.95 6.31
N MET C 79 41.01 -20.86 6.12
CA MET C 79 39.74 -20.90 5.41
C MET C 79 39.92 -21.31 3.97
N LEU C 80 40.94 -20.76 3.30
CA LEU C 80 41.13 -21.12 1.92
C LEU C 80 41.55 -22.57 1.80
N THR C 81 42.37 -23.05 2.73
CA THR C 81 42.79 -24.44 2.71
C THR C 81 41.57 -25.36 2.93
N PHE C 82 40.72 -25.02 3.90
CA PHE C 82 39.51 -25.78 4.17
C PHE C 82 38.66 -25.92 2.88
N MET C 83 38.47 -24.79 2.20
CA MET C 83 37.65 -24.77 0.98
C MET C 83 38.25 -25.73 -0.02
N ARG C 84 39.57 -25.71 -0.11
CA ARG C 84 40.28 -26.60 -1.01
C ARG C 84 40.17 -28.07 -0.59
N ASP C 85 40.25 -28.36 0.69
CA ASP C 85 40.01 -29.74 1.10
C ASP C 85 38.65 -30.21 0.58
N LEU C 86 37.60 -29.39 0.77
CA LEU C 86 36.28 -29.72 0.24
C LEU C 86 36.31 -30.07 -1.23
N HIS C 87 37.00 -29.27 -2.04
CA HIS C 87 37.02 -29.51 -3.46
C HIS C 87 37.81 -30.77 -3.78
N ARG C 88 38.95 -30.92 -3.12
CA ARG C 88 39.80 -32.09 -3.29
C ARG C 88 39.00 -33.34 -3.10
N TYR C 89 38.41 -33.47 -1.92
CA TYR C 89 37.64 -34.64 -1.63
C TYR C 89 36.54 -34.87 -2.65
N THR C 90 35.86 -33.80 -3.02
CA THR C 90 34.70 -33.95 -3.85
C THR C 90 35.10 -34.39 -5.25
N ALA C 91 36.15 -33.79 -5.77
CA ALA C 91 36.62 -34.13 -7.11
C ALA C 91 37.03 -35.60 -7.21
N ARG C 92 37.42 -36.19 -6.09
CA ARG C 92 37.84 -37.57 -6.03
C ARG C 92 36.67 -38.56 -5.89
N ASN C 93 35.46 -38.04 -5.81
CA ASN C 93 34.33 -38.86 -5.41
C ASN C 93 33.09 -38.55 -6.24
N MET C 94 33.28 -38.25 -7.51
CA MET C 94 32.17 -37.92 -8.37
C MET C 94 32.40 -38.53 -9.76
N GLY C 95 33.08 -39.68 -9.79
CA GLY C 95 33.32 -40.40 -11.03
C GLY C 95 34.10 -39.54 -11.99
N ASP C 96 33.66 -39.51 -13.25
CA ASP C 96 34.41 -38.77 -14.27
C ASP C 96 33.87 -37.34 -14.41
N GLU C 97 32.91 -37.00 -13.58
CA GLU C 97 32.37 -35.63 -13.55
C GLU C 97 33.38 -34.63 -13.00
N ARG C 98 33.30 -33.41 -13.49
CA ARG C 98 34.17 -32.34 -13.02
C ARG C 98 33.35 -31.06 -12.76
N MET C 99 34.00 -30.02 -12.24
CA MET C 99 33.31 -28.81 -11.81
C MET C 99 33.49 -27.63 -12.74
N TRP C 100 32.37 -27.12 -13.27
CA TRP C 100 32.38 -25.99 -14.18
C TRP C 100 33.07 -24.81 -13.49
N PRO C 101 34.10 -24.22 -14.11
CA PRO C 101 34.85 -23.22 -13.39
C PRO C 101 34.46 -21.80 -13.72
N LEU C 102 33.34 -21.60 -14.41
CA LEU C 102 32.86 -20.23 -14.72
C LEU C 102 31.54 -19.89 -14.04
N SER C 103 31.21 -18.60 -13.98
CA SER C 103 29.91 -18.20 -13.43
C SER C 103 28.79 -18.61 -14.37
N MET C 104 28.99 -18.31 -15.64
CA MET C 104 27.98 -18.59 -16.67
C MET C 104 28.10 -20.03 -17.16
N PRO C 105 26.99 -20.77 -17.16
CA PRO C 105 27.02 -22.15 -17.66
C PRO C 105 27.08 -22.17 -19.18
N SER C 106 27.28 -23.33 -19.79
CA SER C 106 27.25 -23.32 -21.26
C SER C 106 26.32 -24.29 -22.00
N TYR C 107 26.18 -25.51 -21.52
CA TYR C 107 25.49 -26.47 -22.36
C TYR C 107 24.11 -26.75 -21.80
N ILE C 108 23.27 -25.74 -21.95
CA ILE C 108 21.99 -25.69 -21.29
C ILE C 108 21.14 -24.70 -22.10
N ALA C 109 20.09 -25.21 -22.76
CA ALA C 109 19.12 -24.38 -23.50
C ALA C 109 17.95 -23.98 -22.59
N GLU C 110 17.22 -22.91 -22.95
CA GLU C 110 16.09 -22.45 -22.13
C GLU C 110 15.07 -23.59 -21.90
N GLY C 111 14.72 -23.83 -20.65
CA GLY C 111 13.74 -24.86 -20.29
C GLY C 111 14.24 -26.31 -20.31
N GLN C 112 15.55 -26.50 -20.45
CA GLN C 112 16.14 -27.82 -20.24
C GLN C 112 15.58 -28.29 -18.89
N ASP C 113 15.11 -29.53 -18.85
CA ASP C 113 14.52 -30.05 -17.63
C ASP C 113 15.60 -30.27 -16.56
N ILE C 114 15.99 -29.21 -15.88
CA ILE C 114 17.05 -29.26 -14.88
C ILE C 114 16.52 -29.77 -13.55
N GLU C 115 17.06 -30.88 -13.07
CA GLU C 115 16.53 -31.45 -11.83
C GLU C 115 16.74 -30.55 -10.61
N LEU C 116 15.64 -30.12 -10.02
CA LEU C 116 15.69 -29.34 -8.79
C LEU C 116 16.45 -30.08 -7.70
N ALA C 117 17.07 -29.36 -6.77
CA ALA C 117 17.76 -29.98 -5.66
C ALA C 117 16.83 -30.86 -4.82
N GLN C 118 17.32 -32.05 -4.46
CA GLN C 118 16.51 -33.07 -3.76
C GLN C 118 16.93 -33.25 -2.32
N TYR C 119 15.96 -33.24 -1.41
CA TYR C 119 16.29 -33.29 0.02
C TYR C 119 15.46 -34.26 0.84
N GLY C 120 15.00 -35.35 0.22
CA GLY C 120 14.20 -36.34 0.93
C GLY C 120 12.80 -35.89 1.26
N THR C 121 12.13 -36.64 2.14
CA THR C 121 10.69 -36.51 2.34
C THR C 121 10.29 -35.64 3.53
N SER C 122 11.24 -35.35 4.41
CA SER C 122 10.92 -34.48 5.54
C SER C 122 10.13 -33.25 5.08
N ASN C 123 9.54 -32.55 6.04
CA ASN C 123 8.80 -31.36 5.72
C ASN C 123 9.73 -30.22 5.33
N THR C 124 10.72 -29.97 6.19
CA THR C 124 11.76 -29.03 5.91
C THR C 124 12.38 -29.35 4.56
N GLY C 125 12.63 -30.63 4.30
CA GLY C 125 13.26 -31.02 3.05
C GLY C 125 12.37 -30.74 1.87
N ARG C 126 11.09 -31.05 2.01
CA ARG C 126 10.21 -30.93 0.88
C ARG C 126 9.88 -29.47 0.61
N PHE C 127 10.01 -28.65 1.65
CA PHE C 127 9.77 -27.21 1.57
C PHE C 127 10.86 -26.54 0.74
N LYS C 128 12.10 -26.97 0.97
CA LYS C 128 13.22 -26.39 0.27
C LYS C 128 13.13 -26.70 -1.23
N THR C 129 12.76 -27.94 -1.57
CA THR C 129 12.58 -28.28 -2.97
C THR C 129 11.47 -27.43 -3.58
N LEU C 130 10.40 -27.24 -2.82
CA LEU C 130 9.25 -26.48 -3.30
C LEU C 130 9.59 -25.01 -3.54
N TYR C 131 10.39 -24.44 -2.64
CA TYR C 131 10.92 -23.10 -2.83
C TYR C 131 11.55 -23.00 -4.22
N ARG C 132 12.34 -23.99 -4.56
CA ARG C 132 13.07 -24.03 -5.83
C ARG C 132 12.14 -24.21 -7.03
N GLU C 133 11.11 -25.04 -6.84
CA GLU C 133 10.05 -25.13 -7.85
C GLU C 133 9.51 -23.73 -8.12
N GLY C 134 9.21 -23.00 -7.05
CA GLY C 134 8.76 -21.61 -7.15
C GLY C 134 9.71 -20.76 -7.96
N LEU C 135 10.97 -20.70 -7.54
CA LEU C 135 12.04 -20.01 -8.26
C LEU C 135 12.07 -20.40 -9.73
N LYS C 136 12.02 -21.70 -10.03
CA LYS C 136 12.02 -22.14 -11.43
C LYS C 136 10.84 -21.51 -12.16
N ASN C 137 9.64 -21.76 -11.67
CA ASN C 137 8.44 -21.22 -12.29
C ASN C 137 8.38 -19.70 -12.36
N ARG C 138 8.97 -18.99 -11.38
CA ARG C 138 8.97 -17.55 -11.45
C ARG C 138 10.05 -16.99 -12.39
N TYR C 139 11.21 -17.63 -12.46
CA TYR C 139 12.34 -17.01 -13.14
C TYR C 139 12.92 -17.84 -14.27
N GLY C 140 12.64 -19.13 -14.30
CA GLY C 140 13.26 -20.04 -15.26
C GLY C 140 14.38 -20.76 -14.53
N ALA C 141 14.53 -22.07 -14.75
CA ALA C 141 15.61 -22.80 -14.08
C ALA C 141 16.98 -22.32 -14.56
N LEU C 142 17.01 -21.75 -15.76
CA LEU C 142 18.29 -21.48 -16.39
C LEU C 142 19.08 -20.43 -15.60
N MET C 143 18.40 -19.33 -15.27
CA MET C 143 19.03 -18.26 -14.54
C MET C 143 19.54 -18.77 -13.18
N GLN C 144 18.89 -19.81 -12.65
CA GLN C 144 19.30 -20.36 -11.37
C GLN C 144 20.52 -21.27 -11.46
N THR C 145 21.08 -21.45 -12.65
CA THR C 145 22.33 -22.20 -12.75
C THR C 145 23.56 -21.32 -12.91
N ILE C 146 23.37 -20.01 -12.93
CA ILE C 146 24.50 -19.09 -12.83
C ILE C 146 25.07 -19.19 -11.43
N SER C 147 26.39 -19.27 -11.31
CA SER C 147 26.96 -19.51 -9.98
C SER C 147 27.90 -18.39 -9.56
N GLY C 148 28.18 -18.33 -8.26
CA GLY C 148 28.94 -17.21 -7.72
C GLY C 148 29.67 -17.57 -6.46
N VAL C 149 30.30 -16.56 -5.87
CA VAL C 149 30.95 -16.73 -4.58
C VAL C 149 30.41 -15.67 -3.64
N HIS C 150 30.06 -16.09 -2.44
CA HIS C 150 29.69 -15.15 -1.40
C HIS C 150 30.79 -15.03 -0.38
N TYR C 151 31.03 -13.82 0.05
CA TYR C 151 32.05 -13.58 1.04
C TYR C 151 31.37 -13.04 2.29
N ASN C 152 31.54 -13.74 3.40
CA ASN C 152 30.87 -13.39 4.63
C ASN C 152 31.90 -12.87 5.61
N PHE C 153 31.53 -11.82 6.33
CA PHE C 153 32.53 -11.02 7.01
C PHE C 153 31.96 -10.31 8.23
N SER C 154 32.73 -10.31 9.31
CA SER C 154 32.36 -9.51 10.48
C SER C 154 33.60 -8.92 11.13
N LEU C 155 33.45 -7.69 11.59
CA LEU C 155 34.44 -7.04 12.39
C LEU C 155 34.46 -7.62 13.79
N PRO C 156 35.61 -7.55 14.46
CA PRO C 156 35.72 -8.06 15.84
C PRO C 156 35.18 -7.05 16.84
N MET C 157 34.69 -7.52 18.00
CA MET C 157 34.11 -6.62 19.00
C MET C 157 35.06 -5.47 19.31
N ALA C 158 36.37 -5.76 19.24
CA ALA C 158 37.39 -4.78 19.57
C ALA C 158 37.23 -3.51 18.72
N PHE C 159 36.80 -3.70 17.48
CA PHE C 159 36.54 -2.58 16.59
C PHE C 159 35.47 -1.65 17.13
N TRP C 160 34.34 -2.22 17.54
CA TRP C 160 33.23 -1.42 18.06
C TRP C 160 33.59 -0.80 19.42
N GLN C 161 34.29 -1.56 20.26
CA GLN C 161 34.76 -1.01 21.55
C GLN C 161 35.70 0.16 21.35
N ALA C 162 36.56 0.06 20.33
CA ALA C 162 37.54 1.12 20.10
C ALA C 162 36.91 2.43 19.61
N LYS C 163 35.73 2.37 18.97
CA LYS C 163 35.04 3.62 18.60
C LYS C 163 34.53 4.35 19.85
N ILE C 167 30.02 1.60 25.07
CA ILE C 167 28.81 0.90 24.60
C ILE C 167 28.44 -0.43 25.33
N SER C 168 27.70 -0.30 26.42
CA SER C 168 27.34 -1.45 27.21
C SER C 168 25.93 -1.92 26.92
N GLY C 169 25.72 -3.23 27.12
CA GLY C 169 24.41 -3.82 27.14
C GLY C 169 23.68 -3.67 25.82
N ALA C 170 22.43 -3.22 25.91
CA ALA C 170 21.57 -3.04 24.74
C ALA C 170 22.19 -2.15 23.64
N ASP C 171 23.02 -1.17 24.03
CA ASP C 171 23.74 -0.32 23.09
C ASP C 171 24.55 -1.08 22.07
N ALA C 172 25.32 -2.06 22.52
CA ALA C 172 26.11 -2.88 21.62
C ALA C 172 25.34 -3.22 20.35
N LYS C 173 24.42 -4.18 20.46
CA LYS C 173 23.53 -4.53 19.36
C LYS C 173 23.15 -3.32 18.44
N GLU C 174 22.80 -2.17 18.99
CA GLU C 174 22.43 -1.01 18.13
C GLU C 174 23.59 -0.43 17.37
N LYS C 175 24.74 -0.25 18.03
CA LYS C 175 25.90 0.32 17.37
C LYS C 175 26.43 -0.61 16.27
N ILE C 176 26.57 -1.90 16.55
CA ILE C 176 27.03 -2.83 15.55
C ILE C 176 26.08 -2.76 14.36
N SER C 177 24.79 -2.80 14.60
CA SER C 177 23.88 -2.73 13.48
C SER C 177 24.09 -1.45 12.71
N ALA C 178 24.26 -0.34 13.42
CA ALA C 178 24.34 0.94 12.72
C ALA C 178 25.59 0.98 11.83
N GLY C 179 26.68 0.38 12.32
CA GLY C 179 27.92 0.35 11.60
C GLY C 179 27.81 -0.49 10.36
N TYR C 180 27.11 -1.62 10.45
CA TYR C 180 26.93 -2.45 9.28
C TYR C 180 26.05 -1.83 8.20
N PHE C 181 25.10 -1.00 8.58
CA PHE C 181 24.24 -0.39 7.57
C PHE C 181 25.03 0.67 6.83
N ARG C 182 25.94 1.30 7.56
CA ARG C 182 26.91 2.19 6.97
C ARG C 182 27.74 1.40 5.94
N VAL C 183 28.21 0.22 6.33
CA VAL C 183 28.99 -0.57 5.42
C VAL C 183 28.18 -0.75 4.15
N ILE C 184 26.93 -1.15 4.33
CA ILE C 184 26.06 -1.45 3.20
C ILE C 184 25.79 -0.24 2.31
N ARG C 185 25.53 0.91 2.92
CA ARG C 185 25.29 2.09 2.11
C ARG C 185 26.55 2.38 1.28
N ASN C 186 27.73 2.18 1.88
CA ASN C 186 28.97 2.57 1.21
C ASN C 186 29.23 1.60 0.09
N TYR C 187 28.85 0.35 0.33
CA TYR C 187 28.99 -0.66 -0.67
C TYR C 187 28.18 -0.34 -1.92
N TYR C 188 26.93 0.09 -1.73
CA TYR C 188 26.12 0.48 -2.84
C TYR C 188 26.76 1.65 -3.56
N ARG C 189 27.40 2.57 -2.84
CA ARG C 189 27.96 3.73 -3.52
C ARG C 189 29.22 3.39 -4.28
N PHE C 190 30.07 2.52 -3.72
CA PHE C 190 31.40 2.33 -4.29
C PHE C 190 31.76 0.89 -4.65
N GLY C 191 30.84 -0.05 -4.44
CA GLY C 191 31.17 -1.46 -4.61
C GLY C 191 31.31 -1.92 -6.05
N TRP C 192 31.01 -1.03 -6.99
CA TRP C 192 31.21 -1.39 -8.41
C TRP C 192 32.70 -1.71 -8.69
N VAL C 193 33.57 -1.30 -7.78
CA VAL C 193 34.98 -1.61 -7.92
C VAL C 193 35.22 -3.14 -7.94
N ILE C 194 34.35 -3.89 -7.27
CA ILE C 194 34.41 -5.34 -7.27
C ILE C 194 34.23 -6.01 -8.65
N PRO C 195 33.09 -5.79 -9.32
CA PRO C 195 33.00 -6.33 -10.69
C PRO C 195 34.06 -5.74 -11.61
N TYR C 196 34.46 -4.50 -11.39
CA TYR C 196 35.54 -4.03 -12.22
C TYR C 196 36.78 -4.93 -12.15
N LEU C 197 37.27 -5.18 -10.94
CA LEU C 197 38.50 -5.92 -10.76
C LEU C 197 38.32 -7.41 -11.01
N PHE C 198 37.15 -7.91 -10.68
CA PHE C 198 36.98 -9.34 -10.53
C PHE C 198 35.81 -9.89 -11.25
N GLY C 199 34.99 -9.04 -11.87
CA GLY C 199 33.95 -9.52 -12.78
C GLY C 199 34.60 -10.46 -13.78
N ALA C 200 33.93 -11.57 -14.04
CA ALA C 200 34.47 -12.61 -14.90
C ALA C 200 33.37 -13.25 -15.76
N SER C 201 32.47 -12.43 -16.29
CA SER C 201 31.43 -12.96 -17.14
C SER C 201 31.03 -11.91 -18.18
N PRO C 202 31.98 -11.59 -19.08
CA PRO C 202 31.69 -10.59 -20.11
C PRO C 202 30.93 -11.20 -21.30
N ALA C 203 30.65 -12.49 -21.24
CA ALA C 203 29.98 -13.18 -22.33
C ALA C 203 28.90 -14.08 -21.77
N ILE C 204 27.86 -14.34 -22.56
CA ILE C 204 26.83 -15.34 -22.18
C ILE C 204 26.49 -16.14 -23.38
N SER C 205 25.97 -17.35 -23.17
CA SER C 205 25.57 -18.15 -24.31
C SER C 205 24.17 -17.71 -24.75
N SER C 206 23.77 -18.06 -25.97
CA SER C 206 22.51 -17.57 -26.54
C SER C 206 21.30 -17.90 -25.66
N SER C 207 21.34 -19.08 -25.04
CA SER C 207 20.26 -19.55 -24.19
C SER C 207 19.74 -18.44 -23.31
N PHE C 208 20.60 -17.53 -22.88
CA PHE C 208 20.17 -16.47 -21.98
C PHE C 208 19.58 -15.22 -22.63
N LEU C 209 19.48 -15.18 -23.95
CA LEU C 209 19.14 -13.92 -24.60
C LEU C 209 18.02 -14.13 -25.63
N SER C 215 18.22 -5.35 -27.25
CA SER C 215 18.50 -4.37 -26.20
C SER C 215 19.96 -3.86 -26.27
N LEU C 216 20.84 -4.56 -25.56
CA LEU C 216 22.27 -4.23 -25.49
C LEU C 216 23.02 -4.52 -26.79
N PRO C 217 24.02 -3.67 -27.11
CA PRO C 217 24.86 -3.75 -28.35
C PRO C 217 25.78 -4.96 -28.43
N PHE C 218 25.26 -6.17 -28.30
CA PHE C 218 26.07 -7.38 -28.27
C PHE C 218 26.88 -7.67 -29.51
N GLU C 219 27.91 -8.48 -29.35
CA GLU C 219 28.61 -9.08 -30.48
C GLU C 219 28.24 -10.56 -30.47
N LYS C 220 28.16 -11.17 -31.65
CA LYS C 220 27.74 -12.58 -31.77
C LYS C 220 28.88 -13.48 -32.29
N THR C 221 28.63 -14.80 -32.24
CA THR C 221 29.54 -15.81 -32.84
C THR C 221 28.74 -17.07 -33.28
N MET C 225 27.51 -17.41 -29.28
CA MET C 225 28.03 -16.72 -28.08
C MET C 225 28.03 -15.19 -28.16
N TYR C 226 27.32 -14.59 -27.20
CA TYR C 226 27.13 -13.15 -27.14
C TYR C 226 28.10 -12.53 -26.15
N TYR C 227 28.59 -11.35 -26.46
CA TYR C 227 29.41 -10.63 -25.51
C TYR C 227 29.41 -9.13 -25.71
N LEU C 228 29.90 -8.41 -24.73
CA LEU C 228 30.10 -6.98 -24.87
C LEU C 228 31.59 -6.70 -24.70
N PRO C 229 32.13 -5.83 -25.54
CA PRO C 229 33.58 -5.73 -25.59
C PRO C 229 34.18 -5.25 -24.27
N TYR C 230 33.50 -4.35 -23.58
CA TYR C 230 34.08 -3.82 -22.34
C TYR C 230 33.43 -4.28 -21.06
N ALA C 231 32.58 -5.30 -21.16
CA ALA C 231 31.75 -5.77 -20.04
C ALA C 231 32.61 -6.42 -18.95
N THR C 232 32.16 -6.33 -17.70
CA THR C 232 32.86 -7.01 -16.61
C THR C 232 32.07 -8.23 -16.13
N SER C 233 30.84 -7.99 -15.66
CA SER C 233 30.09 -9.06 -15.01
C SER C 233 28.62 -9.07 -15.43
N LEU C 234 28.32 -9.75 -16.52
CA LEU C 234 26.93 -9.87 -16.95
C LEU C 234 26.09 -10.67 -15.97
N ARG C 235 26.73 -11.48 -15.13
CA ARG C 235 25.98 -12.21 -14.13
C ARG C 235 25.24 -11.23 -13.23
N LEU C 236 25.78 -10.01 -13.07
CA LEU C 236 25.11 -8.99 -12.28
C LEU C 236 24.15 -8.13 -13.09
N SER C 237 24.06 -8.30 -14.42
CA SER C 237 23.15 -7.45 -15.23
C SER C 237 21.73 -7.96 -15.11
N ASP C 238 20.84 -7.38 -15.91
CA ASP C 238 19.43 -7.84 -15.94
C ASP C 238 19.28 -9.21 -16.53
N LEU C 239 20.25 -9.65 -17.30
CA LEU C 239 20.16 -10.98 -17.88
C LEU C 239 20.79 -12.02 -16.99
N GLY C 240 21.30 -11.64 -15.82
CA GLY C 240 22.00 -12.57 -14.94
C GLY C 240 21.22 -12.95 -13.70
N TYR C 241 21.94 -13.24 -12.62
CA TYR C 241 21.35 -13.53 -11.30
C TYR C 241 20.70 -12.29 -10.61
N THR C 242 19.67 -11.71 -11.23
CA THR C 242 18.95 -10.52 -10.74
C THR C 242 17.45 -10.79 -10.87
N ASN C 243 16.62 -10.17 -10.01
CA ASN C 243 15.17 -10.54 -9.91
C ASN C 243 14.23 -9.47 -9.31
N SER C 247 13.51 -4.26 -8.22
CA SER C 247 13.84 -2.86 -7.92
C SER C 247 12.74 -2.20 -7.06
N ASN C 248 11.50 -2.18 -7.59
CA ASN C 248 10.31 -1.49 -7.01
C ASN C 248 9.90 -1.75 -5.53
N LEU C 249 10.88 -2.20 -4.72
CA LEU C 249 10.62 -2.73 -3.39
C LEU C 249 10.69 -1.74 -2.23
N GLY C 250 11.35 -0.61 -2.46
CA GLY C 250 11.37 0.45 -1.42
C GLY C 250 12.19 0.07 -0.20
N ILE C 251 13.05 -0.93 -0.35
CA ILE C 251 13.84 -1.39 0.76
C ILE C 251 15.05 -0.52 0.99
N THR C 252 15.22 -0.02 2.21
CA THR C 252 16.35 0.86 2.49
C THR C 252 17.33 0.36 3.56
N PHE C 253 18.44 1.07 3.71
CA PHE C 253 19.48 0.62 4.63
C PHE C 253 19.94 1.69 5.61
N ASN C 254 18.98 2.33 6.25
CA ASN C 254 19.30 3.42 7.15
C ASN C 254 19.26 3.02 8.62
N ASP C 255 18.48 1.98 8.91
CA ASP C 255 18.04 1.72 10.27
C ASP C 255 17.43 0.34 10.33
N LEU C 256 17.90 -0.48 11.26
CA LEU C 256 17.50 -1.88 11.37
C LEU C 256 15.98 -2.14 11.31
N TYR C 257 15.25 -1.42 12.14
CA TYR C 257 13.81 -1.57 12.12
C TYR C 257 13.14 -1.30 10.74
N GLU C 258 13.46 -0.18 10.13
CA GLU C 258 12.97 0.15 8.78
C GLU C 258 13.32 -0.93 7.75
N TYR C 259 14.55 -1.46 7.83
CA TYR C 259 14.96 -2.48 6.88
C TYR C 259 14.10 -3.74 7.00
N VAL C 260 13.98 -4.23 8.24
CA VAL C 260 13.17 -5.40 8.51
C VAL C 260 11.69 -5.16 8.17
N ALA C 261 11.18 -3.98 8.51
CA ALA C 261 9.79 -3.68 8.18
C ALA C 261 9.59 -3.82 6.69
N GLY C 262 10.49 -3.23 5.89
CA GLY C 262 10.41 -3.31 4.42
C GLY C 262 10.49 -4.74 3.90
N LEU C 263 11.35 -5.52 4.50
CA LEU C 263 11.56 -6.88 4.05
C LEU C 263 10.37 -7.72 4.40
N LYS C 264 9.87 -7.54 5.63
CA LYS C 264 8.67 -8.27 6.09
C LYS C 264 7.49 -7.87 5.27
N GLN C 265 7.48 -6.62 4.84
CA GLN C 265 6.39 -6.18 4.01
C GLN C 265 6.42 -6.90 2.67
N ALA C 266 7.62 -7.19 2.17
CA ALA C 266 7.71 -7.82 0.86
C ALA C 266 7.28 -9.29 0.85
N ILE C 267 7.52 -10.02 1.94
CA ILE C 267 7.10 -11.42 1.95
C ILE C 267 5.59 -11.52 2.12
N LYS C 268 4.99 -10.45 2.65
CA LYS C 268 3.53 -10.34 2.76
C LYS C 268 2.88 -9.64 1.57
N THR C 269 3.66 -9.13 0.63
CA THR C 269 3.05 -8.50 -0.56
C THR C 269 2.71 -9.48 -1.70
N PRO C 270 1.43 -9.59 -2.03
CA PRO C 270 1.01 -10.46 -3.13
C PRO C 270 1.41 -9.86 -4.48
N SER C 271 1.78 -10.73 -5.42
CA SER C 271 2.20 -10.32 -6.75
C SER C 271 1.15 -10.81 -7.73
N GLU C 272 0.67 -9.94 -8.61
CA GLU C 272 -0.30 -10.41 -9.62
C GLU C 272 0.39 -11.34 -10.61
N GLU C 273 1.54 -10.90 -11.10
CA GLU C 273 2.26 -11.73 -12.03
C GLU C 273 2.36 -13.14 -11.50
N TYR C 274 2.66 -13.28 -10.22
CA TYR C 274 2.93 -14.61 -9.67
C TYR C 274 1.69 -15.43 -9.40
N ALA C 275 0.61 -14.75 -9.00
CA ALA C 275 -0.69 -15.42 -8.84
C ALA C 275 -1.12 -16.10 -10.15
N LYS C 276 -0.65 -15.56 -11.28
CA LYS C 276 -1.05 -16.06 -12.60
C LYS C 276 -0.33 -17.34 -12.98
N ILE C 277 0.65 -17.71 -12.17
CA ILE C 277 1.32 -18.99 -12.31
C ILE C 277 0.47 -20.06 -11.62
N GLY C 278 -0.26 -19.64 -10.60
CA GLY C 278 -1.08 -20.55 -9.80
C GLY C 278 -0.32 -21.00 -8.58
N ILE C 279 -1.03 -21.52 -7.59
CA ILE C 279 -0.39 -22.02 -6.39
C ILE C 279 -0.12 -23.50 -6.60
N GLU C 280 -0.91 -24.12 -7.46
CA GLU C 280 -0.74 -25.55 -7.78
C GLU C 280 -1.54 -25.93 -9.02
N LYS C 281 -0.90 -26.63 -9.95
CA LYS C 281 -1.54 -26.98 -11.23
C LYS C 281 -1.55 -28.49 -11.38
N ASP C 282 -2.75 -29.06 -11.49
CA ASP C 282 -2.94 -30.51 -11.60
C ASP C 282 -2.42 -31.28 -10.37
N GLY C 283 -2.60 -30.69 -9.18
CA GLY C 283 -2.24 -31.32 -7.91
C GLY C 283 -0.76 -31.31 -7.55
N LYS C 284 0.06 -30.74 -8.45
CA LYS C 284 1.49 -30.48 -8.18
C LYS C 284 1.63 -29.04 -7.68
N ARG C 285 2.12 -28.92 -6.46
CA ARG C 285 2.31 -27.62 -5.84
C ARG C 285 3.43 -26.82 -6.56
N LEU C 286 3.04 -25.72 -7.19
CA LEU C 286 3.92 -24.94 -8.05
C LEU C 286 4.83 -23.91 -7.35
N GLN C 287 4.56 -23.63 -6.08
CA GLN C 287 5.33 -22.61 -5.38
C GLN C 287 4.81 -22.40 -3.97
N ILE C 288 5.63 -21.88 -3.09
CA ILE C 288 5.22 -21.77 -1.71
C ILE C 288 4.02 -20.83 -1.55
N ASN C 289 4.03 -19.72 -2.27
CA ASN C 289 2.91 -18.79 -2.25
C ASN C 289 3.06 -17.90 -3.46
N SER C 290 2.18 -16.91 -3.60
CA SER C 290 2.26 -16.03 -4.76
C SER C 290 2.71 -14.63 -4.40
N ASN C 291 3.39 -14.49 -3.28
CA ASN C 291 3.87 -13.17 -2.91
C ASN C 291 5.15 -12.77 -3.61
N VAL C 292 5.45 -11.47 -3.63
CA VAL C 292 6.67 -10.99 -4.27
C VAL C 292 7.90 -11.83 -3.89
N LEU C 293 8.06 -12.14 -2.60
CA LEU C 293 9.09 -13.05 -2.17
C LEU C 293 8.42 -14.19 -1.44
N GLN C 294 8.71 -15.44 -1.83
CA GLN C 294 8.15 -16.58 -1.08
C GLN C 294 8.74 -16.64 0.31
N ILE C 295 10.04 -16.42 0.41
CA ILE C 295 10.73 -16.30 1.69
C ILE C 295 11.79 -15.26 1.49
N GLU C 296 12.51 -14.91 2.53
CA GLU C 296 13.33 -13.73 2.44
C GLU C 296 14.57 -13.96 1.60
N ASN C 297 14.89 -15.22 1.37
CA ASN C 297 16.05 -15.53 0.57
C ASN C 297 15.87 -15.10 -0.89
N GLU C 298 14.64 -14.89 -1.31
CA GLU C 298 14.41 -14.64 -2.69
C GLU C 298 14.77 -13.22 -3.03
N LEU C 299 15.06 -12.40 -2.05
CA LEU C 299 15.41 -11.03 -2.31
C LEU C 299 16.83 -10.99 -2.82
N TYR C 300 17.00 -10.93 -4.12
CA TYR C 300 18.37 -11.01 -4.62
C TYR C 300 18.96 -9.62 -4.50
N ALA C 301 20.19 -9.55 -3.99
CA ALA C 301 20.84 -8.27 -3.65
C ALA C 301 22.34 -8.49 -3.68
N PRO C 302 23.08 -7.47 -4.03
CA PRO C 302 24.51 -7.56 -4.11
C PRO C 302 25.13 -7.79 -2.72
N ILE C 303 24.45 -7.30 -1.69
CA ILE C 303 24.99 -7.39 -0.37
C ILE C 303 23.83 -7.58 0.54
N ARG C 304 24.05 -8.11 1.72
CA ARG C 304 22.92 -8.47 2.54
C ARG C 304 23.31 -8.57 4.02
N PRO C 305 22.53 -7.98 4.93
CA PRO C 305 22.86 -8.02 6.36
C PRO C 305 22.35 -9.34 6.90
N LYS C 306 23.02 -9.88 7.92
CA LYS C 306 22.75 -11.23 8.36
C LYS C 306 22.97 -11.44 9.83
N ARG C 307 22.22 -12.40 10.37
CA ARG C 307 22.51 -12.99 11.67
C ARG C 307 22.13 -14.46 11.57
N VAL C 308 22.95 -15.33 12.12
CA VAL C 308 22.69 -16.77 12.10
C VAL C 308 21.36 -17.08 12.79
N THR C 309 20.44 -17.69 12.06
CA THR C 309 19.11 -17.98 12.58
C THR C 309 19.14 -19.14 13.56
N ARG C 310 18.34 -19.03 14.61
CA ARG C 310 18.04 -20.23 15.39
C ARG C 310 17.26 -21.24 14.53
N SER C 311 17.16 -22.47 15.03
CA SER C 311 16.38 -23.52 14.37
C SER C 311 15.01 -23.01 13.86
N GLY C 312 14.82 -23.07 12.53
CA GLY C 312 13.55 -22.67 11.90
C GLY C 312 13.18 -21.19 11.89
N GLU C 313 13.77 -20.37 12.79
CA GLU C 313 13.63 -18.88 12.82
C GLU C 313 13.96 -18.23 11.45
N SER C 314 13.20 -17.20 11.10
CA SER C 314 13.38 -16.54 9.82
C SER C 314 14.51 -15.51 9.85
N PRO C 315 15.19 -15.37 8.73
CA PRO C 315 16.29 -14.40 8.61
C PRO C 315 15.93 -13.03 9.19
N SER C 316 14.72 -12.59 8.95
CA SER C 316 14.34 -11.26 9.43
C SER C 316 14.03 -11.23 10.94
N ASP C 317 13.41 -12.29 11.46
CA ASP C 317 13.27 -12.45 12.90
C ASP C 317 14.64 -12.38 13.57
N ALA C 318 15.62 -13.10 13.03
CA ALA C 318 16.92 -13.12 13.68
C ALA C 318 17.53 -11.72 13.73
N LEU C 319 17.36 -10.93 12.68
CA LEU C 319 17.95 -9.59 12.67
C LEU C 319 17.26 -8.74 13.69
N LEU C 320 15.96 -8.95 13.82
CA LEU C 320 15.19 -8.11 14.73
C LEU C 320 15.51 -8.46 16.20
N ARG C 321 15.73 -9.73 16.48
CA ARG C 321 16.08 -10.19 17.80
C ARG C 321 17.48 -9.73 18.21
N GLY C 322 18.47 -9.93 17.34
CA GLY C 322 19.87 -9.66 17.69
C GLY C 322 20.64 -8.56 16.97
N GLY C 323 20.05 -7.90 15.98
CA GLY C 323 20.76 -6.88 15.20
C GLY C 323 21.65 -7.55 14.16
N ILE C 324 22.35 -6.77 13.33
CA ILE C 324 23.19 -7.38 12.32
C ILE C 324 24.43 -8.06 12.93
N GLU C 325 24.62 -9.35 12.64
CA GLU C 325 25.80 -10.06 13.13
C GLU C 325 26.97 -10.01 12.14
N TYR C 326 26.72 -10.23 10.86
CA TYR C 326 27.75 -10.15 9.86
C TYR C 326 27.15 -9.68 8.54
N ILE C 327 27.97 -9.52 7.52
CA ILE C 327 27.55 -9.02 6.23
C ILE C 327 27.83 -10.07 5.18
N GLU C 328 26.93 -10.29 4.25
CA GLU C 328 27.21 -11.20 3.15
C GLU C 328 27.38 -10.40 1.86
N VAL C 329 28.59 -10.46 1.29
CA VAL C 329 28.83 -9.90 -0.01
C VAL C 329 28.60 -10.97 -1.06
N ARG C 330 27.68 -10.69 -1.99
CA ARG C 330 27.20 -11.67 -2.93
C ARG C 330 27.64 -11.39 -4.38
N SER C 331 28.34 -10.29 -4.62
CA SER C 331 28.57 -9.92 -5.99
C SER C 331 29.81 -10.55 -6.72
N LEU C 332 30.61 -11.40 -6.07
CA LEU C 332 31.75 -12.02 -6.75
C LEU C 332 31.36 -13.07 -7.77
N ASP C 333 31.85 -12.93 -9.00
CA ASP C 333 31.71 -14.01 -9.97
C ASP C 333 32.67 -15.14 -9.56
N ILE C 334 32.50 -16.32 -10.14
CA ILE C 334 33.52 -17.35 -9.97
C ILE C 334 34.85 -16.81 -10.51
N ASN C 335 35.93 -17.03 -9.77
CA ASN C 335 37.28 -16.75 -10.24
C ASN C 335 37.68 -17.91 -11.15
N PRO C 336 37.73 -17.67 -12.46
CA PRO C 336 38.01 -18.78 -13.38
C PRO C 336 39.48 -19.19 -13.30
N PHE C 337 40.29 -18.36 -12.66
CA PHE C 337 41.71 -18.62 -12.55
C PHE C 337 42.09 -19.33 -11.27
N SER C 338 41.14 -19.97 -10.60
CA SER C 338 41.47 -20.71 -9.40
C SER C 338 40.62 -21.96 -9.30
N PRO C 339 41.24 -23.11 -9.04
CA PRO C 339 40.52 -24.37 -8.99
C PRO C 339 39.42 -24.35 -7.94
N ILE C 340 39.47 -23.43 -6.99
CA ILE C 340 38.39 -23.35 -6.00
C ILE C 340 37.51 -22.12 -6.18
N GLY C 341 37.71 -21.41 -7.29
CA GLY C 341 36.84 -20.33 -7.70
C GLY C 341 36.96 -19.04 -6.93
N VAL C 342 37.92 -18.99 -6.00
CA VAL C 342 38.19 -17.76 -5.26
C VAL C 342 39.61 -17.82 -4.75
N ASP C 343 40.21 -16.67 -4.48
CA ASP C 343 41.57 -16.73 -3.96
C ASP C 343 41.93 -15.62 -2.98
N GLU C 344 43.14 -15.73 -2.44
CA GLU C 344 43.57 -14.93 -1.33
C GLU C 344 43.62 -13.45 -1.68
N GLN C 345 43.93 -13.17 -2.93
CA GLN C 345 43.94 -11.79 -3.38
C GLN C 345 42.54 -11.16 -3.26
N GLN C 346 41.51 -11.89 -3.68
CA GLN C 346 40.17 -11.34 -3.60
C GLN C 346 39.78 -11.16 -2.15
N VAL C 347 40.00 -12.19 -1.35
CA VAL C 347 39.63 -12.13 0.03
C VAL C 347 40.30 -10.95 0.73
N ARG C 348 41.58 -10.74 0.48
CA ARG C 348 42.22 -9.65 1.19
C ARG C 348 41.72 -8.29 0.70
N PHE C 349 41.33 -8.21 -0.57
CA PHE C 349 40.88 -6.93 -1.05
C PHE C 349 39.55 -6.62 -0.37
N LEU C 350 38.70 -7.64 -0.27
CA LEU C 350 37.40 -7.46 0.38
C LEU C 350 37.52 -7.02 1.85
N ASP C 351 38.44 -7.63 2.61
CA ASP C 351 38.71 -7.18 3.98
C ASP C 351 38.98 -5.69 3.90
N LEU C 352 39.88 -5.28 3.02
CA LEU C 352 40.27 -3.86 2.96
C LEU C 352 39.09 -2.97 2.61
N PHE C 353 38.32 -3.38 1.61
CA PHE C 353 37.24 -2.56 1.12
C PHE C 353 36.08 -2.49 2.13
N MET C 354 35.72 -3.65 2.71
CA MET C 354 34.75 -3.67 3.82
C MET C 354 35.15 -2.75 5.00
N VAL C 355 36.42 -2.82 5.42
CA VAL C 355 36.84 -1.96 6.50
C VAL C 355 36.68 -0.51 6.07
N TRP C 356 37.13 -0.17 4.87
CA TRP C 356 36.96 1.19 4.39
C TRP C 356 35.49 1.59 4.39
N CYS C 357 34.62 0.69 3.94
CA CYS C 357 33.21 0.92 4.04
C CYS C 357 32.71 1.20 5.48
N ALA C 358 33.33 0.59 6.48
CA ALA C 358 32.93 0.86 7.88
C ALA C 358 33.43 2.18 8.41
N LEU C 359 34.45 2.75 7.77
CA LEU C 359 35.05 3.98 8.27
C LEU C 359 34.46 5.24 7.66
N ALA C 360 34.16 5.17 6.36
CA ALA C 360 33.69 6.33 5.61
C ALA C 360 32.29 6.77 6.02
N ASP C 361 32.09 8.06 6.17
CA ASP C 361 30.75 8.60 6.36
C ASP C 361 29.80 8.33 5.20
N ALA C 362 28.57 7.95 5.56
CA ALA C 362 27.60 7.46 4.60
C ALA C 362 26.22 7.99 4.95
N PRO C 363 25.86 9.17 4.40
CA PRO C 363 24.58 9.72 4.78
C PRO C 363 23.47 8.70 4.51
N GLU C 364 22.32 8.87 5.14
CA GLU C 364 21.18 8.02 4.83
C GLU C 364 20.71 8.21 3.39
N MET C 365 20.13 7.14 2.83
CA MET C 365 19.65 7.16 1.45
C MET C 365 18.22 6.70 1.33
N SER C 366 17.43 7.50 0.61
CA SER C 366 16.05 7.13 0.32
C SER C 366 16.13 6.12 -0.78
N SER C 367 15.03 5.47 -1.07
CA SER C 367 15.18 4.32 -1.94
C SER C 367 15.40 4.78 -3.38
N SER C 368 15.09 6.04 -3.66
CA SER C 368 15.44 6.57 -4.97
C SER C 368 16.88 7.07 -5.06
N GLU C 369 17.44 7.53 -3.95
CA GLU C 369 18.90 7.70 -3.90
C GLU C 369 19.66 6.38 -4.08
N LEU C 370 19.13 5.28 -3.54
CA LEU C 370 19.72 3.98 -3.80
C LEU C 370 19.62 3.57 -5.25
N ALA C 371 18.49 3.81 -5.90
CA ALA C 371 18.43 3.53 -7.33
C ALA C 371 19.50 4.31 -8.12
N CYS C 372 19.80 5.53 -7.70
CA CYS C 372 20.83 6.32 -8.38
C CYS C 372 22.23 5.72 -8.27
N THR C 373 22.54 5.08 -7.15
CA THR C 373 23.82 4.46 -7.02
C THR C 373 23.99 3.31 -7.98
N ARG C 374 22.89 2.77 -8.53
CA ARG C 374 23.05 1.67 -9.48
C ARG C 374 23.53 2.14 -10.86
N VAL C 375 23.48 3.44 -11.10
CA VAL C 375 23.92 3.92 -12.41
C VAL C 375 25.40 3.60 -12.61
N ASN C 376 26.25 3.86 -11.62
CA ASN C 376 27.64 3.51 -11.78
C ASN C 376 27.84 2.00 -11.91
N TRP C 377 27.12 1.21 -11.14
CA TRP C 377 27.23 -0.22 -11.27
C TRP C 377 26.93 -0.63 -12.70
N ASN C 378 25.89 -0.04 -13.27
CA ASN C 378 25.46 -0.47 -14.59
C ASN C 378 26.54 -0.13 -15.62
N ARG C 379 27.13 1.07 -15.52
CA ARG C 379 28.20 1.45 -16.41
C ARG C 379 29.33 0.43 -16.31
N VAL C 380 29.72 0.09 -15.09
CA VAL C 380 30.86 -0.79 -14.85
C VAL C 380 30.53 -2.20 -15.31
N ILE C 381 29.32 -2.66 -14.97
CA ILE C 381 28.90 -3.98 -15.38
C ILE C 381 28.96 -4.19 -16.90
N LEU C 382 28.40 -3.29 -17.69
CA LEU C 382 28.27 -3.51 -19.12
C LEU C 382 29.43 -2.90 -19.90
N GLU C 383 30.16 -1.96 -19.32
CA GLU C 383 31.24 -1.34 -20.11
C GLU C 383 32.34 -0.74 -19.24
N GLY C 384 32.62 -1.38 -18.11
CA GLY C 384 33.61 -0.91 -17.15
C GLY C 384 35.01 -0.77 -17.67
N ARG C 385 35.35 -1.52 -18.71
CA ARG C 385 36.71 -1.47 -19.27
C ARG C 385 36.83 -0.52 -20.45
N LYS C 386 35.75 0.22 -20.75
CA LYS C 386 35.82 1.16 -21.87
C LYS C 386 36.78 2.30 -21.55
N PRO C 387 37.73 2.55 -22.46
CA PRO C 387 38.65 3.67 -22.27
C PRO C 387 37.84 4.94 -22.24
N GLY C 388 38.13 5.84 -21.31
CA GLY C 388 37.46 7.12 -21.29
C GLY C 388 36.21 7.10 -20.43
N LEU C 389 35.80 5.91 -19.97
CA LEU C 389 34.59 5.78 -19.16
C LEU C 389 34.61 6.65 -17.93
N THR C 390 33.52 7.39 -17.69
CA THR C 390 33.44 8.26 -16.52
C THR C 390 32.23 7.91 -15.65
N LEU C 391 32.31 8.20 -14.35
CA LEU C 391 31.26 7.87 -13.42
C LEU C 391 30.78 9.15 -12.77
N GLY C 392 29.62 9.13 -12.13
CA GLY C 392 29.07 10.32 -11.49
C GLY C 392 28.69 10.06 -10.03
N ILE C 393 28.42 11.11 -9.26
CA ILE C 393 27.84 10.94 -7.95
C ILE C 393 26.34 10.69 -8.18
N GLY C 394 25.88 9.52 -7.82
CA GLY C 394 24.49 9.12 -8.06
C GLY C 394 24.07 9.36 -9.51
N CYS C 395 22.99 10.10 -9.65
CA CYS C 395 22.40 10.36 -10.93
C CYS C 395 23.06 11.54 -11.61
N GLU C 396 23.89 12.30 -10.89
CA GLU C 396 24.48 13.51 -11.44
C GLU C 396 25.36 13.17 -12.64
N THR C 397 25.51 14.13 -13.56
CA THR C 397 26.23 13.88 -14.82
C THR C 397 27.64 13.31 -14.62
N ALA C 398 27.95 12.29 -15.41
CA ALA C 398 29.25 11.61 -15.34
C ALA C 398 30.39 12.59 -15.62
N GLN C 399 31.36 12.65 -14.71
CA GLN C 399 32.51 13.48 -14.95
C GLN C 399 33.79 12.97 -14.27
N PHE C 400 33.74 11.86 -13.54
CA PHE C 400 34.95 11.37 -12.91
C PHE C 400 35.53 10.17 -13.65
N PRO C 401 36.68 10.37 -14.31
CA PRO C 401 37.22 9.20 -15.01
C PRO C 401 37.44 8.08 -14.03
N LEU C 402 37.01 6.88 -14.42
CA LEU C 402 37.10 5.72 -13.57
C LEU C 402 38.48 5.49 -12.96
N PRO C 403 39.54 5.46 -13.79
CA PRO C 403 40.87 5.21 -13.18
C PRO C 403 41.24 6.17 -12.03
N GLN C 404 40.96 7.47 -12.14
CA GLN C 404 41.26 8.36 -11.02
C GLN C 404 40.44 8.04 -9.77
N VAL C 405 39.22 7.54 -9.95
CA VAL C 405 38.41 7.19 -8.80
C VAL C 405 39.00 5.96 -8.11
N GLY C 406 39.36 4.95 -8.91
CA GLY C 406 40.01 3.76 -8.36
C GLY C 406 41.28 4.10 -7.56
N LYS C 407 42.13 4.95 -8.14
CA LYS C 407 43.38 5.31 -7.49
C LYS C 407 43.14 6.05 -6.19
N ASP C 408 42.18 6.94 -6.25
CA ASP C 408 41.78 7.68 -5.11
C ASP C 408 41.32 6.72 -3.98
N LEU C 409 40.42 5.80 -4.30
CA LEU C 409 40.00 4.79 -3.36
C LEU C 409 41.21 4.01 -2.83
N PHE C 410 42.12 3.68 -3.73
CA PHE C 410 43.28 2.90 -3.34
C PHE C 410 44.34 3.57 -2.44
N ARG C 411 44.47 4.89 -2.49
CA ARG C 411 45.24 5.60 -1.48
C ARG C 411 44.66 5.31 -0.09
N ASP C 412 43.34 5.26 0.03
CA ASP C 412 42.76 4.93 1.33
C ASP C 412 42.94 3.48 1.68
N LEU C 413 42.61 2.59 0.76
CA LEU C 413 42.80 1.18 1.02
C LEU C 413 44.25 0.88 1.39
N LYS C 414 45.19 1.62 0.83
CA LYS C 414 46.59 1.44 1.17
C LYS C 414 46.83 1.69 2.67
N ARG C 415 46.29 2.78 3.20
CA ARG C 415 46.47 3.07 4.61
C ARG C 415 45.85 2.00 5.50
N VAL C 416 44.71 1.49 5.09
CA VAL C 416 44.07 0.45 5.86
C VAL C 416 44.94 -0.78 5.86
N ALA C 417 45.46 -1.12 4.67
CA ALA C 417 46.41 -2.22 4.50
C ALA C 417 47.67 -2.13 5.40
N GLN C 418 48.25 -0.94 5.54
CA GLN C 418 49.42 -0.77 6.42
C GLN C 418 49.06 -1.23 7.81
N THR C 419 47.90 -0.80 8.27
CA THR C 419 47.46 -1.08 9.62
C THR C 419 47.26 -2.57 9.83
N LEU C 420 46.52 -3.21 8.94
CA LEU C 420 46.31 -4.64 9.05
C LEU C 420 47.64 -5.39 8.99
N ASP C 421 48.56 -4.93 8.16
CA ASP C 421 49.86 -5.60 8.03
C ASP C 421 50.67 -5.48 9.31
N SER C 422 50.56 -4.36 10.01
CA SER C 422 51.32 -4.19 11.22
C SER C 422 50.83 -5.08 12.36
N ILE C 423 49.59 -5.52 12.36
CA ILE C 423 49.18 -6.43 13.44
C ILE C 423 49.44 -7.88 13.10
N ASN C 424 49.22 -8.26 11.84
CA ASN C 424 49.51 -9.63 11.44
C ASN C 424 51.01 -9.82 11.48
N GLY C 425 51.72 -8.88 10.86
CA GLY C 425 53.13 -9.02 10.50
C GLY C 425 53.11 -9.28 8.99
N GLY C 426 54.10 -8.78 8.25
CA GLY C 426 54.15 -9.05 6.81
C GLY C 426 53.71 -7.88 5.93
N GLU C 427 53.66 -8.12 4.63
CA GLU C 427 53.36 -7.05 3.68
C GLU C 427 52.15 -7.46 2.81
N ALA C 428 51.43 -8.50 3.22
CA ALA C 428 50.48 -9.17 2.35
C ALA C 428 49.34 -8.26 1.82
N TYR C 429 48.75 -7.45 2.69
CA TYR C 429 47.70 -6.55 2.25
C TYR C 429 48.22 -5.45 1.38
N GLN C 430 49.42 -4.97 1.67
CA GLN C 430 50.01 -3.92 0.85
C GLN C 430 50.32 -4.43 -0.55
N LYS C 431 50.68 -5.70 -0.63
CA LYS C 431 50.98 -6.29 -1.90
C LYS C 431 49.73 -6.31 -2.78
N VAL C 432 48.60 -6.64 -2.16
CA VAL C 432 47.35 -6.72 -2.88
C VAL C 432 46.97 -5.34 -3.41
N CYS C 433 47.14 -4.31 -2.59
CA CYS C 433 46.86 -2.96 -3.06
C CYS C 433 47.70 -2.62 -4.26
N ASP C 434 49.00 -2.95 -4.20
CA ASP C 434 49.89 -2.61 -5.31
C ASP C 434 49.56 -3.36 -6.60
N GLU C 435 49.14 -4.62 -6.46
CA GLU C 435 48.77 -5.41 -7.61
C GLU C 435 47.49 -4.85 -8.25
N LEU C 436 46.41 -4.72 -7.46
CA LEU C 436 45.11 -4.35 -7.99
C LEU C 436 45.05 -2.90 -8.51
N VAL C 437 45.73 -1.99 -7.83
CA VAL C 437 45.71 -0.61 -8.30
C VAL C 437 46.18 -0.52 -9.75
N ALA C 438 46.99 -1.49 -10.20
CA ALA C 438 47.49 -1.47 -11.58
C ALA C 438 46.36 -1.68 -12.59
N CYS C 439 45.31 -2.43 -12.22
CA CYS C 439 44.13 -2.54 -13.09
C CYS C 439 43.45 -1.23 -13.45
N PHE C 440 43.63 -0.20 -12.64
CA PHE C 440 43.02 1.05 -13.04
C PHE C 440 43.78 1.69 -14.17
N ASP C 441 45.10 1.50 -14.23
CA ASP C 441 45.88 2.02 -15.36
C ASP C 441 45.82 1.11 -16.57
N ASN C 442 45.52 -0.17 -16.34
CA ASN C 442 45.39 -1.10 -17.43
C ASN C 442 44.27 -2.10 -17.22
N PRO C 443 43.12 -1.78 -17.77
CA PRO C 443 41.96 -2.64 -17.60
C PRO C 443 42.25 -4.05 -18.07
N ASP C 444 43.28 -4.21 -18.89
CA ASP C 444 43.62 -5.53 -19.42
C ASP C 444 44.16 -6.53 -18.39
N LEU C 445 44.51 -6.04 -17.19
CA LEU C 445 44.87 -6.89 -16.05
C LEU C 445 43.67 -7.50 -15.25
N THR C 446 42.47 -7.01 -15.48
CA THR C 446 41.30 -7.41 -14.69
C THR C 446 40.80 -8.75 -15.16
N PHE C 447 40.05 -9.44 -14.32
CA PHE C 447 39.60 -10.79 -14.68
C PHE C 447 38.82 -10.82 -15.99
N SER C 448 38.05 -9.77 -16.28
CA SER C 448 37.11 -9.88 -17.38
C SER C 448 37.81 -9.74 -18.73
N ALA C 449 38.74 -8.78 -18.84
CA ALA C 449 39.62 -8.70 -20.01
C ALA C 449 40.33 -10.01 -20.30
N ARG C 450 40.90 -10.62 -19.27
CA ARG C 450 41.65 -11.86 -19.45
C ARG C 450 40.75 -13.02 -19.83
N ILE C 451 39.64 -13.17 -19.14
CA ILE C 451 38.77 -14.27 -19.49
C ILE C 451 38.09 -14.04 -20.84
N LEU C 452 37.76 -12.79 -21.17
CA LEU C 452 37.17 -12.53 -22.48
C LEU C 452 38.10 -12.96 -23.64
N ARG C 453 39.38 -12.65 -23.54
CA ARG C 453 40.31 -13.09 -24.60
C ARG C 453 40.17 -14.59 -24.78
N SER C 454 40.09 -15.30 -23.67
CA SER C 454 39.99 -16.72 -23.70
C SER C 454 38.67 -17.23 -24.34
N MET C 455 37.58 -16.48 -24.17
CA MET C 455 36.26 -16.91 -24.66
C MET C 455 36.03 -16.53 -26.11
N ILE C 456 36.57 -15.39 -26.50
CA ILE C 456 36.52 -14.98 -27.89
C ILE C 456 37.23 -16.02 -28.74
N ASP C 457 38.15 -16.74 -28.12
CA ASP C 457 39.02 -17.65 -28.85
C ASP C 457 38.50 -19.10 -28.82
N THR C 458 38.06 -19.61 -27.68
CA THR C 458 37.62 -21.01 -27.60
C THR C 458 36.15 -21.13 -27.21
N GLY C 459 35.48 -20.00 -26.99
CA GLY C 459 34.11 -20.01 -26.52
C GLY C 459 33.99 -20.24 -25.02
N ILE C 460 32.84 -19.89 -24.46
CA ILE C 460 32.54 -20.18 -23.08
C ILE C 460 32.66 -21.68 -22.86
N GLY C 461 32.07 -22.44 -23.78
CA GLY C 461 32.18 -23.89 -23.77
C GLY C 461 33.62 -24.37 -23.66
N GLY C 462 34.38 -24.20 -24.73
CA GLY C 462 35.77 -24.62 -24.76
C GLY C 462 36.52 -24.21 -23.50
N THR C 463 36.41 -22.93 -23.14
CA THR C 463 37.18 -22.41 -22.02
C THR C 463 36.80 -23.13 -20.75
N GLY C 464 35.52 -23.40 -20.59
CA GLY C 464 35.06 -24.01 -19.38
C GLY C 464 35.54 -25.43 -19.24
N LYS C 465 35.41 -26.19 -20.31
CA LYS C 465 35.85 -27.58 -20.30
C LYS C 465 37.33 -27.69 -20.02
N ALA C 466 38.15 -26.92 -20.74
CA ALA C 466 39.60 -26.91 -20.51
C ALA C 466 39.94 -26.71 -19.03
N PHE C 467 39.49 -25.60 -18.45
CA PHE C 467 39.80 -25.28 -17.07
C PHE C 467 39.21 -26.33 -16.14
N ALA C 468 38.01 -26.80 -16.45
CA ALA C 468 37.38 -27.85 -15.66
C ALA C 468 38.34 -29.01 -15.54
N GLU C 469 38.83 -29.44 -16.71
CA GLU C 469 39.71 -30.61 -16.84
C GLU C 469 41.06 -30.43 -16.13
N ALA C 470 41.74 -29.31 -16.38
CA ALA C 470 42.99 -29.03 -15.68
C ALA C 470 42.76 -29.08 -14.17
N TYR C 471 41.74 -28.36 -13.71
CA TYR C 471 41.47 -28.20 -12.28
C TYR C 471 41.13 -29.51 -11.61
N ARG C 472 40.37 -30.33 -12.31
CA ARG C 472 40.09 -31.68 -11.84
C ARG C 472 41.40 -32.47 -11.65
N ASN C 473 42.22 -32.57 -12.68
CA ASN C 473 43.49 -33.29 -12.50
C ASN C 473 44.29 -32.74 -11.33
N LEU C 474 44.47 -31.42 -11.24
CA LEU C 474 45.21 -30.83 -10.11
C LEU C 474 44.64 -31.32 -8.80
N LEU C 475 43.34 -31.13 -8.63
CA LEU C 475 42.70 -31.44 -7.36
C LEU C 475 42.71 -32.92 -7.00
N ARG C 476 42.59 -33.80 -8.00
CA ARG C 476 42.56 -35.26 -7.79
C ARG C 476 43.84 -35.77 -7.10
N GLU C 477 44.97 -35.15 -7.40
CA GLU C 477 46.25 -35.57 -6.86
C GLU C 477 46.60 -34.86 -5.55
N GLU C 478 45.96 -33.74 -5.24
CA GLU C 478 46.40 -32.98 -4.06
C GLU C 478 45.98 -33.65 -2.77
N PRO C 479 46.92 -33.83 -1.84
CA PRO C 479 46.49 -34.47 -0.60
C PRO C 479 45.69 -33.48 0.24
N LEU C 480 44.78 -34.01 1.06
CA LEU C 480 44.03 -33.23 2.06
C LEU C 480 44.97 -32.68 3.12
N GLU C 481 44.62 -31.57 3.75
CA GLU C 481 45.53 -30.89 4.67
C GLU C 481 44.95 -30.63 6.05
N ILE C 482 43.68 -30.27 6.10
CA ILE C 482 43.01 -30.06 7.38
C ILE C 482 42.00 -31.17 7.66
N LEU C 483 41.09 -31.41 6.73
CA LEU C 483 40.19 -32.54 6.92
C LEU C 483 40.90 -33.85 6.56
N ARG C 484 40.64 -34.90 7.33
CA ARG C 484 41.14 -36.22 7.00
C ARG C 484 39.99 -36.97 6.32
N GLU C 485 40.31 -37.95 5.48
CA GLU C 485 39.28 -38.77 4.82
C GLU C 485 38.19 -39.27 5.80
N GLU C 486 38.62 -39.59 7.02
CA GLU C 486 37.74 -40.01 8.11
C GLU C 486 36.67 -38.97 8.43
N ASP C 487 37.05 -37.69 8.32
CA ASP C 487 36.15 -36.59 8.70
C ASP C 487 34.99 -36.43 7.74
N PHE C 488 35.24 -36.69 6.46
CA PHE C 488 34.19 -36.70 5.46
C PHE C 488 33.25 -37.87 5.66
N VAL C 489 33.82 -39.01 6.05
CA VAL C 489 33.05 -40.23 6.21
C VAL C 489 32.12 -40.13 7.43
N ALA C 490 32.67 -39.66 8.56
CA ALA C 490 31.87 -39.45 9.76
C ALA C 490 30.71 -38.50 9.45
N GLU C 491 31.04 -37.41 8.75
CA GLU C 491 30.06 -36.39 8.41
C GLU C 491 29.02 -36.93 7.44
N ARG C 492 29.43 -37.76 6.48
CA ARG C 492 28.46 -38.40 5.61
C ARG C 492 27.44 -39.13 6.47
N GLU C 493 27.95 -39.91 7.43
CA GLU C 493 27.07 -40.68 8.30
C GLU C 493 26.22 -39.77 9.18
N ALA C 494 26.84 -38.81 9.85
CA ALA C 494 26.09 -37.94 10.75
C ALA C 494 25.06 -37.12 9.98
N SER C 495 25.39 -36.75 8.74
CA SER C 495 24.46 -35.98 7.93
C SER C 495 23.26 -36.84 7.57
N GLU C 496 23.50 -38.07 7.14
CA GLU C 496 22.38 -38.93 6.77
C GLU C 496 21.54 -39.30 8.00
N ARG C 497 22.22 -39.52 9.12
CA ARG C 497 21.57 -39.73 10.41
C ARG C 497 20.61 -38.58 10.75
N ARG C 498 21.05 -37.33 10.56
CA ARG C 498 20.22 -36.16 10.91
C ARG C 498 18.99 -36.01 10.02
N GLN C 499 19.12 -36.43 8.77
CA GLN C 499 18.01 -36.40 7.84
C GLN C 499 16.95 -37.44 8.23
N GLN C 500 17.38 -38.67 8.49
CA GLN C 500 16.47 -39.73 8.95
C GLN C 500 15.81 -39.29 10.25
N GLU C 501 16.61 -38.82 11.22
CA GLU C 501 16.07 -38.35 12.51
C GLU C 501 15.05 -37.20 12.35
N MET C 502 15.08 -36.50 11.22
CA MET C 502 14.08 -35.48 10.92
C MET C 502 12.91 -36.12 10.20
N GLU C 503 13.20 -36.91 9.17
CA GLU C 503 12.16 -37.53 8.34
C GLU C 503 11.18 -38.35 9.17
N ALA C 504 11.68 -38.90 10.28
CA ALA C 504 10.88 -39.74 11.14
C ALA C 504 10.08 -38.90 12.13
N ALA C 505 10.70 -37.84 12.63
CA ALA C 505 10.07 -36.95 13.63
C ALA C 505 8.87 -36.13 13.09
N ASP C 506 8.58 -36.29 11.81
CA ASP C 506 7.42 -35.63 11.20
C ASP C 506 6.16 -36.39 11.55
N THR C 507 5.23 -35.73 12.24
CA THR C 507 3.93 -36.33 12.55
C THR C 507 2.93 -35.99 11.44
N GLU C 508 2.55 -34.71 11.36
CA GLU C 508 1.60 -34.22 10.38
C GLU C 508 2.18 -34.21 8.97
N PRO C 509 1.32 -34.36 7.95
CA PRO C 509 1.75 -34.54 6.57
C PRO C 509 2.07 -33.20 5.94
N PHE C 510 2.81 -33.23 4.84
CA PHE C 510 3.35 -32.00 4.26
C PHE C 510 2.30 -30.90 4.12
N ALA C 511 1.21 -31.19 3.39
CA ALA C 511 0.19 -30.18 3.06
C ALA C 511 -0.39 -29.40 4.26
N VAL C 512 -0.31 -29.97 5.45
CA VAL C 512 -0.80 -29.31 6.67
C VAL C 512 0.30 -28.46 7.30
N TRP C 513 1.52 -28.98 7.25
CA TRP C 513 2.68 -28.27 7.77
C TRP C 513 2.89 -27.01 6.94
N LEU C 514 2.68 -27.16 5.63
CA LEU C 514 2.77 -26.05 4.70
C LEU C 514 1.78 -24.96 5.11
N GLU C 515 0.55 -25.36 5.36
CA GLU C 515 -0.46 -24.43 5.82
C GLU C 515 0.08 -23.49 6.90
N LYS C 516 0.69 -24.04 7.95
CA LYS C 516 1.19 -23.24 9.07
C LYS C 516 2.39 -22.36 8.71
N HIS C 517 3.11 -22.72 7.66
CA HIS C 517 4.40 -22.08 7.37
C HIS C 517 4.45 -21.32 6.05
N ALA C 518 3.50 -21.61 5.15
CA ALA C 518 3.46 -20.99 3.81
C ALA C 518 3.45 -19.46 3.84
N MET D 1 -12.78 6.66 16.54
CA MET D 1 -12.89 5.97 17.85
C MET D 1 -11.91 6.61 18.85
N ILE D 2 -10.72 6.92 18.37
CA ILE D 2 -9.85 7.86 19.07
C ILE D 2 -10.54 9.22 19.27
N PRO D 3 -10.59 9.70 20.50
CA PRO D 3 -11.17 11.05 20.58
C PRO D 3 -10.25 12.14 19.98
N ASP D 4 -10.87 13.30 19.72
CA ASP D 4 -10.17 14.46 19.23
C ASP D 4 -9.40 15.08 20.38
N VAL D 5 -8.09 15.26 20.19
CA VAL D 5 -7.26 15.72 21.28
C VAL D 5 -6.51 16.97 20.83
N SER D 6 -6.82 17.41 19.62
CA SER D 6 -6.00 18.42 18.95
C SER D 6 -5.94 19.74 19.72
N GLN D 7 -6.94 20.00 20.54
CA GLN D 7 -6.86 21.18 21.37
C GLN D 7 -5.81 20.99 22.51
N ALA D 8 -5.86 19.85 23.20
CA ALA D 8 -4.90 19.60 24.26
C ALA D 8 -3.47 19.49 23.71
N LEU D 9 -3.35 18.97 22.50
CA LEU D 9 -2.04 18.87 21.87
C LEU D 9 -1.46 20.23 21.53
N ALA D 10 -2.31 21.13 21.05
CA ALA D 10 -1.84 22.45 20.66
C ALA D 10 -1.32 23.16 21.90
N TRP D 11 -2.04 23.01 23.00
CA TRP D 11 -1.61 23.54 24.29
C TRP D 11 -0.26 22.96 24.71
N LEU D 12 -0.09 21.66 24.54
CA LEU D 12 1.15 21.03 24.90
C LEU D 12 2.25 21.59 24.05
N GLU D 13 2.00 21.75 22.76
CA GLU D 13 3.03 22.22 21.83
C GLU D 13 3.51 23.64 22.21
N LYS D 14 2.63 24.42 22.84
CA LYS D 14 2.99 25.72 23.38
C LYS D 14 3.54 25.66 24.81
N HIS D 15 3.72 24.48 25.37
CA HIS D 15 4.23 24.38 26.74
C HIS D 15 5.12 23.20 26.96
N PRO D 16 6.18 23.05 26.15
CA PRO D 16 6.99 21.84 26.12
C PRO D 16 7.66 21.53 27.45
N GLN D 17 7.98 22.57 28.22
CA GLN D 17 8.72 22.40 29.48
C GLN D 17 7.86 21.78 30.59
N ALA D 18 6.56 21.72 30.34
CA ALA D 18 5.61 21.14 31.25
C ALA D 18 5.79 19.64 31.34
N LEU D 19 6.64 19.08 30.49
CA LEU D 19 6.88 17.67 30.54
C LEU D 19 8.27 17.36 31.02
N LYS D 20 9.07 18.36 31.36
CA LYS D 20 10.44 18.06 31.79
C LYS D 20 10.45 17.43 33.19
N GLY D 21 11.04 16.25 33.33
CA GLY D 21 11.14 15.63 34.66
C GLY D 21 10.18 14.48 34.89
N ILE D 22 9.85 13.74 33.84
CA ILE D 22 9.08 12.54 34.01
C ILE D 22 9.88 11.57 34.89
N GLN D 23 9.22 10.92 35.86
CA GLN D 23 9.90 9.93 36.70
C GLN D 23 9.35 8.56 36.37
N ARG D 24 10.21 7.55 36.37
CA ARG D 24 9.82 6.18 36.06
C ARG D 24 10.47 5.22 37.00
N GLY D 25 9.89 4.03 37.08
CA GLY D 25 10.51 2.87 37.70
C GLY D 25 9.99 1.59 37.05
N LEU D 26 10.83 0.58 36.95
CA LEU D 26 10.40 -0.73 36.46
C LEU D 26 10.38 -1.83 37.52
N GLU D 27 9.46 -2.78 37.40
CA GLU D 27 9.57 -4.05 38.11
C GLU D 27 9.54 -5.10 37.03
N ARG D 28 10.34 -6.14 37.16
CA ARG D 28 10.32 -7.25 36.22
C ARG D 28 10.43 -8.55 37.03
N GLU D 29 9.58 -9.54 36.76
CA GLU D 29 9.59 -10.80 37.50
C GLU D 29 10.15 -11.91 36.63
N THR D 30 10.78 -12.92 37.23
CA THR D 30 11.19 -14.07 36.45
C THR D 30 11.36 -15.32 37.32
N LEU D 31 10.92 -16.47 36.83
CA LEU D 31 11.14 -17.75 37.52
C LEU D 31 12.61 -18.19 37.45
N ARG D 32 13.15 -18.68 38.57
CA ARG D 32 14.44 -19.32 38.58
C ARG D 32 14.17 -20.76 38.16
N VAL D 33 14.83 -21.19 37.09
CA VAL D 33 14.64 -22.54 36.59
C VAL D 33 15.98 -23.23 36.46
N ASN D 34 15.93 -24.55 36.43
CA ASN D 34 17.11 -25.33 36.12
C ASN D 34 17.34 -25.37 34.62
N ALA D 35 18.53 -25.84 34.23
CA ALA D 35 18.83 -25.95 32.82
C ALA D 35 17.82 -26.86 32.11
N ASP D 36 17.32 -27.89 32.79
CA ASP D 36 16.31 -28.70 32.10
C ASP D 36 14.96 -27.94 32.00
N GLY D 37 14.89 -26.74 32.58
CA GLY D 37 13.69 -25.95 32.49
C GLY D 37 12.72 -26.13 33.65
N THR D 38 12.99 -27.05 34.55
CA THR D 38 12.13 -27.20 35.73
C THR D 38 12.34 -26.08 36.74
N LEU D 39 11.31 -25.85 37.54
CA LEU D 39 11.31 -24.75 38.49
C LEU D 39 12.31 -25.08 39.58
N ALA D 40 13.22 -24.16 39.88
CA ALA D 40 14.19 -24.39 40.96
C ALA D 40 13.47 -24.53 42.28
N THR D 41 14.00 -25.35 43.19
CA THR D 41 13.37 -25.54 44.52
C THR D 41 14.27 -25.12 45.68
N THR D 42 15.43 -24.60 45.34
CA THR D 42 16.34 -23.95 46.28
C THR D 42 15.70 -22.67 46.81
N GLY D 43 16.25 -22.08 47.88
CA GLY D 43 15.74 -20.82 48.41
C GLY D 43 16.33 -19.62 47.63
N HIS D 44 15.70 -18.46 47.84
CA HIS D 44 16.19 -17.22 47.33
C HIS D 44 17.72 -17.25 47.40
N PRO D 45 18.40 -16.98 46.28
CA PRO D 45 19.87 -17.08 46.30
C PRO D 45 20.50 -16.19 47.39
N GLU D 46 21.38 -16.78 48.19
CA GLU D 46 21.85 -16.08 49.37
C GLU D 46 22.65 -14.81 49.08
N ALA D 47 23.34 -14.74 47.95
CA ALA D 47 23.98 -13.49 47.59
C ALA D 47 22.95 -12.32 47.49
N LEU D 48 21.67 -12.63 47.40
CA LEU D 48 20.69 -11.54 47.29
C LEU D 48 20.15 -11.02 48.62
N GLY D 49 20.45 -11.71 49.71
CA GLY D 49 20.12 -11.20 51.03
C GLY D 49 18.68 -11.44 51.41
N SER D 50 18.05 -10.45 52.04
CA SER D 50 16.69 -10.62 52.50
C SER D 50 15.64 -10.13 51.50
N ALA D 51 14.92 -11.06 50.90
CA ALA D 51 13.87 -10.70 49.95
C ALA D 51 12.87 -9.78 50.62
N LEU D 52 12.73 -9.91 51.93
CA LEU D 52 11.73 -9.13 52.60
C LEU D 52 12.09 -7.65 52.58
N THR D 53 13.38 -7.32 52.66
CA THR D 53 13.80 -5.93 52.99
C THR D 53 14.68 -5.32 51.96
N HIS D 54 15.22 -6.13 51.05
CA HIS D 54 16.18 -5.65 50.05
C HIS D 54 15.60 -4.52 49.21
N LYS D 55 16.45 -3.60 48.78
CA LYS D 55 15.94 -2.44 48.09
C LYS D 55 15.62 -2.69 46.63
N TRP D 56 16.27 -3.69 46.02
CA TRP D 56 16.21 -3.81 44.55
C TRP D 56 15.76 -5.18 44.09
N ILE D 57 16.01 -6.21 44.90
CA ILE D 57 15.75 -7.54 44.46
C ILE D 57 14.95 -8.25 45.54
N THR D 58 13.86 -8.88 45.17
CA THR D 58 12.98 -9.45 46.15
C THR D 58 12.33 -10.68 45.48
N THR D 59 11.23 -11.18 46.06
CA THR D 59 10.46 -12.24 45.42
C THR D 59 9.05 -11.76 45.23
N ASP D 60 8.32 -12.32 44.28
CA ASP D 60 6.90 -12.00 44.19
C ASP D 60 6.08 -13.09 44.91
N PHE D 61 5.21 -13.80 44.18
CA PHE D 61 4.37 -14.80 44.83
C PHE D 61 5.15 -16.02 45.38
N ALA D 62 6.03 -16.58 44.57
CA ALA D 62 6.70 -17.84 44.94
C ALA D 62 8.16 -17.62 45.30
N GLU D 63 8.74 -18.56 46.06
CA GLU D 63 10.09 -18.43 46.54
C GLU D 63 11.08 -18.45 45.38
N ALA D 64 10.64 -19.03 44.27
CA ALA D 64 11.46 -19.08 43.05
C ALA D 64 11.10 -17.98 42.03
N LEU D 65 10.25 -17.03 42.42
CA LEU D 65 9.87 -15.98 41.50
C LEU D 65 10.61 -14.69 41.88
N LEU D 66 11.79 -14.50 41.28
CA LEU D 66 12.61 -13.29 41.46
C LEU D 66 11.85 -12.06 41.00
N GLU D 67 12.11 -10.96 41.67
CA GLU D 67 11.60 -9.72 41.16
C GLU D 67 12.64 -8.58 41.29
N PHE D 68 12.87 -7.88 40.19
CA PHE D 68 13.87 -6.83 40.12
C PHE D 68 13.18 -5.51 40.07
N ILE D 69 13.62 -4.55 40.87
CA ILE D 69 12.91 -3.29 41.01
C ILE D 69 13.83 -2.10 40.95
N THR D 70 13.59 -1.15 40.05
CA THR D 70 14.47 0.01 39.98
C THR D 70 13.94 1.17 40.82
N PRO D 71 14.85 1.85 41.47
CA PRO D 71 14.55 3.05 42.29
C PRO D 71 14.07 4.18 41.37
N VAL D 72 13.08 4.96 41.79
CA VAL D 72 12.44 5.93 40.92
C VAL D 72 13.50 6.85 40.34
N ASP D 73 13.33 7.26 39.09
CA ASP D 73 14.44 7.79 38.31
C ASP D 73 13.93 8.58 37.08
N GLY D 74 14.62 9.68 36.76
CA GLY D 74 14.27 10.55 35.64
C GLY D 74 14.93 10.18 34.32
N ASP D 75 15.94 9.32 34.34
CA ASP D 75 16.66 9.01 33.10
C ASP D 75 16.51 7.56 32.57
N ILE D 76 16.01 7.43 31.35
CA ILE D 76 15.69 6.12 30.79
C ILE D 76 16.88 5.20 30.68
N GLU D 77 17.96 5.65 30.04
CA GLU D 77 19.17 4.79 29.88
C GLU D 77 19.68 4.30 31.25
N HIS D 78 19.73 5.22 32.19
CA HIS D 78 20.19 4.89 33.52
C HIS D 78 19.26 3.84 34.20
N MET D 79 17.95 4.00 34.08
CA MET D 79 17.05 3.03 34.69
C MET D 79 17.26 1.64 34.05
N LEU D 80 17.42 1.59 32.74
CA LEU D 80 17.60 0.31 32.10
C LEU D 80 18.97 -0.31 32.45
N THR D 81 20.00 0.51 32.57
CA THR D 81 21.31 0.00 32.98
C THR D 81 21.27 -0.58 34.41
N PHE D 82 20.58 0.12 35.31
CA PHE D 82 20.43 -0.31 36.66
C PHE D 82 19.73 -1.67 36.65
N MET D 83 18.61 -1.75 35.94
CA MET D 83 17.91 -3.02 35.82
C MET D 83 18.87 -4.10 35.34
N ARG D 84 19.75 -3.72 34.42
CA ARG D 84 20.64 -4.72 33.83
C ARG D 84 21.71 -5.14 34.82
N ASP D 85 22.24 -4.20 35.60
CA ASP D 85 23.19 -4.59 36.66
C ASP D 85 22.50 -5.60 37.59
N LEU D 86 21.24 -5.36 37.91
CA LEU D 86 20.57 -6.30 38.79
C LEU D 86 20.57 -7.69 38.14
N HIS D 87 20.31 -7.76 36.84
CA HIS D 87 20.28 -9.07 36.19
C HIS D 87 21.63 -9.72 36.14
N ARG D 88 22.66 -8.91 35.87
CA ARG D 88 24.00 -9.44 35.68
C ARG D 88 24.43 -10.08 36.96
N TYR D 89 24.35 -9.31 38.03
CA TYR D 89 24.79 -9.81 39.31
C TYR D 89 24.09 -11.14 39.66
N THR D 90 22.80 -11.19 39.38
CA THR D 90 22.02 -12.28 39.87
C THR D 90 22.36 -13.48 39.05
N ALA D 91 22.61 -13.25 37.76
CA ALA D 91 22.83 -14.38 36.87
C ALA D 91 24.12 -15.08 37.27
N ARG D 92 25.03 -14.38 37.94
CA ARG D 92 26.32 -15.02 38.21
C ARG D 92 26.39 -15.48 39.64
N ASN D 93 25.22 -15.50 40.31
CA ASN D 93 25.14 -15.86 41.73
C ASN D 93 23.95 -16.75 42.06
N MET D 94 23.58 -17.64 41.13
CA MET D 94 22.42 -18.49 41.34
C MET D 94 22.73 -19.90 40.87
N GLY D 95 24.01 -20.25 40.94
CA GLY D 95 24.47 -21.58 40.62
C GLY D 95 24.23 -21.85 39.16
N ASP D 96 23.73 -23.05 38.88
CA ASP D 96 23.48 -23.41 37.50
C ASP D 96 22.07 -22.98 37.05
N GLU D 97 21.36 -22.26 37.91
CA GLU D 97 19.99 -21.86 37.61
C GLU D 97 20.00 -20.68 36.66
N ARG D 98 18.92 -20.51 35.90
CA ARG D 98 18.80 -19.36 35.03
C ARG D 98 17.40 -18.76 35.07
N MET D 99 17.22 -17.62 34.42
CA MET D 99 15.95 -16.89 34.46
C MET D 99 15.07 -17.26 33.28
N TRP D 100 13.88 -17.75 33.56
CA TRP D 100 12.91 -17.99 32.51
C TRP D 100 12.62 -16.66 31.77
N PRO D 101 12.75 -16.66 30.44
CA PRO D 101 12.55 -15.40 29.75
C PRO D 101 11.16 -15.12 29.23
N LEU D 102 10.15 -15.92 29.56
CA LEU D 102 8.81 -15.71 28.99
C LEU D 102 7.82 -15.44 30.10
N SER D 103 6.67 -14.86 29.79
CA SER D 103 5.67 -14.67 30.82
C SER D 103 5.09 -15.98 31.33
N MET D 104 4.78 -16.89 30.41
CA MET D 104 4.13 -18.14 30.75
C MET D 104 5.20 -19.16 30.98
N PRO D 105 5.09 -19.94 32.05
CA PRO D 105 6.05 -21.04 32.25
C PRO D 105 5.60 -22.28 31.50
N SER D 106 6.47 -23.26 31.34
CA SER D 106 6.00 -24.63 31.11
C SER D 106 6.59 -25.51 32.20
N TYR D 107 6.61 -26.82 32.01
CA TYR D 107 7.25 -27.69 32.99
C TYR D 107 6.80 -27.36 34.41
N ILE D 108 5.55 -26.98 34.56
CA ILE D 108 4.97 -26.86 35.88
C ILE D 108 3.56 -27.43 35.76
N ALA D 109 3.31 -28.53 36.47
CA ALA D 109 2.00 -29.21 36.48
C ALA D 109 0.97 -28.49 37.38
N GLU D 110 -0.32 -28.53 36.99
CA GLU D 110 -1.40 -27.93 37.83
C GLU D 110 -1.41 -28.57 39.22
N GLY D 111 -1.53 -27.74 40.25
CA GLY D 111 -1.40 -28.21 41.63
C GLY D 111 -0.08 -28.96 41.87
N GLN D 112 1.02 -28.39 41.38
CA GLN D 112 2.36 -28.86 41.74
C GLN D 112 2.65 -28.18 43.07
N ASP D 113 3.69 -28.61 43.77
CA ASP D 113 4.03 -27.97 45.03
C ASP D 113 4.90 -26.75 44.82
N ILE D 114 4.30 -25.59 44.62
CA ILE D 114 5.08 -24.37 44.41
C ILE D 114 5.41 -23.77 45.76
N GLU D 115 6.66 -23.81 46.20
CA GLU D 115 6.99 -23.16 47.46
C GLU D 115 6.61 -21.66 47.49
N LEU D 116 5.80 -21.24 48.46
CA LEU D 116 5.44 -19.82 48.63
C LEU D 116 6.66 -19.02 49.02
N ALA D 117 6.66 -17.74 48.67
CA ALA D 117 7.76 -16.86 49.05
C ALA D 117 7.93 -16.88 50.58
N GLN D 118 9.18 -17.00 51.05
CA GLN D 118 9.48 -17.09 52.47
C GLN D 118 10.14 -15.84 53.00
N TYR D 119 9.52 -15.19 53.97
CA TYR D 119 9.99 -13.91 54.49
C TYR D 119 10.38 -13.94 55.97
N GLY D 120 10.80 -15.10 56.47
CA GLY D 120 11.23 -15.19 57.87
C GLY D 120 10.11 -15.08 58.88
N THR D 121 10.42 -14.65 60.10
CA THR D 121 9.56 -14.90 61.24
C THR D 121 8.83 -13.70 61.83
N SER D 122 9.15 -12.50 61.40
CA SER D 122 8.45 -11.31 61.91
C SER D 122 6.97 -11.22 61.49
N ASN D 123 6.23 -10.37 62.18
CA ASN D 123 4.84 -10.09 61.81
C ASN D 123 4.60 -9.81 60.33
N THR D 124 5.42 -8.91 59.78
CA THR D 124 5.40 -8.52 58.41
C THR D 124 5.73 -9.68 57.45
N GLY D 125 6.83 -10.35 57.72
CA GLY D 125 7.20 -11.54 56.97
C GLY D 125 6.06 -12.54 56.99
N ARG D 126 5.56 -12.86 58.17
CA ARG D 126 4.56 -13.91 58.25
C ARG D 126 3.30 -13.49 57.50
N PHE D 127 2.98 -12.21 57.59
CA PHE D 127 1.83 -11.61 56.95
C PHE D 127 1.96 -11.67 55.42
N LYS D 128 3.15 -11.38 54.91
CA LYS D 128 3.33 -11.39 53.50
C LYS D 128 3.16 -12.85 53.04
N THR D 129 3.66 -13.79 53.82
CA THR D 129 3.54 -15.18 53.34
C THR D 129 2.09 -15.68 53.42
N LEU D 130 1.37 -15.17 54.40
CA LEU D 130 0.02 -15.60 54.67
C LEU D 130 -0.84 -15.09 53.55
N TYR D 131 -0.54 -13.89 53.07
CA TYR D 131 -1.34 -13.30 52.02
C TYR D 131 -1.17 -14.19 50.81
N ARG D 132 0.01 -14.80 50.67
CA ARG D 132 0.26 -15.65 49.51
C ARG D 132 -0.44 -16.97 49.67
N GLU D 133 -0.47 -17.47 50.89
CA GLU D 133 -1.24 -18.66 51.20
C GLU D 133 -2.69 -18.40 50.81
N GLY D 134 -3.19 -17.24 51.20
CA GLY D 134 -4.53 -16.80 50.80
C GLY D 134 -4.75 -16.83 49.30
N LEU D 135 -3.87 -16.17 48.54
CA LEU D 135 -3.97 -16.23 47.11
C LEU D 135 -3.90 -17.65 46.61
N LYS D 136 -3.01 -18.46 47.17
CA LYS D 136 -2.90 -19.82 46.65
C LYS D 136 -4.26 -20.52 46.78
N ASN D 137 -4.85 -20.45 47.96
CA ASN D 137 -6.11 -21.13 48.22
C ASN D 137 -7.29 -20.54 47.48
N ARG D 138 -7.23 -19.26 47.15
CA ARG D 138 -8.32 -18.61 46.43
C ARG D 138 -8.26 -18.85 44.93
N TYR D 139 -7.08 -18.74 44.33
CA TYR D 139 -6.97 -18.80 42.88
C TYR D 139 -6.03 -19.85 42.34
N GLY D 140 -5.35 -20.61 43.19
CA GLY D 140 -4.35 -21.57 42.68
C GLY D 140 -2.97 -20.97 42.51
N ALA D 141 -1.95 -21.74 42.83
CA ALA D 141 -0.57 -21.32 42.78
C ALA D 141 -0.15 -21.13 41.35
N LEU D 142 -0.66 -21.97 40.48
CA LEU D 142 -0.19 -22.00 39.10
C LEU D 142 -0.27 -20.62 38.40
N MET D 143 -1.43 -20.00 38.49
CA MET D 143 -1.65 -18.73 37.87
C MET D 143 -0.65 -17.71 38.38
N GLN D 144 -0.23 -17.89 39.62
CA GLN D 144 0.67 -16.94 40.25
C GLN D 144 2.10 -17.02 39.74
N THR D 145 2.43 -17.99 38.91
CA THR D 145 3.80 -18.04 38.44
C THR D 145 3.95 -17.47 37.02
N ILE D 146 2.87 -16.90 36.51
CA ILE D 146 2.95 -16.08 35.33
C ILE D 146 3.69 -14.80 35.75
N SER D 147 4.68 -14.39 34.95
CA SER D 147 5.42 -13.21 35.30
C SER D 147 5.20 -12.10 34.28
N GLY D 148 5.50 -10.87 34.70
CA GLY D 148 5.35 -9.72 33.83
C GLY D 148 6.23 -8.53 34.19
N VAL D 149 5.93 -7.39 33.57
CA VAL D 149 6.72 -6.20 33.80
C VAL D 149 5.78 -5.07 34.16
N HIS D 150 6.06 -4.36 35.24
CA HIS D 150 5.27 -3.18 35.56
C HIS D 150 6.06 -1.94 35.29
N TYR D 151 5.37 -0.97 34.71
CA TYR D 151 6.00 0.26 34.39
C TYR D 151 5.34 1.35 35.23
N ASN D 152 6.14 2.09 35.98
CA ASN D 152 5.64 3.05 36.95
C ASN D 152 5.98 4.43 36.46
N PHE D 153 5.02 5.33 36.49
CA PHE D 153 5.18 6.54 35.74
C PHE D 153 4.58 7.73 36.48
N SER D 154 5.26 8.87 36.48
CA SER D 154 4.63 10.11 37.00
C SER D 154 5.08 11.33 36.26
N LEU D 155 4.14 12.25 36.14
CA LEU D 155 4.36 13.51 35.44
C LEU D 155 4.97 14.45 36.46
N PRO D 156 5.80 15.38 36.01
CA PRO D 156 6.40 16.38 36.92
C PRO D 156 5.34 17.30 37.48
N MET D 157 5.63 17.92 38.62
CA MET D 157 4.76 19.00 39.13
C MET D 157 4.50 20.10 38.09
N ALA D 158 5.56 20.48 37.37
CA ALA D 158 5.48 21.42 36.25
C ALA D 158 4.23 21.21 35.38
N PHE D 159 3.96 19.95 35.00
CA PHE D 159 2.83 19.62 34.16
C PHE D 159 1.51 20.08 34.74
N TRP D 160 1.27 19.78 36.00
CA TRP D 160 0.00 20.18 36.60
C TRP D 160 -0.07 21.71 36.78
N GLN D 161 1.07 22.32 37.07
CA GLN D 161 1.11 23.78 37.29
C GLN D 161 0.86 24.61 36.01
N ALA D 162 0.31 24.01 34.95
CA ALA D 162 0.12 24.73 33.69
C ALA D 162 -1.21 24.39 33.02
N LYS D 173 -3.92 19.91 44.61
CA LYS D 173 -3.50 18.52 44.72
C LYS D 173 -4.62 17.52 44.46
N GLU D 174 -5.85 17.91 44.75
CA GLU D 174 -7.01 17.13 44.35
C GLU D 174 -7.14 17.18 42.81
N LYS D 175 -6.40 18.10 42.21
CA LYS D 175 -6.41 18.33 40.77
C LYS D 175 -5.41 17.37 40.13
N ILE D 176 -4.32 17.07 40.85
CA ILE D 176 -3.38 16.03 40.45
C ILE D 176 -4.11 14.66 40.40
N SER D 177 -4.84 14.32 41.45
CA SER D 177 -5.57 13.06 41.45
C SER D 177 -6.59 12.96 40.31
N ALA D 178 -7.39 14.00 40.11
CA ALA D 178 -8.37 13.92 39.05
C ALA D 178 -7.69 13.69 37.69
N GLY D 179 -6.53 14.33 37.51
CA GLY D 179 -5.75 14.16 36.31
C GLY D 179 -5.20 12.75 36.12
N TYR D 180 -4.79 12.08 37.20
CA TYR D 180 -4.41 10.69 37.07
C TYR D 180 -5.60 9.75 36.86
N PHE D 181 -6.77 10.13 37.35
CA PHE D 181 -7.94 9.34 37.03
C PHE D 181 -8.30 9.48 35.55
N ARG D 182 -8.06 10.64 34.96
CA ARG D 182 -8.30 10.83 33.54
C ARG D 182 -7.42 9.79 32.84
N VAL D 183 -6.19 9.63 33.33
CA VAL D 183 -5.22 8.75 32.71
C VAL D 183 -5.72 7.30 32.76
N ILE D 184 -6.15 6.88 33.94
CA ILE D 184 -6.69 5.54 34.11
C ILE D 184 -7.90 5.31 33.20
N ARG D 185 -8.86 6.22 33.21
CA ARG D 185 -10.03 6.05 32.34
C ARG D 185 -9.61 5.84 30.88
N ASN D 186 -8.66 6.65 30.40
CA ASN D 186 -8.20 6.50 29.04
C ASN D 186 -7.43 5.21 28.81
N TYR D 187 -6.74 4.76 29.85
CA TYR D 187 -5.97 3.57 29.75
C TYR D 187 -6.86 2.34 29.63
N TYR D 188 -8.01 2.35 30.30
CA TYR D 188 -9.00 1.30 30.12
C TYR D 188 -9.58 1.30 28.73
N ARG D 189 -9.86 2.48 28.18
CA ARG D 189 -10.53 2.52 26.89
C ARG D 189 -9.57 2.14 25.80
N PHE D 190 -8.27 2.45 25.93
CA PHE D 190 -7.40 2.33 24.77
C PHE D 190 -6.13 1.53 24.97
N GLY D 191 -5.91 0.98 26.17
CA GLY D 191 -4.62 0.39 26.51
C GLY D 191 -4.39 -0.99 25.91
N TRP D 192 -5.39 -1.54 25.22
CA TRP D 192 -5.22 -2.80 24.49
C TRP D 192 -4.11 -2.63 23.46
N VAL D 193 -3.73 -1.39 23.15
CA VAL D 193 -2.64 -1.20 22.19
C VAL D 193 -1.32 -1.82 22.72
N ILE D 194 -1.15 -1.84 24.03
CA ILE D 194 0.06 -2.45 24.63
C ILE D 194 0.21 -3.98 24.34
N PRO D 195 -0.77 -4.80 24.74
CA PRO D 195 -0.64 -6.21 24.29
C PRO D 195 -0.58 -6.38 22.77
N TYR D 196 -1.23 -5.49 22.02
CA TYR D 196 -1.15 -5.64 20.59
C TYR D 196 0.31 -5.55 20.15
N LEU D 197 1.00 -4.46 20.54
CA LEU D 197 2.37 -4.28 20.15
C LEU D 197 3.27 -5.24 20.89
N PHE D 198 3.01 -5.50 22.17
CA PHE D 198 4.06 -6.12 22.99
C PHE D 198 3.62 -7.41 23.68
N GLY D 199 2.37 -7.83 23.48
CA GLY D 199 1.99 -9.09 24.05
C GLY D 199 2.97 -10.14 23.54
N ALA D 200 3.30 -11.10 24.39
CA ALA D 200 4.28 -12.10 24.03
C ALA D 200 3.96 -13.39 24.71
N SER D 201 2.67 -13.72 24.76
CA SER D 201 2.25 -15.02 25.30
C SER D 201 1.07 -15.59 24.49
N PRO D 202 1.28 -15.84 23.19
CA PRO D 202 0.24 -16.39 22.30
C PRO D 202 0.00 -17.88 22.51
N ALA D 203 0.84 -18.51 23.33
CA ALA D 203 0.77 -19.94 23.52
C ALA D 203 0.75 -20.25 25.01
N ILE D 204 0.29 -21.43 25.39
CA ILE D 204 0.05 -21.70 26.80
C ILE D 204 0.27 -23.18 27.04
N SER D 205 0.91 -23.51 28.14
CA SER D 205 1.12 -24.92 28.46
C SER D 205 -0.21 -25.58 28.85
N SER D 206 -0.35 -26.87 28.57
CA SER D 206 -1.61 -27.55 28.85
C SER D 206 -2.01 -27.44 30.33
N SER D 207 -0.98 -27.36 31.17
CA SER D 207 -1.17 -27.25 32.61
C SER D 207 -2.22 -26.21 32.97
N PHE D 208 -2.38 -25.19 32.14
CA PHE D 208 -3.36 -24.14 32.42
C PHE D 208 -4.78 -24.40 31.87
N LEU D 209 -5.19 -25.65 31.65
CA LEU D 209 -6.54 -25.89 31.06
C LEU D 209 -7.44 -26.97 31.70
N SER D 215 -13.54 -24.34 25.57
CA SER D 215 -14.11 -23.01 25.30
C SER D 215 -13.60 -22.34 23.96
N LEU D 216 -12.32 -21.93 23.92
CA LEU D 216 -11.69 -21.24 22.79
C LEU D 216 -11.12 -22.12 21.69
N PRO D 217 -11.02 -21.61 20.45
CA PRO D 217 -10.52 -22.49 19.37
C PRO D 217 -9.02 -22.79 19.41
N PHE D 218 -8.50 -23.35 20.49
CA PHE D 218 -7.06 -23.64 20.57
C PHE D 218 -6.55 -24.60 19.49
N GLU D 219 -5.32 -24.41 19.00
CA GLU D 219 -4.61 -25.45 18.29
C GLU D 219 -3.71 -26.15 19.27
N LYS D 220 -3.42 -27.42 19.00
CA LYS D 220 -2.42 -28.16 19.77
C LYS D 220 -1.25 -28.53 18.84
N THR D 221 -0.03 -28.52 19.36
CA THR D 221 1.10 -29.06 18.60
C THR D 221 1.29 -30.50 19.04
N GLU D 222 1.83 -31.34 18.14
CA GLU D 222 2.23 -32.71 18.55
C GLU D 222 3.03 -32.62 19.87
N SER D 223 3.99 -31.69 19.92
CA SER D 223 4.72 -31.42 21.16
C SER D 223 3.80 -31.41 22.40
N GLY D 224 2.54 -31.00 22.20
CA GLY D 224 1.60 -30.84 23.31
C GLY D 224 1.47 -29.40 23.78
N MET D 225 1.54 -28.45 22.85
CA MET D 225 1.42 -27.02 23.20
C MET D 225 0.16 -26.39 22.62
N TYR D 226 -0.57 -25.66 23.46
CA TYR D 226 -1.78 -24.96 23.05
C TYR D 226 -1.49 -23.53 22.64
N TYR D 227 -2.23 -23.02 21.66
CA TYR D 227 -2.04 -21.64 21.22
C TYR D 227 -3.18 -21.17 20.34
N LEU D 228 -3.37 -19.86 20.31
CA LEU D 228 -4.31 -19.27 19.39
C LEU D 228 -3.49 -18.57 18.28
N PRO D 229 -3.87 -18.76 17.02
CA PRO D 229 -3.08 -18.30 15.86
C PRO D 229 -2.84 -16.80 15.88
N TYR D 230 -3.81 -16.06 16.38
CA TYR D 230 -3.74 -14.62 16.31
C TYR D 230 -3.59 -13.95 17.66
N ALA D 231 -3.25 -14.71 18.69
CA ALA D 231 -3.29 -14.17 20.04
C ALA D 231 -2.05 -13.32 20.33
N THR D 232 -2.17 -12.44 21.32
CA THR D 232 -1.07 -11.58 21.69
C THR D 232 -0.63 -11.95 23.09
N SER D 233 -1.57 -11.83 24.05
CA SER D 233 -1.22 -11.95 25.47
C SER D 233 -2.21 -12.78 26.27
N LEU D 234 -2.06 -14.09 26.22
CA LEU D 234 -2.88 -14.97 27.05
C LEU D 234 -2.67 -14.71 28.55
N ARG D 235 -1.52 -14.15 28.92
CA ARG D 235 -1.27 -13.76 30.30
C ARG D 235 -2.39 -12.87 30.78
N LEU D 236 -2.92 -12.05 29.90
CA LEU D 236 -3.99 -11.17 30.32
C LEU D 236 -5.36 -11.79 30.10
N SER D 237 -5.44 -12.98 29.54
CA SER D 237 -6.76 -13.52 29.29
C SER D 237 -7.31 -14.08 30.58
N ASP D 238 -8.51 -14.63 30.53
CA ASP D 238 -9.11 -15.27 31.71
C ASP D 238 -8.37 -16.53 32.14
N LEU D 239 -7.57 -17.13 31.28
CA LEU D 239 -6.75 -18.25 31.70
C LEU D 239 -5.42 -17.81 32.30
N GLY D 240 -5.16 -16.51 32.31
CA GLY D 240 -3.88 -15.98 32.76
C GLY D 240 -3.95 -15.35 34.14
N TYR D 241 -3.21 -14.27 34.34
CA TYR D 241 -3.16 -13.58 35.62
C TYR D 241 -4.36 -12.65 35.80
N THR D 242 -5.51 -13.21 36.17
CA THR D 242 -6.76 -12.46 36.02
C THR D 242 -7.71 -12.61 37.21
N ASN D 243 -8.72 -11.71 37.26
CA ASN D 243 -9.87 -11.74 38.20
C ASN D 243 -9.76 -12.60 39.44
N SER D 247 -14.76 -8.33 39.62
CA SER D 247 -15.28 -7.42 38.58
C SER D 247 -16.65 -6.80 38.91
N ASN D 248 -17.60 -7.61 39.40
CA ASN D 248 -18.84 -7.04 39.92
C ASN D 248 -18.61 -6.37 41.28
N LEU D 249 -17.42 -5.79 41.45
CA LEU D 249 -17.02 -5.06 42.67
C LEU D 249 -17.39 -3.58 42.60
N GLY D 250 -17.51 -3.09 41.37
CA GLY D 250 -18.06 -1.77 41.15
C GLY D 250 -17.12 -0.65 41.48
N ILE D 251 -15.82 -0.92 41.34
CA ILE D 251 -14.86 0.10 41.64
C ILE D 251 -14.82 1.02 40.45
N THR D 252 -14.85 2.32 40.70
CA THR D 252 -14.86 3.33 39.64
C THR D 252 -13.64 4.24 39.79
N PHE D 253 -13.37 5.03 38.75
CA PHE D 253 -12.18 5.85 38.69
C PHE D 253 -12.56 7.26 38.29
N ASN D 254 -13.60 7.76 38.95
CA ASN D 254 -14.08 9.13 38.71
C ASN D 254 -13.63 10.13 39.77
N ASP D 255 -13.50 9.68 41.01
CA ASP D 255 -13.27 10.56 42.16
C ASP D 255 -12.36 9.86 43.18
N LEU D 256 -11.39 10.58 43.72
CA LEU D 256 -10.46 9.96 44.65
C LEU D 256 -11.15 9.24 45.80
N TYR D 257 -12.10 9.91 46.45
CA TYR D 257 -12.80 9.39 47.64
C TYR D 257 -13.81 8.32 47.25
N GLU D 258 -14.49 8.56 46.14
CA GLU D 258 -15.37 7.58 45.57
C GLU D 258 -14.58 6.27 45.37
N TYR D 259 -13.42 6.35 44.72
CA TYR D 259 -12.56 5.17 44.52
C TYR D 259 -12.08 4.51 45.80
N VAL D 260 -11.51 5.30 46.70
CA VAL D 260 -11.02 4.77 47.95
C VAL D 260 -12.13 4.09 48.76
N ALA D 261 -13.28 4.73 48.87
CA ALA D 261 -14.45 4.09 49.50
C ALA D 261 -14.75 2.73 48.89
N GLY D 262 -14.98 2.68 47.57
CA GLY D 262 -15.29 1.42 46.92
C GLY D 262 -14.27 0.36 47.30
N LEU D 263 -13.00 0.79 47.36
CA LEU D 263 -11.90 -0.09 47.70
C LEU D 263 -12.05 -0.63 49.11
N LYS D 264 -12.22 0.28 50.07
CA LYS D 264 -12.36 -0.14 51.47
C LYS D 264 -13.59 -1.00 51.72
N GLN D 265 -14.71 -0.74 51.02
CA GLN D 265 -15.88 -1.59 51.16
C GLN D 265 -15.50 -2.99 50.66
N ALA D 266 -14.68 -3.06 49.62
CA ALA D 266 -14.32 -4.34 49.06
C ALA D 266 -13.48 -5.16 50.05
N ILE D 267 -12.66 -4.46 50.84
CA ILE D 267 -11.91 -5.11 51.94
C ILE D 267 -12.84 -5.73 53.01
N LYS D 268 -14.02 -5.14 53.21
CA LYS D 268 -14.97 -5.52 54.29
C LYS D 268 -16.09 -6.46 53.86
N THR D 269 -16.23 -6.69 52.55
CA THR D 269 -17.33 -7.51 52.01
C THR D 269 -17.01 -8.99 52.12
N PRO D 270 -17.77 -9.73 52.95
CA PRO D 270 -17.52 -11.18 53.06
C PRO D 270 -17.80 -11.90 51.74
N SER D 271 -17.18 -13.06 51.55
CA SER D 271 -17.39 -13.84 50.35
C SER D 271 -17.93 -15.18 50.77
N GLU D 272 -18.97 -15.63 50.06
CA GLU D 272 -19.56 -16.94 50.32
C GLU D 272 -18.53 -18.01 49.95
N GLU D 273 -17.96 -17.87 48.75
CA GLU D 273 -16.98 -18.81 48.25
C GLU D 273 -15.69 -18.95 49.11
N TYR D 274 -15.22 -17.85 49.70
CA TYR D 274 -13.95 -17.86 50.44
C TYR D 274 -14.16 -18.18 51.91
N ALA D 275 -15.34 -17.82 52.43
CA ALA D 275 -15.72 -18.31 53.74
C ALA D 275 -15.66 -19.85 53.76
N LYS D 276 -15.95 -20.47 52.60
CA LYS D 276 -15.89 -21.95 52.43
C LYS D 276 -14.48 -22.56 52.60
N ILE D 277 -13.44 -21.83 52.22
CA ILE D 277 -12.04 -22.26 52.36
C ILE D 277 -11.66 -22.47 53.80
N GLY D 278 -12.27 -21.68 54.67
CA GLY D 278 -11.93 -21.66 56.08
C GLY D 278 -11.11 -20.42 56.32
N ILE D 279 -10.83 -20.11 57.59
CA ILE D 279 -9.84 -19.07 57.89
C ILE D 279 -8.66 -19.78 58.57
N GLU D 280 -8.99 -20.74 59.43
CA GLU D 280 -8.02 -21.65 60.05
C GLU D 280 -8.49 -23.07 59.75
N LYS D 281 -7.56 -23.93 59.35
CA LYS D 281 -7.83 -25.36 59.35
C LYS D 281 -6.64 -26.02 60.03
N ASP D 282 -6.89 -26.43 61.29
CA ASP D 282 -5.88 -27.07 62.15
C ASP D 282 -4.81 -26.10 62.65
N GLY D 283 -5.20 -24.84 62.89
CA GLY D 283 -4.26 -23.83 63.35
C GLY D 283 -3.50 -23.08 62.25
N LYS D 284 -3.16 -23.75 61.14
CA LYS D 284 -2.60 -23.04 59.97
C LYS D 284 -3.69 -22.12 59.41
N ARG D 285 -3.40 -20.82 59.45
CA ARG D 285 -4.28 -19.82 58.91
C ARG D 285 -4.19 -19.90 57.39
N LEU D 286 -5.33 -19.86 56.72
CA LEU D 286 -5.38 -20.18 55.30
C LEU D 286 -5.50 -18.94 54.43
N GLN D 287 -5.95 -17.86 55.04
CA GLN D 287 -5.95 -16.56 54.40
C GLN D 287 -5.83 -15.52 55.48
N ILE D 288 -5.73 -14.28 55.03
CA ILE D 288 -5.78 -13.13 55.89
C ILE D 288 -7.19 -12.91 56.45
N ASN D 289 -8.19 -13.14 55.61
CA ASN D 289 -9.60 -12.96 55.96
C ASN D 289 -10.47 -13.68 54.92
N SER D 290 -11.78 -13.55 55.03
CA SER D 290 -12.63 -14.20 54.02
C SER D 290 -13.38 -13.18 53.21
N ASN D 291 -12.83 -11.97 53.09
CA ASN D 291 -13.49 -10.93 52.32
C ASN D 291 -13.12 -10.98 50.84
N VAL D 292 -13.85 -10.29 49.97
CA VAL D 292 -13.56 -10.41 48.55
C VAL D 292 -12.10 -10.05 48.28
N LEU D 293 -11.60 -9.03 48.97
CA LEU D 293 -10.17 -8.73 48.91
C LEU D 293 -9.57 -8.89 50.28
N GLN D 294 -8.49 -9.66 50.38
CA GLN D 294 -7.79 -9.77 51.66
C GLN D 294 -7.18 -8.41 52.02
N ILE D 295 -6.52 -7.80 51.03
CA ILE D 295 -5.94 -6.45 51.14
C ILE D 295 -6.04 -5.84 49.77
N GLU D 296 -5.63 -4.58 49.66
CA GLU D 296 -5.81 -3.88 48.40
C GLU D 296 -5.05 -4.45 47.21
N ASN D 297 -3.87 -5.01 47.45
CA ASN D 297 -3.10 -5.52 46.34
C ASN D 297 -3.88 -6.54 45.58
N GLU D 298 -4.93 -7.07 46.19
CA GLU D 298 -5.52 -8.25 45.62
C GLU D 298 -6.44 -7.90 44.44
N LEU D 299 -6.79 -6.64 44.34
CA LEU D 299 -7.59 -6.19 43.24
C LEU D 299 -6.79 -6.14 41.94
N TYR D 300 -6.83 -7.20 41.14
CA TYR D 300 -6.00 -7.23 39.92
C TYR D 300 -6.63 -6.37 38.85
N ALA D 301 -5.79 -5.64 38.11
CA ALA D 301 -6.21 -4.58 37.21
C ALA D 301 -5.03 -4.29 36.30
N PRO D 302 -5.32 -3.86 35.08
CA PRO D 302 -4.27 -3.46 34.15
C PRO D 302 -3.47 -2.19 34.52
N ILE D 303 -4.02 -1.33 35.37
CA ILE D 303 -3.37 -0.10 35.71
C ILE D 303 -3.86 0.27 37.09
N ARG D 304 -3.09 1.01 37.87
CA ARG D 304 -3.38 1.14 39.30
C ARG D 304 -2.84 2.47 39.81
N PRO D 305 -3.65 3.25 40.54
CA PRO D 305 -3.21 4.53 41.13
C PRO D 305 -2.39 4.29 42.37
N LYS D 306 -1.38 5.11 42.63
CA LYS D 306 -0.48 4.77 43.71
C LYS D 306 0.15 5.94 44.45
N ARG D 307 0.56 5.67 45.68
CA ARG D 307 1.39 6.61 46.44
C ARG D 307 2.30 5.80 47.32
N VAL D 308 3.58 6.14 47.37
CA VAL D 308 4.48 5.38 48.23
C VAL D 308 3.99 5.46 49.66
N THR D 309 3.95 4.32 50.31
CA THR D 309 3.33 4.28 51.63
C THR D 309 4.35 4.49 52.75
N ARG D 310 3.92 5.19 53.79
CA ARG D 310 4.69 5.32 55.00
C ARG D 310 4.77 4.03 55.83
N SER D 311 5.29 4.15 57.05
CA SER D 311 5.41 3.00 57.96
C SER D 311 4.02 2.55 58.42
N GLY D 312 3.72 1.27 58.20
CA GLY D 312 2.42 0.67 58.56
C GLY D 312 1.15 1.23 57.91
N GLU D 313 1.32 2.16 56.97
CA GLU D 313 0.21 2.77 56.22
C GLU D 313 -0.26 1.78 55.14
N SER D 314 -1.54 1.80 54.80
CA SER D 314 -2.02 1.01 53.67
C SER D 314 -2.11 1.89 52.41
N PRO D 315 -2.06 1.26 51.22
CA PRO D 315 -2.14 1.98 49.93
C PRO D 315 -3.29 2.98 49.87
N SER D 316 -4.43 2.57 50.38
CA SER D 316 -5.57 3.49 50.32
C SER D 316 -5.38 4.62 51.32
N ASP D 317 -4.82 4.30 52.49
CA ASP D 317 -4.51 5.34 53.47
C ASP D 317 -3.56 6.34 52.82
N ALA D 318 -2.54 5.80 52.16
CA ALA D 318 -1.57 6.63 51.45
C ALA D 318 -2.25 7.55 50.44
N LEU D 319 -3.20 7.01 49.69
CA LEU D 319 -3.85 7.81 48.65
C LEU D 319 -4.69 8.89 49.28
N LEU D 320 -5.40 8.48 50.32
CA LEU D 320 -6.25 9.38 51.09
C LEU D 320 -5.40 10.50 51.69
N ARG D 321 -4.21 10.18 52.18
CA ARG D 321 -3.36 11.22 52.75
C ARG D 321 -2.86 12.19 51.69
N GLY D 322 -2.23 11.69 50.62
CA GLY D 322 -1.53 12.57 49.68
C GLY D 322 -2.01 12.63 48.23
N GLY D 323 -3.09 11.92 47.93
CA GLY D 323 -3.58 11.83 46.55
C GLY D 323 -2.76 10.85 45.75
N ILE D 324 -3.09 10.67 44.48
CA ILE D 324 -2.34 9.78 43.62
C ILE D 324 -0.99 10.41 43.38
N GLU D 325 0.08 9.64 43.60
CA GLU D 325 1.40 10.14 43.32
C GLU D 325 1.91 9.69 41.94
N TYR D 326 1.69 8.42 41.60
CA TYR D 326 2.06 7.94 40.27
C TYR D 326 1.10 6.83 39.85
N ILE D 327 1.19 6.39 38.61
CA ILE D 327 0.36 5.29 38.19
C ILE D 327 1.28 4.12 37.83
N GLU D 328 0.76 2.92 37.96
CA GLU D 328 1.46 1.71 37.70
C GLU D 328 0.76 1.01 36.54
N VAL D 329 1.46 0.77 35.45
CA VAL D 329 0.92 0.09 34.30
C VAL D 329 1.35 -1.37 34.40
N ARG D 330 0.37 -2.29 34.43
CA ARG D 330 0.66 -3.70 34.75
C ARG D 330 0.50 -4.64 33.56
N SER D 331 0.20 -4.09 32.39
CA SER D 331 -0.12 -4.91 31.24
C SER D 331 1.02 -5.60 30.47
N LEU D 332 2.29 -5.25 30.74
CA LEU D 332 3.37 -5.75 29.91
C LEU D 332 3.75 -7.19 30.16
N ASP D 333 3.77 -7.99 29.11
CA ASP D 333 4.37 -9.31 29.15
C ASP D 333 5.88 -9.18 29.23
N ILE D 334 6.57 -10.24 29.63
CA ILE D 334 8.02 -10.26 29.55
C ILE D 334 8.38 -10.18 28.09
N ASN D 335 9.30 -9.27 27.77
CA ASN D 335 9.83 -9.14 26.40
C ASN D 335 10.82 -10.26 26.18
N PRO D 336 10.44 -11.27 25.37
CA PRO D 336 11.28 -12.47 25.25
C PRO D 336 12.59 -12.12 24.57
N PHE D 337 12.65 -10.99 23.89
CA PHE D 337 13.83 -10.64 23.09
C PHE D 337 14.87 -9.78 23.83
N SER D 338 14.62 -9.47 25.09
CA SER D 338 15.56 -8.67 25.85
C SER D 338 15.96 -9.51 27.06
N PRO D 339 17.27 -9.52 27.38
CA PRO D 339 17.73 -10.28 28.56
C PRO D 339 17.13 -9.74 29.83
N ILE D 340 16.64 -8.52 29.83
CA ILE D 340 16.10 -8.00 31.09
C ILE D 340 14.59 -7.90 30.96
N GLY D 341 14.06 -8.46 29.89
CA GLY D 341 12.62 -8.58 29.69
C GLY D 341 11.87 -7.29 29.42
N VAL D 342 12.57 -6.23 29.04
CA VAL D 342 11.93 -4.97 28.71
C VAL D 342 12.99 -4.11 28.04
N ASP D 343 12.60 -3.27 27.07
CA ASP D 343 13.58 -2.47 26.38
C ASP D 343 13.19 -1.01 26.21
N GLU D 344 14.14 -0.21 25.77
CA GLU D 344 13.94 1.22 25.57
C GLU D 344 12.73 1.59 24.67
N GLN D 345 12.50 0.83 23.61
CA GLN D 345 11.39 1.13 22.74
C GLN D 345 10.05 1.04 23.50
N GLN D 346 9.87 -0.01 24.30
CA GLN D 346 8.68 -0.11 25.17
C GLN D 346 8.51 1.07 26.14
N VAL D 347 9.58 1.40 26.85
CA VAL D 347 9.52 2.48 27.85
C VAL D 347 9.22 3.77 27.14
N ARG D 348 9.90 4.01 26.02
CA ARG D 348 9.57 5.23 25.30
C ARG D 348 8.12 5.26 24.80
N PHE D 349 7.62 4.14 24.30
CA PHE D 349 6.25 4.15 23.87
C PHE D 349 5.29 4.46 25.03
N LEU D 350 5.54 3.89 26.20
CA LEU D 350 4.62 4.10 27.31
C LEU D 350 4.63 5.56 27.78
N ASP D 351 5.80 6.19 27.81
CA ASP D 351 5.89 7.64 28.03
C ASP D 351 4.88 8.39 27.13
N LEU D 352 4.94 8.17 25.81
CA LEU D 352 4.05 8.85 24.87
C LEU D 352 2.61 8.53 25.21
N PHE D 353 2.34 7.24 25.43
CA PHE D 353 0.99 6.79 25.59
C PHE D 353 0.39 7.39 26.85
N MET D 354 1.17 7.39 27.93
CA MET D 354 0.68 7.85 29.22
C MET D 354 0.47 9.35 29.18
N VAL D 355 1.33 10.09 28.49
CA VAL D 355 1.08 11.52 28.35
C VAL D 355 -0.22 11.76 27.56
N TRP D 356 -0.35 11.09 26.42
CA TRP D 356 -1.60 11.18 25.68
C TRP D 356 -2.82 10.82 26.55
N CYS D 357 -2.74 9.73 27.31
CA CYS D 357 -3.82 9.46 28.21
C CYS D 357 -4.10 10.63 29.14
N ALA D 358 -3.08 11.40 29.51
CA ALA D 358 -3.30 12.54 30.40
C ALA D 358 -3.89 13.74 29.65
N LEU D 359 -3.72 13.79 28.35
CA LEU D 359 -4.25 14.92 27.57
C LEU D 359 -5.70 14.73 27.12
N ALA D 360 -6.04 13.53 26.66
CA ALA D 360 -7.36 13.24 26.10
C ALA D 360 -8.45 13.41 27.13
N ASP D 361 -9.60 13.93 26.74
CA ASP D 361 -10.69 14.02 27.68
C ASP D 361 -11.25 12.65 27.92
N ALA D 362 -11.53 12.37 29.19
CA ALA D 362 -12.12 11.10 29.51
C ALA D 362 -13.38 11.24 30.33
N PRO D 363 -14.55 11.17 29.66
CA PRO D 363 -15.80 11.27 30.43
C PRO D 363 -15.76 10.28 31.59
N GLU D 364 -16.39 10.64 32.69
CA GLU D 364 -16.54 9.73 33.80
C GLU D 364 -17.17 8.45 33.34
N MET D 365 -16.89 7.36 34.04
CA MET D 365 -17.43 6.05 33.65
C MET D 365 -17.96 5.33 34.85
N SER D 366 -19.15 4.77 34.69
CA SER D 366 -19.73 3.93 35.71
C SER D 366 -19.03 2.56 35.74
N SER D 367 -19.40 1.79 36.74
CA SER D 367 -18.88 0.47 36.99
C SER D 367 -18.98 -0.41 35.75
N SER D 368 -20.12 -0.34 35.09
CA SER D 368 -20.37 -1.28 34.03
C SER D 368 -19.90 -0.73 32.67
N GLU D 369 -19.79 0.58 32.56
CA GLU D 369 -19.03 1.13 31.44
C GLU D 369 -17.57 0.70 31.46
N LEU D 370 -16.96 0.62 32.65
CA LEU D 370 -15.57 0.15 32.76
C LEU D 370 -15.47 -1.30 32.37
N ALA D 371 -16.43 -2.10 32.79
CA ALA D 371 -16.48 -3.49 32.41
C ALA D 371 -16.54 -3.63 30.88
N CYS D 372 -17.34 -2.80 30.22
CA CYS D 372 -17.44 -2.88 28.77
C CYS D 372 -16.14 -2.68 28.01
N THR D 373 -15.20 -1.92 28.59
CA THR D 373 -13.92 -1.68 27.96
C THR D 373 -13.14 -2.98 27.82
N ARG D 374 -13.46 -3.99 28.62
CA ARG D 374 -12.78 -5.28 28.48
C ARG D 374 -12.99 -5.95 27.12
N VAL D 375 -14.11 -5.65 26.46
CA VAL D 375 -14.45 -6.34 25.25
C VAL D 375 -13.35 -6.15 24.20
N ASN D 376 -12.92 -4.91 23.98
CA ASN D 376 -11.77 -4.66 23.08
C ASN D 376 -10.51 -5.34 23.55
N TRP D 377 -10.23 -5.26 24.85
CA TRP D 377 -9.06 -5.95 25.39
C TRP D 377 -9.08 -7.43 25.02
N ASN D 378 -10.22 -8.09 25.23
CA ASN D 378 -10.30 -9.51 24.89
C ASN D 378 -10.12 -9.81 23.43
N ARG D 379 -10.66 -8.97 22.56
CA ARG D 379 -10.43 -9.19 21.17
C ARG D 379 -8.92 -9.12 20.90
N VAL D 380 -8.25 -8.07 21.39
CA VAL D 380 -6.85 -7.92 21.07
C VAL D 380 -6.05 -9.05 21.71
N ILE D 381 -6.41 -9.38 22.93
CA ILE D 381 -5.75 -10.46 23.64
C ILE D 381 -5.86 -11.78 22.88
N LEU D 382 -7.06 -12.15 22.48
CA LEU D 382 -7.31 -13.50 21.92
C LEU D 382 -7.05 -13.57 20.44
N GLU D 383 -7.10 -12.44 19.75
CA GLU D 383 -6.98 -12.48 18.31
C GLU D 383 -6.59 -11.16 17.70
N GLY D 384 -5.81 -10.38 18.44
CA GLY D 384 -5.36 -9.10 17.97
C GLY D 384 -4.66 -9.07 16.63
N ARG D 385 -4.01 -10.17 16.24
CA ARG D 385 -3.28 -10.15 14.95
C ARG D 385 -4.11 -10.64 13.76
N LYS D 386 -5.43 -10.80 13.94
CA LYS D 386 -6.31 -11.33 12.89
C LYS D 386 -6.54 -10.28 11.81
N PRO D 387 -6.19 -10.62 10.57
CA PRO D 387 -6.37 -9.66 9.46
C PRO D 387 -7.83 -9.27 9.41
N GLY D 388 -8.11 -7.99 9.30
CA GLY D 388 -9.51 -7.55 9.27
C GLY D 388 -10.21 -7.36 10.62
N LEU D 389 -9.49 -7.49 11.74
CA LEU D 389 -10.12 -7.36 13.06
C LEU D 389 -10.65 -5.93 13.25
N THR D 390 -11.82 -5.84 13.89
CA THR D 390 -12.48 -4.56 14.10
C THR D 390 -12.74 -4.42 15.57
N LEU D 391 -12.70 -3.18 16.05
CA LEU D 391 -12.92 -2.91 17.47
C LEU D 391 -14.20 -2.09 17.61
N GLY D 392 -14.77 -2.10 18.79
CA GLY D 392 -15.95 -1.30 19.01
C GLY D 392 -15.73 -0.29 20.09
N ILE D 393 -16.80 0.36 20.51
CA ILE D 393 -16.74 1.26 21.63
C ILE D 393 -17.53 0.61 22.76
N GLY D 394 -16.88 0.37 23.89
CA GLY D 394 -17.44 -0.42 24.95
C GLY D 394 -18.03 -1.75 24.49
N CYS D 395 -19.27 -1.97 24.85
CA CYS D 395 -19.96 -3.21 24.54
C CYS D 395 -20.52 -3.19 23.11
N GLU D 396 -20.46 -2.05 22.44
CA GLU D 396 -21.11 -1.97 21.16
C GLU D 396 -20.41 -2.77 20.06
N THR D 397 -21.16 -3.09 19.01
CA THR D 397 -20.68 -3.81 17.81
C THR D 397 -19.34 -3.34 17.28
N ALA D 398 -18.46 -4.28 16.99
CA ALA D 398 -17.18 -3.98 16.36
C ALA D 398 -17.44 -3.25 15.04
N GLN D 399 -16.68 -2.20 14.79
CA GLN D 399 -16.90 -1.38 13.65
C GLN D 399 -15.57 -0.88 13.09
N PHE D 400 -14.63 -0.51 13.96
CA PHE D 400 -13.37 0.18 13.59
C PHE D 400 -12.21 -0.75 13.31
N PRO D 401 -11.69 -0.72 12.08
CA PRO D 401 -10.56 -1.62 11.79
C PRO D 401 -9.34 -1.29 12.67
N LEU D 402 -8.80 -2.31 13.34
CA LEU D 402 -7.66 -2.12 14.24
C LEU D 402 -6.52 -1.28 13.66
N PRO D 403 -6.07 -1.58 12.44
CA PRO D 403 -5.04 -0.73 11.80
C PRO D 403 -5.34 0.76 11.71
N GLN D 404 -6.58 1.15 11.40
CA GLN D 404 -6.86 2.56 11.28
C GLN D 404 -6.90 3.23 12.67
N VAL D 405 -7.39 2.50 13.66
CA VAL D 405 -7.46 3.02 15.02
C VAL D 405 -6.05 3.32 15.50
N GLY D 406 -5.15 2.35 15.34
CA GLY D 406 -3.76 2.53 15.70
C GLY D 406 -3.10 3.72 15.02
N LYS D 407 -3.30 3.86 13.71
CA LYS D 407 -2.71 4.99 13.01
C LYS D 407 -3.19 6.33 13.51
N ASP D 408 -4.46 6.37 13.89
CA ASP D 408 -5.06 7.58 14.41
C ASP D 408 -4.41 7.96 15.72
N LEU D 409 -4.28 6.97 16.61
CA LEU D 409 -3.59 7.20 17.86
C LEU D 409 -2.16 7.67 17.60
N PHE D 410 -1.48 7.06 16.62
CA PHE D 410 -0.10 7.44 16.41
C PHE D 410 0.06 8.80 15.75
N ARG D 411 -0.96 9.31 15.06
CA ARG D 411 -0.85 10.71 14.63
C ARG D 411 -0.69 11.64 15.86
N ASP D 412 -1.38 11.35 16.95
CA ASP D 412 -1.28 12.19 18.13
C ASP D 412 0.04 11.89 18.85
N LEU D 413 0.42 10.61 18.97
CA LEU D 413 1.60 10.28 19.76
C LEU D 413 2.82 10.88 19.10
N LYS D 414 2.77 10.98 17.78
CA LYS D 414 3.85 11.56 17.01
C LYS D 414 4.03 13.03 17.40
N ARG D 415 2.92 13.71 17.63
CA ARG D 415 2.99 15.08 18.09
C ARG D 415 3.51 15.18 19.51
N VAL D 416 3.12 14.25 20.37
CA VAL D 416 3.70 14.20 21.71
C VAL D 416 5.20 13.93 21.59
N ALA D 417 5.57 13.07 20.66
CA ALA D 417 6.97 12.68 20.49
C ALA D 417 7.84 13.86 20.13
N GLN D 418 7.36 14.72 19.23
CA GLN D 418 8.05 15.93 18.88
C GLN D 418 8.28 16.85 20.05
N THR D 419 7.27 17.01 20.90
CA THR D 419 7.43 17.86 22.07
C THR D 419 8.47 17.29 23.03
N LEU D 420 8.48 15.98 23.20
CA LEU D 420 9.48 15.33 24.10
C LEU D 420 10.89 15.34 23.52
N ASP D 421 11.02 15.11 22.22
CA ASP D 421 12.34 15.09 21.60
C ASP D 421 12.97 16.45 21.72
N SER D 422 12.15 17.47 21.63
CA SER D 422 12.71 18.81 21.57
C SER D 422 13.16 19.33 22.94
N ILE D 423 12.65 18.79 24.03
CA ILE D 423 13.18 19.18 25.33
C ILE D 423 14.34 18.28 25.73
N ASN D 424 14.42 17.09 25.13
CA ASN D 424 15.46 16.13 25.47
C ASN D 424 16.66 16.18 24.53
N GLY D 425 16.47 16.79 23.35
CA GLY D 425 17.42 16.67 22.23
C GLY D 425 17.20 15.33 21.51
N GLY D 426 17.44 15.31 20.20
CA GLY D 426 17.40 14.06 19.43
C GLY D 426 16.06 13.74 18.77
N GLU D 427 15.96 12.55 18.20
CA GLU D 427 14.73 12.16 17.55
C GLU D 427 14.25 10.78 18.06
N ALA D 428 14.56 10.46 19.30
CA ALA D 428 14.41 9.09 19.75
C ALA D 428 12.93 8.73 19.90
N TYR D 429 12.13 9.64 20.45
CA TYR D 429 10.71 9.37 20.58
C TYR D 429 10.02 9.24 19.24
N GLN D 430 10.32 10.14 18.31
CA GLN D 430 9.76 10.02 16.97
C GLN D 430 10.19 8.74 16.25
N LYS D 431 11.42 8.30 16.47
CA LYS D 431 11.86 7.04 15.86
C LYS D 431 10.99 5.88 16.37
N VAL D 432 10.63 5.94 17.65
CA VAL D 432 9.79 4.92 18.22
C VAL D 432 8.40 4.93 17.60
N CYS D 433 7.86 6.13 17.40
CA CYS D 433 6.57 6.20 16.69
C CYS D 433 6.65 5.55 15.32
N ASP D 434 7.70 5.87 14.56
CA ASP D 434 7.77 5.32 13.21
C ASP D 434 7.88 3.84 13.22
N GLU D 435 8.66 3.31 14.16
CA GLU D 435 8.90 1.88 14.21
C GLU D 435 7.62 1.13 14.52
N LEU D 436 6.85 1.64 15.48
CA LEU D 436 5.76 0.85 15.98
C LEU D 436 4.53 1.00 15.12
N VAL D 437 4.37 2.14 14.47
CA VAL D 437 3.18 2.33 13.65
C VAL D 437 3.27 1.31 12.57
N ALA D 438 4.49 0.92 12.20
CA ALA D 438 4.69 -0.12 11.21
C ALA D 438 4.02 -1.44 11.62
N CYS D 439 3.84 -1.64 12.91
CA CYS D 439 3.18 -2.84 13.36
C CYS D 439 1.69 -2.87 13.04
N PHE D 440 1.08 -1.70 12.86
CA PHE D 440 -0.31 -1.72 12.44
C PHE D 440 -0.47 -2.11 10.98
N ASP D 441 0.56 -1.90 10.16
CA ASP D 441 0.49 -2.37 8.79
C ASP D 441 0.93 -3.82 8.64
N ASN D 442 1.63 -4.33 9.63
CA ASN D 442 2.08 -5.69 9.54
C ASN D 442 2.16 -6.36 10.91
N PRO D 443 1.09 -7.03 11.31
CA PRO D 443 1.13 -7.66 12.65
C PRO D 443 2.23 -8.73 12.75
N ASP D 444 2.85 -9.12 11.66
CA ASP D 444 4.00 -10.01 11.81
C ASP D 444 5.27 -9.35 12.44
N LEU D 445 5.30 -8.03 12.58
CA LEU D 445 6.38 -7.35 13.32
C LEU D 445 6.23 -7.38 14.85
N THR D 446 5.00 -7.63 15.35
CA THR D 446 4.72 -7.53 16.77
C THR D 446 5.47 -8.61 17.54
N PHE D 447 5.64 -8.44 18.86
CA PHE D 447 6.33 -9.43 19.69
C PHE D 447 5.65 -10.81 19.57
N SER D 448 4.33 -10.83 19.43
CA SER D 448 3.66 -12.09 19.53
C SER D 448 3.76 -12.90 18.24
N ALA D 449 3.75 -12.24 17.08
CA ALA D 449 3.93 -13.03 15.86
C ALA D 449 5.33 -13.63 15.88
N ARG D 450 6.30 -12.81 16.26
CA ARG D 450 7.66 -13.28 16.38
C ARG D 450 7.82 -14.41 17.41
N ILE D 451 7.30 -14.26 18.61
CA ILE D 451 7.59 -15.34 19.53
C ILE D 451 6.81 -16.61 19.15
N LEU D 452 5.65 -16.45 18.51
CA LEU D 452 4.87 -17.62 18.10
C LEU D 452 5.59 -18.42 17.02
N ARG D 453 6.18 -17.75 16.05
CA ARG D 453 6.90 -18.48 15.00
C ARG D 453 7.93 -19.37 15.67
N SER D 454 8.56 -18.84 16.70
CA SER D 454 9.66 -19.54 17.29
C SER D 454 9.15 -20.69 18.16
N MET D 455 8.05 -20.47 18.86
CA MET D 455 7.44 -21.51 19.69
C MET D 455 6.81 -22.64 18.88
N ILE D 456 6.23 -22.30 17.73
CA ILE D 456 5.77 -23.37 16.88
C ILE D 456 6.89 -24.33 16.40
N ASP D 457 8.13 -23.88 16.26
CA ASP D 457 9.19 -24.84 15.87
C ASP D 457 9.81 -25.66 16.99
N THR D 458 9.93 -25.07 18.18
CA THR D 458 10.67 -25.71 19.27
C THR D 458 9.80 -25.92 20.53
N GLY D 459 8.77 -25.11 20.69
CA GLY D 459 7.88 -25.22 21.84
C GLY D 459 8.16 -24.09 22.81
N ILE D 460 7.24 -23.85 23.74
CA ILE D 460 7.48 -22.93 24.85
C ILE D 460 8.79 -23.35 25.51
N GLY D 461 8.85 -24.62 25.96
CA GLY D 461 10.01 -25.17 26.65
C GLY D 461 11.29 -24.95 25.87
N GLY D 462 11.28 -25.45 24.63
CA GLY D 462 12.41 -25.29 23.72
C GLY D 462 12.88 -23.86 23.66
N THR D 463 11.98 -22.95 23.31
CA THR D 463 12.29 -21.54 23.19
C THR D 463 12.75 -20.91 24.50
N GLY D 464 11.99 -21.14 25.57
CA GLY D 464 12.39 -20.68 26.88
C GLY D 464 13.81 -21.11 27.24
N LYS D 465 14.10 -22.40 27.12
CA LYS D 465 15.43 -22.89 27.50
C LYS D 465 16.52 -22.26 26.63
N ALA D 466 16.29 -22.19 25.33
CA ALA D 466 17.28 -21.58 24.46
C ALA D 466 17.56 -20.13 24.83
N PHE D 467 16.52 -19.31 24.95
CA PHE D 467 16.75 -17.94 25.36
C PHE D 467 17.44 -17.84 26.71
N ALA D 468 16.94 -18.60 27.67
CA ALA D 468 17.42 -18.50 29.03
C ALA D 468 18.91 -18.82 29.09
N GLU D 469 19.32 -19.83 28.33
CA GLU D 469 20.73 -20.16 28.23
C GLU D 469 21.54 -19.03 27.61
N ALA D 470 21.08 -18.48 26.48
CA ALA D 470 21.87 -17.44 25.83
C ALA D 470 21.97 -16.22 26.73
N TYR D 471 20.87 -15.89 27.40
CA TYR D 471 20.88 -14.70 28.23
C TYR D 471 21.75 -14.95 29.46
N ARG D 472 21.69 -16.16 30.01
CA ARG D 472 22.64 -16.51 31.05
C ARG D 472 24.12 -16.27 30.65
N ASN D 473 24.58 -16.90 29.56
CA ASN D 473 25.97 -16.66 29.10
C ASN D 473 26.27 -15.20 28.84
N LEU D 474 25.40 -14.54 28.09
CA LEU D 474 25.55 -13.14 27.86
C LEU D 474 25.67 -12.36 29.16
N LEU D 475 24.69 -12.51 30.04
CA LEU D 475 24.67 -11.65 31.22
C LEU D 475 25.81 -11.95 32.19
N ARG D 476 26.32 -13.17 32.19
CA ARG D 476 27.43 -13.48 33.11
C ARG D 476 28.76 -12.88 32.70
N GLU D 477 28.97 -12.63 31.41
CA GLU D 477 30.18 -12.00 30.94
C GLU D 477 30.17 -10.45 30.96
N GLU D 478 29.00 -9.82 30.97
CA GLU D 478 28.99 -8.34 30.99
C GLU D 478 29.48 -7.73 32.31
N PRO D 479 30.30 -6.69 32.23
CA PRO D 479 30.65 -6.05 33.51
C PRO D 479 29.51 -5.18 34.06
N LEU D 480 29.50 -5.00 35.37
CA LEU D 480 28.60 -4.10 36.05
C LEU D 480 28.92 -2.66 35.65
N GLU D 481 27.91 -1.79 35.61
CA GLU D 481 28.15 -0.40 35.21
C GLU D 481 27.85 0.63 36.29
N ILE D 482 26.70 0.58 36.95
CA ILE D 482 26.36 1.57 37.96
C ILE D 482 26.60 1.07 39.41
N LEU D 483 26.12 -0.15 39.69
CA LEU D 483 26.34 -0.85 40.95
C LEU D 483 27.61 -1.71 40.91
N ARG D 484 28.47 -1.61 41.92
CA ARG D 484 29.62 -2.50 41.95
C ARG D 484 29.30 -3.70 42.80
N GLU D 485 30.08 -4.75 42.66
CA GLU D 485 29.87 -5.95 43.45
C GLU D 485 29.72 -5.56 44.91
N GLU D 486 30.50 -4.57 45.33
CA GLU D 486 30.47 -4.15 46.71
C GLU D 486 29.17 -3.45 47.11
N ASP D 487 28.44 -2.92 46.14
CA ASP D 487 27.16 -2.32 46.49
C ASP D 487 26.16 -3.44 46.81
N PHE D 488 26.29 -4.56 46.12
CA PHE D 488 25.41 -5.68 46.35
C PHE D 488 25.73 -6.33 47.68
N VAL D 489 27.01 -6.38 48.03
CA VAL D 489 27.39 -6.98 49.29
C VAL D 489 26.86 -6.12 50.42
N ALA D 490 27.11 -4.83 50.35
CA ALA D 490 26.54 -3.95 51.36
C ALA D 490 25.02 -4.13 51.49
N GLU D 491 24.30 -4.14 50.37
CA GLU D 491 22.86 -4.25 50.40
C GLU D 491 22.42 -5.63 50.86
N ARG D 492 23.14 -6.67 50.46
CA ARG D 492 22.88 -7.98 51.04
C ARG D 492 22.88 -7.87 52.58
N GLU D 493 24.01 -7.44 53.14
CA GLU D 493 24.16 -7.34 54.57
C GLU D 493 23.19 -6.38 55.24
N ALA D 494 22.93 -5.25 54.64
CA ALA D 494 21.95 -4.37 55.26
C ALA D 494 20.53 -5.00 55.27
N SER D 495 20.21 -5.73 54.21
CA SER D 495 18.87 -6.26 54.14
C SER D 495 18.74 -7.40 55.17
N GLU D 496 19.77 -8.23 55.25
CA GLU D 496 19.77 -9.32 56.26
C GLU D 496 19.61 -8.76 57.70
N ARG D 497 20.28 -7.67 57.96
CA ARG D 497 20.19 -7.03 59.23
C ARG D 497 18.83 -6.40 59.46
N ARG D 498 18.19 -5.86 58.43
CA ARG D 498 16.90 -5.20 58.64
C ARG D 498 15.86 -6.23 59.00
N GLN D 499 15.95 -7.41 58.38
CA GLN D 499 15.06 -8.50 58.71
C GLN D 499 15.30 -8.98 60.14
N GLN D 500 16.55 -9.24 60.52
CA GLN D 500 16.84 -9.64 61.90
C GLN D 500 16.30 -8.65 62.93
N GLU D 501 16.49 -7.37 62.69
CA GLU D 501 15.97 -6.41 63.62
C GLU D 501 14.42 -6.48 63.73
N MET D 502 13.72 -6.71 62.63
CA MET D 502 12.26 -6.84 62.68
C MET D 502 11.90 -8.14 63.39
N GLU D 503 12.72 -9.16 63.19
CA GLU D 503 12.44 -10.45 63.77
C GLU D 503 12.58 -10.39 65.31
N ALA D 504 13.58 -9.62 65.77
CA ALA D 504 13.93 -9.52 67.20
C ALA D 504 13.14 -8.45 67.96
N ALA D 505 12.50 -7.53 67.24
CA ALA D 505 11.51 -6.61 67.79
C ALA D 505 10.49 -7.27 68.74
N ASP D 506 10.01 -6.52 69.72
CA ASP D 506 9.03 -7.09 70.61
C ASP D 506 7.71 -6.67 70.10
N THR D 507 7.20 -7.45 69.17
CA THR D 507 5.99 -7.05 68.50
C THR D 507 4.72 -7.54 69.19
N GLU D 508 3.63 -6.88 68.85
CA GLU D 508 2.33 -7.21 69.32
C GLU D 508 1.95 -8.63 68.88
N PRO D 509 0.99 -9.22 69.58
CA PRO D 509 0.35 -10.47 69.20
C PRO D 509 -0.18 -10.38 67.78
N PHE D 510 0.05 -11.44 67.03
CA PHE D 510 -0.33 -11.47 65.65
C PHE D 510 -1.79 -11.06 65.38
N ALA D 511 -2.76 -11.60 66.10
CA ALA D 511 -4.18 -11.33 65.75
C ALA D 511 -4.53 -9.84 65.89
N VAL D 512 -3.99 -9.24 66.94
CA VAL D 512 -4.12 -7.82 67.19
C VAL D 512 -3.41 -7.07 66.08
N TRP D 513 -2.14 -7.42 65.88
CA TRP D 513 -1.41 -6.83 64.80
C TRP D 513 -2.21 -6.80 63.48
N LEU D 514 -2.87 -7.92 63.16
CA LEU D 514 -3.66 -8.00 61.94
C LEU D 514 -4.74 -6.91 61.90
N GLU D 515 -5.65 -6.92 62.88
CA GLU D 515 -6.64 -5.86 63.06
C GLU D 515 -6.00 -4.47 62.84
N LYS D 516 -4.79 -4.27 63.36
CA LYS D 516 -4.12 -2.97 63.27
C LYS D 516 -3.64 -2.60 61.85
N HIS D 517 -3.76 -3.51 60.88
CA HIS D 517 -3.44 -3.21 59.47
C HIS D 517 -4.57 -2.48 58.70
#